data_2N4F
#
_entry.id   2N4F
#
_entity_poly.entity_id   1
_entity_poly.type   'polypeptide(L)'
_entity_poly.pdbx_seq_one_letter_code
;MGHHHHHHSHAAVRKIHVTVKFPSKQFTVEVDRTETVSSLKDKIHIVENTPIKRMQLYYSGIELADDYRNLNEYGITEFS
EIVVFLKSINRAKD
;
_entity_poly.pdbx_strand_id   A
#
# COMPACT_ATOMS: atom_id res chain seq x y z
N ALA A 11 20.87 7.39 2.05
CA ALA A 11 20.07 8.45 2.66
C ALA A 11 19.81 8.17 4.13
N ALA A 12 19.66 9.22 4.92
CA ALA A 12 19.31 9.09 6.33
C ALA A 12 17.89 9.59 6.59
N VAL A 13 16.91 8.90 6.01
CA VAL A 13 15.52 9.32 6.13
C VAL A 13 14.65 8.19 6.67
N ARG A 14 13.78 8.52 7.62
CA ARG A 14 13.00 7.52 8.33
C ARG A 14 11.62 7.34 7.71
N LYS A 15 11.22 8.32 6.89
CA LYS A 15 9.98 8.21 6.14
C LYS A 15 10.24 7.78 4.71
N ILE A 16 9.28 7.08 4.12
CA ILE A 16 9.39 6.64 2.73
C ILE A 16 8.08 6.87 1.98
N HIS A 17 8.19 7.07 0.66
CA HIS A 17 7.02 7.23 -0.18
C HIS A 17 6.76 5.98 -1.01
N VAL A 18 5.49 5.66 -1.22
CA VAL A 18 5.11 4.47 -1.97
C VAL A 18 4.19 4.82 -3.13
N THR A 19 4.48 4.25 -4.30
CA THR A 19 3.64 4.43 -5.47
C THR A 19 2.58 3.33 -5.56
N VAL A 20 1.32 3.72 -5.47
CA VAL A 20 0.21 2.76 -5.52
C VAL A 20 -0.50 2.81 -6.86
N LYS A 21 -0.43 1.70 -7.60
CA LYS A 21 -0.94 1.65 -8.96
C LYS A 21 -2.27 0.89 -9.02
N PHE A 22 -3.30 1.56 -9.52
CA PHE A 22 -4.54 0.88 -9.90
C PHE A 22 -4.69 0.84 -11.42
N PRO A 23 -5.49 -0.12 -11.91
CA PRO A 23 -5.74 -0.28 -13.34
C PRO A 23 -6.40 0.95 -13.95
N SER A 24 -7.11 1.72 -13.13
CA SER A 24 -7.87 2.86 -13.61
C SER A 24 -7.15 4.16 -13.29
N LYS A 25 -6.31 4.13 -12.26
CA LYS A 25 -5.69 5.34 -11.74
C LYS A 25 -4.45 5.01 -10.92
N GLN A 26 -3.61 6.02 -10.70
CA GLN A 26 -2.43 5.85 -9.85
C GLN A 26 -2.34 6.96 -8.81
N PHE A 27 -1.71 6.67 -7.69
CA PHE A 27 -1.58 7.64 -6.61
C PHE A 27 -0.45 7.26 -5.66
N THR A 28 0.17 8.26 -5.04
CA THR A 28 1.29 8.04 -4.15
C THR A 28 0.92 8.34 -2.70
N VAL A 29 1.52 7.61 -1.77
CA VAL A 29 1.22 7.79 -0.35
C VAL A 29 2.50 7.94 0.46
N GLU A 30 2.37 8.52 1.65
CA GLU A 30 3.52 8.73 2.52
C GLU A 30 3.43 7.86 3.77
N VAL A 31 4.45 7.05 3.99
CA VAL A 31 4.47 6.14 5.13
C VAL A 31 5.83 6.14 5.82
N ASP A 32 5.91 5.48 6.97
CA ASP A 32 7.17 5.34 7.70
C ASP A 32 7.82 3.99 7.41
N ARG A 33 9.14 3.99 7.34
CA ARG A 33 9.87 2.78 6.97
C ARG A 33 9.75 1.71 8.04
N THR A 34 9.54 2.16 9.28
CA THR A 34 9.49 1.24 10.42
C THR A 34 8.07 0.70 10.64
N GLU A 35 7.11 1.27 9.91
CA GLU A 35 5.74 0.79 9.96
C GLU A 35 5.58 -0.45 9.08
N THR A 36 4.57 -1.26 9.39
CA THR A 36 4.31 -2.48 8.64
C THR A 36 3.49 -2.20 7.39
N VAL A 37 3.45 -3.16 6.48
CA VAL A 37 2.72 -2.99 5.22
C VAL A 37 1.24 -2.77 5.47
N SER A 38 0.75 -3.21 6.63
CA SER A 38 -0.64 -3.01 7.00
C SER A 38 -0.93 -1.52 7.21
N SER A 39 0.10 -0.78 7.62
CA SER A 39 -0.01 0.67 7.73
C SER A 39 -0.06 1.32 6.34
N LEU A 40 0.69 0.76 5.40
CA LEU A 40 0.59 1.14 4.00
C LEU A 40 -0.81 0.86 3.46
N LYS A 41 -1.36 -0.30 3.84
CA LYS A 41 -2.71 -0.66 3.44
C LYS A 41 -3.74 0.28 4.06
N ASP A 42 -3.46 0.73 5.27
CA ASP A 42 -4.29 1.73 5.93
C ASP A 42 -4.37 3.00 5.09
N LYS A 43 -3.23 3.45 4.58
CA LYS A 43 -3.17 4.63 3.72
C LYS A 43 -3.94 4.41 2.42
N ILE A 44 -3.80 3.21 1.86
CA ILE A 44 -4.55 2.84 0.67
C ILE A 44 -6.05 2.82 0.94
N HIS A 45 -6.42 2.32 2.12
CA HIS A 45 -7.83 2.25 2.50
C HIS A 45 -8.41 3.65 2.69
N ILE A 46 -7.58 4.56 3.21
CA ILE A 46 -7.99 5.95 3.39
C ILE A 46 -8.25 6.61 2.04
N VAL A 47 -7.40 6.31 1.07
CA VAL A 47 -7.55 6.87 -0.28
C VAL A 47 -8.72 6.23 -1.02
N GLU A 48 -8.89 4.92 -0.82
CA GLU A 48 -9.90 4.17 -1.57
C GLU A 48 -11.17 4.03 -0.75
N ASN A 49 -12.15 3.33 -1.32
CA ASN A 49 -13.38 3.00 -0.60
C ASN A 49 -13.54 1.50 -0.42
N THR A 50 -12.42 0.79 -0.47
CA THR A 50 -12.44 -0.67 -0.40
C THR A 50 -11.71 -1.17 0.84
N PRO A 51 -12.36 -2.09 1.58
CA PRO A 51 -11.82 -2.61 2.83
C PRO A 51 -10.51 -3.37 2.63
N ILE A 52 -9.62 -3.27 3.61
CA ILE A 52 -8.29 -3.85 3.50
C ILE A 52 -8.36 -5.36 3.33
N LYS A 53 -9.33 -5.97 4.00
CA LYS A 53 -9.48 -7.43 3.97
C LYS A 53 -9.78 -7.91 2.56
N ARG A 54 -10.28 -7.02 1.72
CA ARG A 54 -10.64 -7.36 0.34
C ARG A 54 -9.55 -6.94 -0.63
N MET A 55 -8.95 -5.77 -0.36
CA MET A 55 -7.90 -5.23 -1.23
C MET A 55 -6.72 -6.19 -1.30
N GLN A 56 -6.19 -6.39 -2.51
CA GLN A 56 -5.00 -7.19 -2.70
C GLN A 56 -3.81 -6.33 -3.09
N LEU A 57 -2.63 -6.70 -2.61
CA LEU A 57 -1.44 -5.86 -2.78
C LEU A 57 -0.29 -6.66 -3.38
N TYR A 58 0.21 -6.17 -4.51
CA TYR A 58 1.37 -6.79 -5.15
C TYR A 58 2.54 -5.80 -5.24
N TYR A 59 3.71 -6.25 -4.83
CA TYR A 59 4.92 -5.42 -4.91
C TYR A 59 5.80 -5.86 -6.07
N SER A 60 6.29 -4.88 -6.82
CA SER A 60 7.23 -5.15 -7.91
C SER A 60 8.05 -6.41 -7.62
N GLY A 61 7.69 -7.50 -8.27
CA GLY A 61 8.47 -8.73 -8.17
C GLY A 61 7.87 -9.71 -7.18
N ILE A 62 8.01 -9.40 -5.89
CA ILE A 62 7.55 -10.30 -4.84
C ILE A 62 6.26 -9.78 -4.21
N GLU A 63 5.29 -10.67 -4.04
CA GLU A 63 4.02 -10.31 -3.43
C GLU A 63 4.07 -10.54 -1.92
N LEU A 64 4.01 -9.45 -1.16
CA LEU A 64 4.01 -9.54 0.30
C LEU A 64 2.62 -9.85 0.83
N ALA A 65 2.46 -11.06 1.39
CA ALA A 65 1.19 -11.46 1.97
C ALA A 65 1.23 -11.34 3.50
N ASP A 66 2.36 -10.87 4.02
CA ASP A 66 2.53 -10.75 5.46
C ASP A 66 2.22 -9.33 5.93
N ASP A 67 1.10 -9.19 6.63
CA ASP A 67 0.65 -7.88 7.08
C ASP A 67 1.63 -7.28 8.08
N TYR A 68 2.32 -8.15 8.82
CA TYR A 68 3.12 -7.73 9.96
C TYR A 68 4.56 -7.46 9.56
N ARG A 69 4.86 -7.70 8.28
CA ARG A 69 6.18 -7.41 7.74
C ARG A 69 6.42 -5.91 7.65
N ASN A 70 7.54 -5.46 8.19
CA ASN A 70 7.89 -4.04 8.16
C ASN A 70 8.37 -3.62 6.78
N LEU A 71 8.08 -2.37 6.42
CA LEU A 71 8.36 -1.89 5.07
C LEU A 71 9.86 -1.87 4.79
N ASN A 72 10.63 -1.34 5.74
CA ASN A 72 12.08 -1.28 5.61
C ASN A 72 12.68 -2.67 5.55
N GLU A 73 12.17 -3.57 6.38
CA GLU A 73 12.68 -4.93 6.45
C GLU A 73 12.39 -5.70 5.17
N TYR A 74 11.34 -5.27 4.46
CA TYR A 74 10.92 -5.95 3.24
C TYR A 74 11.61 -5.37 2.03
N GLY A 75 12.15 -4.16 2.18
CA GLY A 75 12.89 -3.53 1.09
C GLY A 75 12.06 -2.50 0.36
N ILE A 76 11.10 -1.90 1.06
CA ILE A 76 10.29 -0.83 0.48
C ILE A 76 10.98 0.52 0.62
N THR A 77 11.20 1.17 -0.52
CA THR A 77 11.95 2.43 -0.55
C THR A 77 11.05 3.59 -0.95
N GLU A 78 11.68 4.73 -1.24
CA GLU A 78 10.94 5.91 -1.68
C GLU A 78 10.57 5.80 -3.16
N PHE A 79 11.04 4.73 -3.79
CA PHE A 79 10.76 4.49 -5.21
C PHE A 79 9.89 3.24 -5.38
N SER A 80 9.38 2.73 -4.27
CA SER A 80 8.64 1.48 -4.28
C SER A 80 7.46 1.55 -5.25
N GLU A 81 7.37 0.56 -6.14
CA GLU A 81 6.24 0.45 -7.06
C GLU A 81 5.34 -0.72 -6.68
N ILE A 82 4.14 -0.41 -6.21
CA ILE A 82 3.23 -1.44 -5.73
C ILE A 82 1.90 -1.37 -6.47
N VAL A 83 1.47 -2.50 -7.03
CA VAL A 83 0.22 -2.57 -7.76
C VAL A 83 -0.89 -3.16 -6.88
N VAL A 84 -1.99 -2.43 -6.76
CA VAL A 84 -3.05 -2.79 -5.82
C VAL A 84 -4.35 -3.08 -6.54
N PHE A 85 -4.98 -4.21 -6.19
CA PHE A 85 -6.17 -4.67 -6.90
C PHE A 85 -7.40 -4.57 -5.99
N LEU A 86 -8.51 -4.11 -6.55
CA LEU A 86 -9.72 -3.90 -5.78
C LEU A 86 -10.75 -5.00 -6.04
N LYS A 87 -11.33 -5.54 -4.98
CA LYS A 87 -12.38 -6.54 -5.09
C LYS A 87 -13.75 -5.90 -5.03
N SER A 88 -14.73 -6.55 -5.64
CA SER A 88 -16.10 -6.07 -5.62
C SER A 88 -16.65 -6.04 -4.19
N ILE A 89 -17.05 -4.85 -3.74
CA ILE A 89 -17.53 -4.68 -2.37
C ILE A 89 -18.81 -3.85 -2.34
N ASN A 90 -19.31 -3.60 -1.14
CA ASN A 90 -20.58 -2.90 -0.97
C ASN A 90 -20.37 -1.58 -0.22
N ARG A 91 -20.41 -0.48 -0.96
CA ARG A 91 -20.19 0.84 -0.37
C ARG A 91 -21.48 1.67 -0.40
N ALA A 92 -22.60 1.00 -0.14
CA ALA A 92 -23.90 1.68 -0.09
C ALA A 92 -23.99 2.59 1.13
N LYS A 93 -24.76 3.66 1.00
CA LYS A 93 -24.95 4.60 2.10
C LYS A 93 -23.63 5.10 2.63
N ASP A 94 -22.68 5.35 1.73
CA ASP A 94 -21.38 5.89 2.11
C ASP A 94 -21.13 7.23 1.44
N ALA A 11 12.08 17.89 7.27
CA ALA A 11 13.20 16.96 7.24
C ALA A 11 12.71 15.52 7.14
N ALA A 12 13.15 14.81 6.10
CA ALA A 12 12.77 13.42 5.91
C ALA A 12 13.75 12.48 6.63
N VAL A 13 13.29 11.86 7.70
CA VAL A 13 14.12 10.95 8.48
C VAL A 13 13.44 9.59 8.64
N ARG A 14 13.93 8.60 7.92
CA ARG A 14 13.33 7.27 7.94
C ARG A 14 11.92 7.29 7.38
N LYS A 15 11.64 8.28 6.53
CA LYS A 15 10.36 8.36 5.83
C LYS A 15 10.52 8.01 4.36
N ILE A 16 9.52 7.34 3.80
CA ILE A 16 9.56 6.93 2.41
C ILE A 16 8.22 7.19 1.72
N HIS A 17 8.26 7.42 0.42
CA HIS A 17 7.04 7.51 -0.39
C HIS A 17 6.81 6.21 -1.17
N VAL A 18 5.53 5.86 -1.35
CA VAL A 18 5.18 4.68 -2.11
C VAL A 18 4.20 5.03 -3.23
N THR A 19 4.48 4.54 -4.43
CA THR A 19 3.62 4.78 -5.58
C THR A 19 2.56 3.70 -5.70
N VAL A 20 1.30 4.10 -5.63
CA VAL A 20 0.19 3.16 -5.66
C VAL A 20 -0.41 3.06 -7.07
N LYS A 21 -0.26 1.91 -7.69
CA LYS A 21 -0.70 1.71 -9.07
C LYS A 21 -1.99 0.90 -9.13
N PHE A 22 -3.04 1.51 -9.67
CA PHE A 22 -4.23 0.77 -10.07
C PHE A 22 -4.30 0.63 -11.59
N PRO A 23 -5.12 -0.31 -12.06
CA PRO A 23 -5.26 -0.61 -13.49
C PRO A 23 -5.58 0.64 -14.31
N SER A 24 -6.37 1.55 -13.72
CA SER A 24 -6.94 2.66 -14.47
C SER A 24 -6.54 3.99 -13.85
N LYS A 25 -5.85 3.93 -12.71
CA LYS A 25 -5.54 5.13 -11.94
C LYS A 25 -4.34 4.88 -11.03
N GLN A 26 -3.74 5.97 -10.56
CA GLN A 26 -2.58 5.88 -9.67
C GLN A 26 -2.64 6.96 -8.59
N PHE A 27 -2.07 6.67 -7.43
CA PHE A 27 -1.94 7.66 -6.37
C PHE A 27 -0.58 7.55 -5.69
N THR A 28 -0.14 8.65 -5.08
CA THR A 28 1.06 8.64 -4.24
C THR A 28 0.71 8.70 -2.77
N VAL A 29 1.39 7.89 -1.97
CA VAL A 29 1.19 7.89 -0.53
C VAL A 29 2.51 8.03 0.22
N GLU A 30 2.44 8.48 1.47
CA GLU A 30 3.64 8.65 2.28
C GLU A 30 3.57 7.77 3.52
N VAL A 31 4.63 6.99 3.74
CA VAL A 31 4.67 6.05 4.86
C VAL A 31 6.02 6.09 5.56
N ASP A 32 6.11 5.43 6.70
CA ASP A 32 7.36 5.33 7.44
C ASP A 32 8.12 4.06 7.08
N ARG A 33 9.45 4.17 7.05
CA ARG A 33 10.29 3.04 6.65
C ARG A 33 10.20 1.90 7.66
N THR A 34 10.04 2.26 8.94
CA THR A 34 10.08 1.28 10.01
C THR A 34 8.70 0.70 10.29
N GLU A 35 7.69 1.26 9.63
CA GLU A 35 6.31 0.78 9.78
C GLU A 35 6.08 -0.49 8.96
N THR A 36 5.09 -1.27 9.37
CA THR A 36 4.76 -2.52 8.67
C THR A 36 3.82 -2.26 7.51
N VAL A 37 3.60 -3.29 6.69
CA VAL A 37 2.73 -3.18 5.53
C VAL A 37 1.31 -2.82 5.95
N SER A 38 0.91 -3.27 7.14
CA SER A 38 -0.46 -3.06 7.62
C SER A 38 -0.78 -1.57 7.69
N SER A 39 0.23 -0.75 7.91
CA SER A 39 0.08 0.70 7.87
C SER A 39 -0.10 1.18 6.43
N LEU A 40 0.65 0.58 5.52
CA LEU A 40 0.56 0.95 4.11
C LEU A 40 -0.82 0.61 3.55
N LYS A 41 -1.31 -0.59 3.84
CA LYS A 41 -2.57 -1.05 3.30
C LYS A 41 -3.74 -0.28 3.92
N ASP A 42 -3.61 0.06 5.19
CA ASP A 42 -4.59 0.90 5.87
C ASP A 42 -4.75 2.23 5.16
N LYS A 43 -3.62 2.83 4.79
CA LYS A 43 -3.63 4.13 4.13
C LYS A 43 -4.19 4.02 2.71
N ILE A 44 -3.87 2.93 2.04
CA ILE A 44 -4.48 2.61 0.75
C ILE A 44 -5.98 2.42 0.89
N HIS A 45 -6.41 1.82 2.00
CA HIS A 45 -7.82 1.64 2.28
C HIS A 45 -8.50 2.98 2.52
N ILE A 46 -7.80 3.89 3.20
CA ILE A 46 -8.30 5.24 3.42
C ILE A 46 -8.48 5.98 2.10
N VAL A 47 -7.54 5.78 1.18
CA VAL A 47 -7.61 6.43 -0.12
C VAL A 47 -8.75 5.85 -0.96
N GLU A 48 -8.94 4.54 -0.88
CA GLU A 48 -9.93 3.87 -1.70
C GLU A 48 -11.22 3.64 -0.92
N ASN A 49 -12.19 2.99 -1.55
CA ASN A 49 -13.44 2.63 -0.88
C ASN A 49 -13.59 1.12 -0.80
N THR A 50 -12.47 0.41 -0.87
CA THR A 50 -12.49 -1.05 -0.86
C THR A 50 -11.91 -1.59 0.45
N PRO A 51 -12.67 -2.49 1.09
CA PRO A 51 -12.26 -3.12 2.35
C PRO A 51 -10.87 -3.75 2.26
N ILE A 52 -10.11 -3.65 3.35
CA ILE A 52 -8.77 -4.21 3.39
C ILE A 52 -8.79 -5.71 3.12
N LYS A 53 -9.81 -6.38 3.65
CA LYS A 53 -9.92 -7.83 3.50
C LYS A 53 -10.13 -8.23 2.04
N ARG A 54 -10.60 -7.28 1.24
CA ARG A 54 -10.88 -7.53 -0.17
C ARG A 54 -9.76 -7.01 -1.05
N MET A 55 -9.16 -5.90 -0.65
CA MET A 55 -8.11 -5.28 -1.44
C MET A 55 -6.84 -6.13 -1.42
N GLN A 56 -6.25 -6.33 -2.58
CA GLN A 56 -5.00 -7.09 -2.69
C GLN A 56 -3.83 -6.15 -2.97
N LEU A 57 -2.73 -6.37 -2.25
CA LEU A 57 -1.59 -5.46 -2.31
C LEU A 57 -0.34 -6.19 -2.79
N TYR A 58 0.16 -5.80 -3.96
CA TYR A 58 1.36 -6.41 -4.53
C TYR A 58 2.48 -5.39 -4.64
N TYR A 59 3.70 -5.82 -4.37
CA TYR A 59 4.88 -4.97 -4.53
C TYR A 59 5.82 -5.54 -5.58
N SER A 60 6.30 -4.67 -6.47
CA SER A 60 7.32 -5.04 -7.44
C SER A 60 8.15 -6.21 -6.92
N GLY A 61 7.86 -7.40 -7.43
CA GLY A 61 8.61 -8.58 -7.03
C GLY A 61 7.88 -9.40 -5.98
N ILE A 62 7.97 -8.95 -4.74
CA ILE A 62 7.38 -9.68 -3.62
C ILE A 62 6.01 -9.10 -3.24
N GLU A 63 5.03 -9.98 -3.10
CA GLU A 63 3.69 -9.57 -2.70
C GLU A 63 3.65 -9.28 -1.19
N LEU A 64 2.95 -8.21 -0.82
CA LEU A 64 3.01 -7.71 0.55
C LEU A 64 1.93 -8.35 1.41
N ALA A 65 2.05 -9.66 1.62
CA ALA A 65 0.98 -10.43 2.22
C ALA A 65 1.11 -10.47 3.74
N ASP A 66 2.31 -10.19 4.23
CA ASP A 66 2.62 -10.36 5.65
C ASP A 66 2.37 -9.05 6.40
N ASP A 67 1.39 -9.06 7.30
CA ASP A 67 1.00 -7.86 8.02
C ASP A 67 2.13 -7.39 8.93
N TYR A 68 2.87 -8.33 9.50
CA TYR A 68 3.79 -8.03 10.60
C TYR A 68 5.21 -7.81 10.07
N ARG A 69 5.40 -8.11 8.78
CA ARG A 69 6.68 -7.85 8.13
C ARG A 69 6.82 -6.38 7.76
N ASN A 70 7.98 -5.81 8.05
CA ASN A 70 8.18 -4.37 7.92
C ASN A 70 8.38 -3.96 6.47
N LEU A 71 8.04 -2.73 6.14
CA LEU A 71 8.29 -2.18 4.81
C LEU A 71 9.76 -2.25 4.45
N ASN A 72 10.62 -1.93 5.41
CA ASN A 72 12.06 -2.06 5.23
C ASN A 72 12.43 -3.51 4.92
N GLU A 73 11.82 -4.44 5.64
CA GLU A 73 12.13 -5.86 5.49
C GLU A 73 11.71 -6.36 4.11
N TYR A 74 10.66 -5.76 3.56
CA TYR A 74 10.17 -6.12 2.23
C TYR A 74 11.04 -5.51 1.14
N GLY A 75 11.79 -4.47 1.50
CA GLY A 75 12.58 -3.75 0.52
C GLY A 75 11.84 -2.57 -0.07
N ILE A 76 10.93 -2.01 0.70
CA ILE A 76 10.13 -0.88 0.24
C ILE A 76 10.90 0.42 0.33
N THR A 77 11.23 1.00 -0.82
CA THR A 77 12.12 2.17 -0.87
C THR A 77 11.31 3.44 -1.10
N GLU A 78 12.02 4.57 -1.21
CA GLU A 78 11.38 5.85 -1.48
C GLU A 78 10.73 5.85 -2.86
N PHE A 79 11.14 4.91 -3.70
CA PHE A 79 10.64 4.83 -5.07
C PHE A 79 9.77 3.59 -5.27
N SER A 80 9.30 3.03 -4.16
CA SER A 80 8.55 1.78 -4.20
C SER A 80 7.41 1.86 -5.21
N GLU A 81 7.33 0.85 -6.08
CA GLU A 81 6.19 0.73 -6.98
C GLU A 81 5.33 -0.48 -6.62
N ILE A 82 4.10 -0.23 -6.20
CA ILE A 82 3.20 -1.30 -5.78
C ILE A 82 1.94 -1.30 -6.63
N VAL A 83 1.44 -2.51 -6.92
CA VAL A 83 0.20 -2.66 -7.67
C VAL A 83 -0.93 -3.16 -6.78
N VAL A 84 -2.07 -2.46 -6.83
CA VAL A 84 -3.17 -2.73 -5.92
C VAL A 84 -4.43 -3.12 -6.69
N PHE A 85 -5.06 -4.22 -6.27
CA PHE A 85 -6.25 -4.72 -6.94
C PHE A 85 -7.48 -4.59 -6.04
N LEU A 86 -8.58 -4.13 -6.60
CA LEU A 86 -9.77 -3.83 -5.83
C LEU A 86 -10.84 -4.91 -6.03
N LYS A 87 -11.42 -5.37 -4.93
CA LYS A 87 -12.48 -6.37 -4.99
C LYS A 87 -13.70 -5.91 -4.19
N SER A 88 -14.40 -4.90 -4.71
CA SER A 88 -15.67 -4.49 -4.15
C SER A 88 -16.50 -3.71 -5.18
N ILE A 89 -17.80 -3.62 -4.93
CA ILE A 89 -18.67 -2.83 -5.80
C ILE A 89 -19.26 -1.64 -5.05
N ASN A 90 -19.77 -1.90 -3.85
CA ASN A 90 -20.32 -0.85 -3.00
C ASN A 90 -19.21 0.07 -2.50
N ARG A 91 -19.59 1.28 -2.10
CA ARG A 91 -18.62 2.28 -1.64
C ARG A 91 -18.85 2.61 -0.17
N ALA A 92 -17.84 3.19 0.47
CA ALA A 92 -17.94 3.59 1.87
C ALA A 92 -16.93 4.69 2.20
N LYS A 93 -17.29 5.56 3.13
CA LYS A 93 -16.40 6.62 3.58
C LYS A 93 -15.13 6.04 4.19
N ASP A 94 -15.28 5.32 5.29
CA ASP A 94 -14.16 4.65 5.93
C ASP A 94 -14.10 3.18 5.52
N ALA A 11 11.96 18.13 7.77
CA ALA A 11 13.04 17.17 7.64
C ALA A 11 12.52 15.75 7.51
N ALA A 12 12.84 15.11 6.40
CA ALA A 12 12.41 13.74 6.15
C ALA A 12 13.37 12.73 6.78
N VAL A 13 12.90 12.04 7.81
CA VAL A 13 13.72 11.07 8.52
C VAL A 13 13.02 9.73 8.64
N ARG A 14 13.49 8.74 7.89
CA ARG A 14 12.85 7.42 7.86
C ARG A 14 11.45 7.52 7.25
N LYS A 15 11.22 8.56 6.45
CA LYS A 15 9.95 8.71 5.76
C LYS A 15 10.09 8.37 4.27
N ILE A 16 9.10 7.68 3.73
CA ILE A 16 9.09 7.33 2.32
C ILE A 16 7.72 7.54 1.70
N HIS A 17 7.69 7.78 0.40
CA HIS A 17 6.43 7.79 -0.35
C HIS A 17 6.36 6.61 -1.31
N VAL A 18 5.24 5.89 -1.28
CA VAL A 18 5.05 4.72 -2.11
C VAL A 18 4.03 4.99 -3.21
N THR A 19 4.35 4.57 -4.44
CA THR A 19 3.50 4.83 -5.59
C THR A 19 2.44 3.74 -5.73
N VAL A 20 1.17 4.13 -5.64
CA VAL A 20 0.07 3.19 -5.72
C VAL A 20 -0.52 3.13 -7.13
N LYS A 21 -0.38 1.99 -7.78
CA LYS A 21 -0.82 1.83 -9.16
C LYS A 21 -2.06 0.95 -9.23
N PHE A 22 -3.17 1.53 -9.68
CA PHE A 22 -4.33 0.75 -10.10
C PHE A 22 -4.44 0.73 -11.62
N PRO A 23 -5.25 -0.21 -12.13
CA PRO A 23 -5.46 -0.38 -13.57
C PRO A 23 -5.92 0.91 -14.24
N SER A 24 -6.70 1.71 -13.51
CA SER A 24 -7.35 2.87 -14.09
C SER A 24 -7.02 4.12 -13.27
N LYS A 25 -6.33 3.93 -12.15
CA LYS A 25 -6.08 5.01 -11.21
C LYS A 25 -4.68 4.93 -10.64
N GLN A 26 -4.10 6.08 -10.33
CA GLN A 26 -2.79 6.13 -9.70
C GLN A 26 -2.72 7.24 -8.65
N PHE A 27 -1.96 7.00 -7.59
CA PHE A 27 -1.71 8.03 -6.58
C PHE A 27 -0.60 7.60 -5.64
N THR A 28 -0.08 8.55 -4.87
CA THR A 28 1.03 8.29 -3.96
C THR A 28 0.58 8.37 -2.50
N VAL A 29 1.23 7.58 -1.64
CA VAL A 29 0.92 7.60 -0.22
C VAL A 29 2.19 7.74 0.61
N GLU A 30 2.04 8.25 1.83
CA GLU A 30 3.20 8.50 2.69
C GLU A 30 3.22 7.51 3.86
N VAL A 31 4.32 6.79 3.99
CA VAL A 31 4.48 5.84 5.08
C VAL A 31 5.87 5.92 5.70
N ASP A 32 6.05 5.28 6.84
CA ASP A 32 7.35 5.28 7.52
C ASP A 32 8.10 3.99 7.23
N ARG A 33 9.43 4.07 7.19
CA ARG A 33 10.26 2.92 6.89
C ARG A 33 10.12 1.84 7.96
N THR A 34 9.86 2.27 9.19
CA THR A 34 9.82 1.36 10.33
C THR A 34 8.43 0.74 10.49
N GLU A 35 7.48 1.21 9.67
CA GLU A 35 6.13 0.69 9.69
C GLU A 35 6.00 -0.56 8.83
N THR A 36 4.99 -1.37 9.12
CA THR A 36 4.68 -2.53 8.28
C THR A 36 3.77 -2.13 7.12
N VAL A 37 3.49 -3.09 6.25
CA VAL A 37 2.58 -2.86 5.13
C VAL A 37 1.16 -2.58 5.61
N SER A 38 0.91 -2.89 6.88
CA SER A 38 -0.39 -2.60 7.50
C SER A 38 -0.74 -1.12 7.36
N SER A 39 0.24 -0.27 7.64
CA SER A 39 0.04 1.18 7.53
C SER A 39 -0.05 1.59 6.07
N LEU A 40 0.70 0.91 5.21
CA LEU A 40 0.62 1.14 3.77
C LEU A 40 -0.77 0.78 3.24
N LYS A 41 -1.31 -0.33 3.72
CA LYS A 41 -2.63 -0.78 3.31
C LYS A 41 -3.72 0.12 3.88
N ASP A 42 -3.48 0.63 5.10
CA ASP A 42 -4.37 1.60 5.70
C ASP A 42 -4.52 2.84 4.81
N LYS A 43 -3.39 3.35 4.32
CA LYS A 43 -3.40 4.52 3.47
C LYS A 43 -4.16 4.28 2.17
N ILE A 44 -3.94 3.10 1.59
CA ILE A 44 -4.70 2.68 0.42
C ILE A 44 -6.18 2.57 0.73
N HIS A 45 -6.50 2.06 1.90
CA HIS A 45 -7.89 1.88 2.32
C HIS A 45 -8.56 3.24 2.53
N ILE A 46 -7.80 4.21 3.03
CA ILE A 46 -8.31 5.55 3.26
C ILE A 46 -8.68 6.22 1.95
N VAL A 47 -7.81 6.08 0.96
CA VAL A 47 -8.02 6.70 -0.35
C VAL A 47 -9.13 5.98 -1.13
N GLU A 48 -9.12 4.65 -1.04
CA GLU A 48 -10.05 3.83 -1.81
C GLU A 48 -11.30 3.50 -1.00
N ASN A 49 -12.21 2.75 -1.60
CA ASN A 49 -13.45 2.37 -0.95
C ASN A 49 -13.54 0.87 -0.74
N THR A 50 -12.39 0.20 -0.76
CA THR A 50 -12.33 -1.25 -0.65
C THR A 50 -11.68 -1.68 0.66
N PRO A 51 -12.36 -2.57 1.39
CA PRO A 51 -11.84 -3.12 2.64
C PRO A 51 -10.44 -3.71 2.49
N ILE A 52 -9.62 -3.55 3.53
CA ILE A 52 -8.25 -4.05 3.50
C ILE A 52 -8.22 -5.56 3.30
N LYS A 53 -9.18 -6.25 3.92
CA LYS A 53 -9.24 -7.70 3.85
C LYS A 53 -9.55 -8.18 2.42
N ARG A 54 -10.12 -7.27 1.62
CA ARG A 54 -10.49 -7.60 0.25
C ARG A 54 -9.45 -7.07 -0.73
N MET A 55 -8.92 -5.89 -0.44
CA MET A 55 -7.92 -5.27 -1.30
C MET A 55 -6.63 -6.09 -1.33
N GLN A 56 -6.10 -6.32 -2.52
CA GLN A 56 -4.87 -7.08 -2.69
C GLN A 56 -3.70 -6.17 -3.03
N LEU A 57 -2.55 -6.43 -2.38
CA LEU A 57 -1.42 -5.52 -2.47
C LEU A 57 -0.17 -6.25 -2.93
N TYR A 58 0.31 -5.92 -4.12
CA TYR A 58 1.51 -6.53 -4.68
C TYR A 58 2.62 -5.50 -4.83
N TYR A 59 3.84 -5.90 -4.49
CA TYR A 59 5.02 -5.06 -4.70
C TYR A 59 5.96 -5.69 -5.71
N SER A 60 6.47 -4.87 -6.63
CA SER A 60 7.50 -5.32 -7.57
C SER A 60 8.30 -6.47 -6.98
N GLY A 61 7.99 -7.69 -7.44
CA GLY A 61 8.69 -8.86 -6.93
C GLY A 61 7.91 -9.60 -5.86
N ILE A 62 7.91 -9.05 -4.65
CA ILE A 62 7.28 -9.70 -3.51
C ILE A 62 5.86 -9.17 -3.30
N GLU A 63 4.91 -10.09 -3.19
CA GLU A 63 3.55 -9.74 -2.79
C GLU A 63 3.49 -9.43 -1.29
N LEU A 64 2.81 -8.34 -0.94
CA LEU A 64 2.86 -7.80 0.41
C LEU A 64 1.76 -8.41 1.27
N ALA A 65 1.87 -9.71 1.54
CA ALA A 65 0.76 -10.48 2.09
C ALA A 65 0.86 -10.59 3.61
N ASP A 66 2.06 -10.36 4.13
CA ASP A 66 2.31 -10.49 5.57
C ASP A 66 2.17 -9.14 6.27
N ASP A 67 1.12 -9.00 7.06
CA ASP A 67 0.74 -7.69 7.60
C ASP A 67 1.79 -7.21 8.59
N TYR A 68 2.43 -8.14 9.29
CA TYR A 68 3.31 -7.80 10.40
C TYR A 68 4.75 -7.68 9.93
N ARG A 69 4.99 -8.05 8.68
CA ARG A 69 6.30 -7.86 8.06
C ARG A 69 6.54 -6.41 7.69
N ASN A 70 7.71 -5.89 8.04
CA ASN A 70 7.99 -4.47 7.92
C ASN A 70 8.28 -4.09 6.47
N LEU A 71 8.01 -2.83 6.12
CA LEU A 71 8.34 -2.32 4.80
C LEU A 71 9.83 -2.47 4.51
N ASN A 72 10.65 -2.24 5.53
CA ASN A 72 12.10 -2.43 5.40
C ASN A 72 12.43 -3.89 5.07
N GLU A 73 11.70 -4.80 5.70
CA GLU A 73 11.93 -6.23 5.50
C GLU A 73 11.55 -6.65 4.09
N TYR A 74 10.56 -5.95 3.52
CA TYR A 74 10.12 -6.24 2.16
C TYR A 74 11.12 -5.70 1.14
N GLY A 75 11.95 -4.76 1.57
CA GLY A 75 12.84 -4.08 0.65
C GLY A 75 12.21 -2.85 0.04
N ILE A 76 11.31 -2.22 0.78
CA ILE A 76 10.59 -1.05 0.29
C ILE A 76 11.45 0.21 0.39
N THR A 77 11.76 0.80 -0.77
CA THR A 77 12.61 1.98 -0.81
C THR A 77 11.78 3.24 -1.08
N GLU A 78 12.45 4.38 -1.14
CA GLU A 78 11.77 5.66 -1.33
C GLU A 78 10.95 5.65 -2.61
N PHE A 79 11.41 4.88 -3.60
CA PHE A 79 10.85 4.96 -4.96
C PHE A 79 10.06 3.70 -5.28
N SER A 80 9.72 2.93 -4.25
CA SER A 80 9.03 1.67 -4.44
C SER A 80 7.68 1.88 -5.14
N GLU A 81 7.43 1.07 -6.16
CA GLU A 81 6.14 1.11 -6.86
C GLU A 81 5.33 -0.17 -6.57
N ILE A 82 4.09 0.01 -6.14
CA ILE A 82 3.25 -1.12 -5.79
C ILE A 82 2.01 -1.19 -6.67
N VAL A 83 1.58 -2.39 -7.01
CA VAL A 83 0.38 -2.59 -7.80
C VAL A 83 -0.76 -3.17 -6.95
N VAL A 84 -1.90 -2.49 -6.97
CA VAL A 84 -2.98 -2.79 -6.03
C VAL A 84 -4.26 -3.16 -6.76
N PHE A 85 -4.92 -4.22 -6.29
CA PHE A 85 -6.15 -4.69 -6.92
C PHE A 85 -7.32 -4.59 -5.96
N LEU A 86 -8.48 -4.19 -6.47
CA LEU A 86 -9.66 -4.01 -5.65
C LEU A 86 -10.62 -5.18 -5.80
N LYS A 87 -11.13 -5.67 -4.67
CA LYS A 87 -12.08 -6.77 -4.67
C LYS A 87 -13.37 -6.38 -3.94
N SER A 88 -14.13 -5.47 -4.54
CA SER A 88 -15.43 -5.08 -4.01
C SER A 88 -16.26 -4.37 -5.07
N ILE A 89 -17.57 -4.27 -4.83
CA ILE A 89 -18.46 -3.53 -5.71
C ILE A 89 -19.07 -2.32 -5.00
N ASN A 90 -19.61 -2.57 -3.81
CA ASN A 90 -20.22 -1.49 -3.02
C ASN A 90 -19.15 -0.53 -2.50
N ARG A 91 -19.56 0.71 -2.24
CA ARG A 91 -18.63 1.73 -1.78
C ARG A 91 -18.93 2.12 -0.33
N ALA A 92 -17.92 2.62 0.36
CA ALA A 92 -18.06 3.05 1.75
C ALA A 92 -17.09 4.17 2.09
N LYS A 93 -17.48 5.01 3.03
CA LYS A 93 -16.63 6.11 3.49
C LYS A 93 -15.36 5.58 4.15
N ASP A 94 -15.53 4.86 5.26
CA ASP A 94 -14.43 4.19 5.91
C ASP A 94 -14.00 2.94 5.13
N ALA A 11 5.88 6.07 13.17
CA ALA A 11 6.50 7.32 12.74
C ALA A 11 7.96 7.39 13.17
N ALA A 12 8.85 7.55 12.19
CA ALA A 12 10.27 7.69 12.47
C ALA A 12 10.94 8.61 11.46
N VAL A 13 12.22 8.90 11.67
CA VAL A 13 12.97 9.77 10.78
C VAL A 13 13.11 9.14 9.39
N ARG A 14 12.91 7.82 9.32
CA ARG A 14 13.19 7.07 8.10
C ARG A 14 11.95 7.02 7.20
N LYS A 15 11.68 8.12 6.51
CA LYS A 15 10.44 8.26 5.76
C LYS A 15 10.65 7.87 4.30
N ILE A 16 9.65 7.20 3.73
CA ILE A 16 9.70 6.81 2.32
C ILE A 16 8.36 7.07 1.63
N HIS A 17 8.42 7.34 0.33
CA HIS A 17 7.20 7.51 -0.47
C HIS A 17 6.84 6.20 -1.17
N VAL A 18 5.56 5.85 -1.12
CA VAL A 18 5.05 4.71 -1.88
C VAL A 18 4.05 5.15 -2.93
N THR A 19 4.26 4.71 -4.17
CA THR A 19 3.28 4.91 -5.23
C THR A 19 2.29 3.76 -5.30
N VAL A 20 1.03 4.05 -5.03
CA VAL A 20 0.00 3.01 -4.98
C VAL A 20 -0.81 2.99 -6.28
N LYS A 21 -0.74 1.87 -6.98
CA LYS A 21 -1.36 1.76 -8.30
C LYS A 21 -2.64 0.95 -8.24
N PHE A 22 -3.74 1.56 -8.66
CA PHE A 22 -4.96 0.83 -8.97
C PHE A 22 -5.17 0.74 -10.49
N PRO A 23 -5.96 -0.25 -10.92
CA PRO A 23 -6.29 -0.43 -12.34
C PRO A 23 -6.96 0.79 -12.94
N SER A 24 -7.72 1.52 -12.12
CA SER A 24 -8.48 2.67 -12.59
C SER A 24 -7.79 3.97 -12.19
N LYS A 25 -7.03 3.92 -11.10
CA LYS A 25 -6.53 5.13 -10.47
C LYS A 25 -5.13 4.91 -9.90
N GLN A 26 -4.41 6.00 -9.66
CA GLN A 26 -3.12 5.94 -8.97
C GLN A 26 -3.03 7.02 -7.90
N PHE A 27 -2.31 6.71 -6.83
CA PHE A 27 -2.16 7.64 -5.72
C PHE A 27 -0.72 7.61 -5.18
N THR A 28 -0.31 8.72 -4.56
CA THR A 28 0.92 8.75 -3.80
C THR A 28 0.64 8.70 -2.30
N VAL A 29 1.37 7.85 -1.58
CA VAL A 29 1.16 7.69 -0.15
C VAL A 29 2.47 7.86 0.62
N GLU A 30 2.40 8.47 1.79
CA GLU A 30 3.59 8.76 2.57
C GLU A 30 3.67 7.87 3.80
N VAL A 31 4.72 7.06 3.89
CA VAL A 31 4.84 6.05 4.93
C VAL A 31 6.25 6.02 5.50
N ASP A 32 6.45 5.17 6.50
CA ASP A 32 7.77 5.00 7.11
C ASP A 32 8.31 3.60 6.87
N ARG A 33 9.59 3.51 6.54
CA ARG A 33 10.19 2.24 6.12
C ARG A 33 10.23 1.25 7.28
N THR A 34 10.12 1.77 8.50
CA THR A 34 10.19 0.94 9.69
C THR A 34 8.80 0.45 10.10
N GLU A 35 7.77 1.04 9.49
CA GLU A 35 6.41 0.58 9.70
C GLU A 35 6.06 -0.56 8.74
N THR A 36 5.05 -1.34 9.10
CA THR A 36 4.64 -2.49 8.29
C THR A 36 3.68 -2.07 7.18
N VAL A 37 3.37 -3.00 6.30
CA VAL A 37 2.51 -2.72 5.16
C VAL A 37 1.08 -2.40 5.61
N SER A 38 0.73 -2.86 6.80
CA SER A 38 -0.62 -2.67 7.32
C SER A 38 -0.93 -1.20 7.54
N SER A 39 0.10 -0.43 7.87
CA SER A 39 -0.01 1.02 7.96
C SER A 39 -0.28 1.62 6.58
N LEU A 40 0.44 1.12 5.57
CA LEU A 40 0.21 1.51 4.19
C LEU A 40 -1.21 1.17 3.75
N LYS A 41 -1.68 -0.01 4.18
CA LYS A 41 -3.02 -0.47 3.82
C LYS A 41 -4.09 0.46 4.40
N ASP A 42 -3.89 0.87 5.64
CA ASP A 42 -4.81 1.81 6.29
C ASP A 42 -4.90 3.11 5.49
N LYS A 43 -3.75 3.62 5.06
CA LYS A 43 -3.71 4.85 4.29
C LYS A 43 -4.33 4.66 2.91
N ILE A 44 -4.07 3.51 2.30
CA ILE A 44 -4.70 3.15 1.03
C ILE A 44 -6.22 3.08 1.18
N HIS A 45 -6.67 2.57 2.32
CA HIS A 45 -8.10 2.45 2.59
C HIS A 45 -8.74 3.83 2.77
N ILE A 46 -7.99 4.73 3.38
CA ILE A 46 -8.45 6.11 3.56
C ILE A 46 -8.54 6.83 2.23
N VAL A 47 -7.52 6.68 1.40
CA VAL A 47 -7.43 7.43 0.15
C VAL A 47 -8.40 6.88 -0.89
N GLU A 48 -8.35 5.56 -1.09
CA GLU A 48 -9.18 4.91 -2.09
C GLU A 48 -10.45 4.33 -1.47
N ASN A 49 -11.54 4.37 -2.22
CA ASN A 49 -12.82 3.86 -1.73
C ASN A 49 -12.93 2.36 -1.95
N THR A 50 -12.21 1.60 -1.15
CA THR A 50 -12.28 0.14 -1.22
C THR A 50 -11.88 -0.50 0.12
N PRO A 51 -12.64 -1.51 0.54
CA PRO A 51 -12.36 -2.25 1.78
C PRO A 51 -10.98 -2.88 1.76
N ILE A 52 -10.33 -2.90 2.93
CA ILE A 52 -9.02 -3.52 3.07
C ILE A 52 -9.06 -4.99 2.71
N LYS A 53 -10.17 -5.65 3.03
CA LYS A 53 -10.31 -7.07 2.79
C LYS A 53 -10.52 -7.35 1.30
N ARG A 54 -11.03 -6.35 0.59
CA ARG A 54 -11.38 -6.52 -0.82
C ARG A 54 -10.20 -6.14 -1.72
N MET A 55 -9.35 -5.24 -1.21
CA MET A 55 -8.14 -4.85 -1.94
C MET A 55 -6.97 -5.76 -1.56
N GLN A 56 -6.24 -6.22 -2.56
CA GLN A 56 -5.06 -7.03 -2.33
C GLN A 56 -3.79 -6.26 -2.70
N LEU A 57 -2.84 -6.23 -1.78
CA LEU A 57 -1.66 -5.38 -1.92
C LEU A 57 -0.42 -6.22 -2.19
N TYR A 58 0.16 -6.06 -3.37
CA TYR A 58 1.31 -6.86 -3.79
C TYR A 58 2.37 -5.99 -4.44
N TYR A 59 3.60 -6.49 -4.48
CA TYR A 59 4.75 -5.67 -4.82
C TYR A 59 5.74 -6.44 -5.70
N SER A 60 6.21 -5.78 -6.76
CA SER A 60 7.24 -6.35 -7.61
C SER A 60 8.27 -7.12 -6.79
N GLY A 61 8.55 -8.36 -7.21
CA GLY A 61 9.38 -9.22 -6.41
C GLY A 61 8.59 -9.99 -5.36
N ILE A 62 8.61 -9.50 -4.13
CA ILE A 62 7.89 -10.15 -3.04
C ILE A 62 6.49 -9.56 -2.87
N GLU A 63 5.49 -10.44 -2.88
CA GLU A 63 4.12 -10.02 -2.58
C GLU A 63 3.93 -9.76 -1.10
N LEU A 64 3.21 -8.70 -0.77
CA LEU A 64 3.20 -8.16 0.58
C LEU A 64 2.16 -8.89 1.44
N ALA A 65 2.34 -10.19 1.58
CA ALA A 65 1.32 -11.03 2.22
C ALA A 65 1.50 -11.06 3.73
N ASP A 66 2.68 -10.65 4.19
CA ASP A 66 2.99 -10.70 5.61
C ASP A 66 2.77 -9.35 6.27
N ASP A 67 1.69 -9.24 7.03
CA ASP A 67 1.28 -7.96 7.62
C ASP A 67 2.32 -7.49 8.63
N TYR A 68 3.05 -8.43 9.21
CA TYR A 68 3.94 -8.13 10.33
C TYR A 68 5.35 -7.82 9.83
N ARG A 69 5.57 -8.01 8.54
CA ARG A 69 6.85 -7.68 7.92
C ARG A 69 6.91 -6.20 7.57
N ASN A 70 8.05 -5.57 7.84
CA ASN A 70 8.20 -4.14 7.66
C ASN A 70 8.48 -3.80 6.19
N LEU A 71 8.16 -2.58 5.80
CA LEU A 71 8.45 -2.11 4.45
C LEU A 71 9.93 -2.23 4.14
N ASN A 72 10.76 -1.89 5.12
CA ASN A 72 12.21 -2.04 4.97
C ASN A 72 12.60 -3.51 4.79
N GLU A 73 11.90 -4.38 5.52
CA GLU A 73 12.17 -5.82 5.45
C GLU A 73 11.74 -6.39 4.10
N TYR A 74 10.81 -5.72 3.45
CA TYR A 74 10.40 -6.09 2.10
C TYR A 74 11.41 -5.58 1.07
N GLY A 75 12.24 -4.63 1.49
CA GLY A 75 13.16 -3.99 0.56
C GLY A 75 12.51 -2.86 -0.20
N ILE A 76 11.43 -2.31 0.36
CA ILE A 76 10.66 -1.29 -0.34
C ILE A 76 11.27 0.09 -0.14
N THR A 77 11.46 0.82 -1.24
CA THR A 77 12.19 2.07 -1.21
C THR A 77 11.25 3.26 -1.39
N GLU A 78 11.81 4.47 -1.36
CA GLU A 78 11.02 5.68 -1.52
C GLU A 78 10.68 5.91 -2.99
N PHE A 79 11.19 5.04 -3.86
CA PHE A 79 10.90 5.12 -5.28
C PHE A 79 10.06 3.92 -5.73
N SER A 80 9.87 2.97 -4.82
CA SER A 80 9.16 1.74 -5.15
C SER A 80 7.70 2.02 -5.45
N GLU A 81 7.12 1.24 -6.37
CA GLU A 81 5.70 1.34 -6.67
C GLU A 81 4.99 0.02 -6.35
N ILE A 82 3.90 0.12 -5.60
CA ILE A 82 3.19 -1.06 -5.11
C ILE A 82 1.77 -1.12 -5.68
N VAL A 83 1.39 -2.29 -6.19
CA VAL A 83 0.20 -2.41 -7.03
C VAL A 83 -0.91 -3.16 -6.31
N VAL A 84 -2.14 -2.68 -6.48
CA VAL A 84 -3.28 -3.26 -5.79
C VAL A 84 -4.21 -3.98 -6.77
N PHE A 85 -4.59 -5.20 -6.41
CA PHE A 85 -5.59 -5.94 -7.17
C PHE A 85 -6.93 -5.95 -6.45
N LEU A 86 -8.00 -5.63 -7.18
CA LEU A 86 -9.30 -5.38 -6.57
C LEU A 86 -10.21 -6.59 -6.74
N LYS A 87 -10.82 -7.02 -5.64
CA LYS A 87 -11.93 -7.96 -5.70
C LYS A 87 -13.02 -7.46 -6.63
N SER A 88 -13.44 -8.31 -7.56
CA SER A 88 -14.27 -7.87 -8.68
C SER A 88 -15.74 -7.84 -8.28
N ILE A 89 -16.55 -7.17 -9.10
CA ILE A 89 -17.98 -7.06 -8.84
C ILE A 89 -18.25 -6.44 -7.48
N ASN A 90 -17.53 -5.36 -7.17
CA ASN A 90 -17.73 -4.63 -5.94
C ASN A 90 -18.56 -3.37 -6.16
N ARG A 91 -18.64 -2.52 -5.15
CA ARG A 91 -19.39 -1.27 -5.26
C ARG A 91 -18.70 -0.15 -4.49
N ALA A 92 -18.50 0.98 -5.14
CA ALA A 92 -17.82 2.12 -4.54
C ALA A 92 -18.18 3.42 -5.24
N LYS A 93 -17.92 4.54 -4.57
CA LYS A 93 -18.19 5.85 -5.14
C LYS A 93 -16.92 6.46 -5.73
N ASP A 94 -17.10 7.42 -6.63
CA ASP A 94 -15.96 8.05 -7.30
C ASP A 94 -15.40 9.20 -6.46
N ALA A 11 5.61 6.69 13.02
CA ALA A 11 6.23 7.90 12.50
C ALA A 11 7.67 8.04 13.00
N ALA A 12 8.61 8.19 12.08
CA ALA A 12 10.01 8.35 12.43
C ALA A 12 10.80 9.01 11.30
N VAL A 13 12.09 9.22 11.53
CA VAL A 13 12.94 9.89 10.55
C VAL A 13 12.99 9.10 9.24
N ARG A 14 12.85 7.79 9.35
CA ARG A 14 13.06 6.89 8.21
C ARG A 14 11.79 6.76 7.38
N LYS A 15 11.51 7.76 6.55
CA LYS A 15 10.28 7.79 5.76
C LYS A 15 10.55 7.32 4.34
N ILE A 16 9.51 6.80 3.69
CA ILE A 16 9.58 6.48 2.27
C ILE A 16 8.28 6.84 1.56
N HIS A 17 8.38 7.18 0.29
CA HIS A 17 7.20 7.46 -0.53
C HIS A 17 6.80 6.24 -1.35
N VAL A 18 5.53 5.84 -1.22
CA VAL A 18 5.01 4.72 -1.98
C VAL A 18 3.94 5.17 -2.96
N THR A 19 4.13 4.85 -4.24
CA THR A 19 3.14 5.14 -5.26
C THR A 19 2.15 3.99 -5.41
N VAL A 20 0.88 4.25 -5.11
CA VAL A 20 -0.15 3.24 -5.24
C VAL A 20 -0.90 3.40 -6.56
N LYS A 21 -0.82 2.37 -7.41
CA LYS A 21 -1.38 2.44 -8.75
C LYS A 21 -2.62 1.58 -8.87
N PHE A 22 -3.74 2.22 -9.24
CA PHE A 22 -4.91 1.49 -9.72
C PHE A 22 -5.17 1.79 -11.20
N PRO A 23 -5.87 0.85 -11.87
CA PRO A 23 -6.32 1.06 -13.25
C PRO A 23 -7.26 2.24 -13.38
N SER A 24 -7.93 2.59 -12.29
CA SER A 24 -8.91 3.67 -12.28
C SER A 24 -8.24 5.00 -11.91
N LYS A 25 -7.21 4.91 -11.07
CA LYS A 25 -6.50 6.11 -10.61
C LYS A 25 -5.17 5.73 -9.97
N GLN A 26 -4.24 6.68 -9.93
CA GLN A 26 -2.97 6.48 -9.26
C GLN A 26 -2.67 7.63 -8.30
N PHE A 27 -1.94 7.32 -7.24
CA PHE A 27 -1.61 8.33 -6.23
C PHE A 27 -0.40 7.89 -5.41
N THR A 28 0.21 8.84 -4.71
CA THR A 28 1.39 8.56 -3.89
C THR A 28 1.13 8.91 -2.43
N VAL A 29 1.64 8.08 -1.53
CA VAL A 29 1.40 8.25 -0.11
C VAL A 29 2.71 8.28 0.68
N GLU A 30 2.66 8.83 1.89
CA GLU A 30 3.84 8.92 2.73
C GLU A 30 3.76 7.93 3.89
N VAL A 31 4.73 7.02 3.95
CA VAL A 31 4.73 5.97 4.96
C VAL A 31 6.10 5.82 5.61
N ASP A 32 6.16 5.07 6.70
CA ASP A 32 7.40 4.86 7.43
C ASP A 32 7.98 3.48 7.15
N ARG A 33 9.25 3.43 6.78
CA ARG A 33 9.86 2.19 6.30
C ARG A 33 10.01 1.19 7.44
N THR A 34 10.02 1.70 8.68
CA THR A 34 10.19 0.86 9.85
C THR A 34 8.83 0.40 10.40
N GLU A 35 7.76 0.97 9.85
CA GLU A 35 6.42 0.48 10.14
C GLU A 35 6.05 -0.67 9.20
N THR A 36 5.01 -1.41 9.57
CA THR A 36 4.57 -2.55 8.79
C THR A 36 3.74 -2.12 7.59
N VAL A 37 3.52 -3.04 6.65
CA VAL A 37 2.82 -2.72 5.42
C VAL A 37 1.37 -2.34 5.71
N SER A 38 0.88 -2.75 6.87
CA SER A 38 -0.52 -2.52 7.23
C SER A 38 -0.83 -1.03 7.30
N SER A 39 0.20 -0.23 7.58
CA SER A 39 0.08 1.22 7.52
C SER A 39 -0.15 1.68 6.08
N LEU A 40 0.56 1.05 5.14
CA LEU A 40 0.35 1.32 3.72
C LEU A 40 -1.05 0.89 3.29
N LYS A 41 -1.50 -0.25 3.81
CA LYS A 41 -2.83 -0.76 3.51
C LYS A 41 -3.91 0.20 4.00
N ASP A 42 -3.69 0.77 5.19
CA ASP A 42 -4.57 1.80 5.71
C ASP A 42 -4.64 2.99 4.76
N LYS A 43 -3.48 3.43 4.28
CA LYS A 43 -3.41 4.55 3.35
C LYS A 43 -4.16 4.24 2.07
N ILE A 44 -4.03 3.01 1.58
CA ILE A 44 -4.79 2.56 0.41
C ILE A 44 -6.29 2.56 0.71
N HIS A 45 -6.65 2.11 1.91
CA HIS A 45 -8.06 2.04 2.29
C HIS A 45 -8.68 3.43 2.39
N ILE A 46 -7.88 4.40 2.82
CA ILE A 46 -8.35 5.77 2.96
C ILE A 46 -8.66 6.39 1.61
N VAL A 47 -7.75 6.22 0.66
CA VAL A 47 -7.88 6.85 -0.65
C VAL A 47 -8.82 6.05 -1.56
N GLU A 48 -8.70 4.73 -1.50
CA GLU A 48 -9.48 3.86 -2.36
C GLU A 48 -10.68 3.30 -1.62
N ASN A 49 -11.79 3.12 -2.34
CA ASN A 49 -13.03 2.64 -1.75
C ASN A 49 -13.08 1.11 -1.75
N THR A 50 -12.25 0.49 -0.92
CA THR A 50 -12.17 -0.96 -0.85
C THR A 50 -11.66 -1.43 0.50
N PRO A 51 -12.43 -2.30 1.16
CA PRO A 51 -12.03 -2.90 2.44
C PRO A 51 -10.64 -3.53 2.38
N ILE A 52 -9.88 -3.38 3.46
CA ILE A 52 -8.51 -3.87 3.51
C ILE A 52 -8.46 -5.38 3.31
N LYS A 53 -9.44 -6.07 3.88
CA LYS A 53 -9.49 -7.53 3.80
C LYS A 53 -9.77 -7.99 2.37
N ARG A 54 -10.31 -7.09 1.57
CA ARG A 54 -10.70 -7.42 0.20
C ARG A 54 -9.67 -6.90 -0.79
N MET A 55 -9.06 -5.75 -0.48
CA MET A 55 -8.00 -5.19 -1.31
C MET A 55 -6.79 -6.11 -1.33
N GLN A 56 -6.29 -6.40 -2.52
CA GLN A 56 -5.13 -7.27 -2.68
C GLN A 56 -3.87 -6.45 -2.93
N LEU A 57 -2.85 -6.68 -2.12
CA LEU A 57 -1.63 -5.87 -2.18
C LEU A 57 -0.41 -6.74 -2.48
N TYR A 58 0.21 -6.49 -3.63
CA TYR A 58 1.34 -7.30 -4.07
C TYR A 58 2.48 -6.42 -4.56
N TYR A 59 3.70 -6.95 -4.49
CA TYR A 59 4.89 -6.16 -4.79
C TYR A 59 5.94 -7.01 -5.50
N SER A 60 6.56 -6.45 -6.53
CA SER A 60 7.65 -7.11 -7.23
C SER A 60 8.55 -7.85 -6.25
N GLY A 61 8.81 -9.13 -6.54
CA GLY A 61 9.51 -9.97 -5.59
C GLY A 61 8.57 -10.61 -4.58
N ILE A 62 8.50 -10.03 -3.39
CA ILE A 62 7.67 -10.58 -2.32
C ILE A 62 6.30 -9.92 -2.30
N GLU A 63 5.26 -10.75 -2.31
CA GLU A 63 3.89 -10.27 -2.17
C GLU A 63 3.64 -9.76 -0.76
N LEU A 64 2.99 -8.61 -0.65
CA LEU A 64 2.87 -7.91 0.63
C LEU A 64 1.71 -8.45 1.44
N ALA A 65 1.80 -9.72 1.83
CA ALA A 65 0.69 -10.41 2.48
C ALA A 65 0.99 -10.63 3.96
N ASP A 66 2.23 -10.34 4.36
CA ASP A 66 2.64 -10.50 5.75
C ASP A 66 2.47 -9.20 6.53
N ASP A 67 1.44 -9.14 7.36
CA ASP A 67 1.08 -7.90 8.05
C ASP A 67 2.18 -7.49 9.02
N TYR A 68 2.94 -8.47 9.50
CA TYR A 68 3.90 -8.23 10.57
C TYR A 68 5.27 -7.89 10.00
N ARG A 69 5.44 -8.10 8.71
CA ARG A 69 6.68 -7.73 8.02
C ARG A 69 6.72 -6.24 7.72
N ASN A 70 7.86 -5.62 7.98
CA ASN A 70 8.01 -4.18 7.80
C ASN A 70 8.26 -3.85 6.34
N LEU A 71 7.94 -2.61 5.96
CA LEU A 71 8.21 -2.13 4.61
C LEU A 71 9.69 -2.22 4.28
N ASN A 72 10.53 -1.91 5.28
CA ASN A 72 11.98 -2.06 5.14
C ASN A 72 12.35 -3.53 4.96
N GLU A 73 11.67 -4.41 5.70
CA GLU A 73 11.90 -5.84 5.60
C GLU A 73 11.43 -6.37 4.25
N TYR A 74 10.47 -5.68 3.65
CA TYR A 74 10.01 -6.01 2.30
C TYR A 74 11.03 -5.54 1.26
N GLY A 75 11.86 -4.57 1.64
CA GLY A 75 12.81 -4.00 0.71
C GLY A 75 12.21 -2.89 -0.12
N ILE A 76 11.16 -2.27 0.39
CA ILE A 76 10.43 -1.25 -0.35
C ILE A 76 11.06 0.13 -0.17
N THR A 77 11.29 0.82 -1.29
CA THR A 77 12.04 2.06 -1.28
C THR A 77 11.14 3.27 -1.50
N GLU A 78 11.73 4.46 -1.44
CA GLU A 78 10.98 5.69 -1.66
C GLU A 78 10.68 5.89 -3.15
N PHE A 79 11.23 5.03 -3.97
CA PHE A 79 11.01 5.09 -5.42
C PHE A 79 10.15 3.92 -5.89
N SER A 80 9.91 2.97 -4.99
CA SER A 80 9.14 1.77 -5.32
C SER A 80 7.71 2.13 -5.72
N GLU A 81 7.27 1.60 -6.86
CA GLU A 81 5.88 1.79 -7.29
C GLU A 81 5.10 0.48 -7.16
N ILE A 82 3.97 0.54 -6.48
CA ILE A 82 3.20 -0.65 -6.16
C ILE A 82 1.84 -0.63 -6.84
N VAL A 83 1.56 -1.68 -7.60
CA VAL A 83 0.25 -1.83 -8.25
C VAL A 83 -0.69 -2.68 -7.39
N VAL A 84 -1.89 -2.16 -7.15
CA VAL A 84 -2.81 -2.77 -6.20
C VAL A 84 -4.07 -3.25 -6.89
N PHE A 85 -4.50 -4.46 -6.55
CA PHE A 85 -5.64 -5.09 -7.21
C PHE A 85 -6.86 -5.13 -6.29
N LEU A 86 -8.02 -4.78 -6.85
CA LEU A 86 -9.24 -4.67 -6.05
C LEU A 86 -10.14 -5.87 -6.26
N LYS A 87 -10.62 -6.45 -5.17
CA LYS A 87 -11.66 -7.47 -5.21
C LYS A 87 -12.99 -6.87 -5.69
N SER A 88 -13.65 -7.57 -6.59
CA SER A 88 -14.81 -7.01 -7.27
C SER A 88 -16.06 -7.11 -6.40
N ILE A 89 -17.12 -6.44 -6.82
CA ILE A 89 -18.35 -6.40 -6.04
C ILE A 89 -18.07 -6.18 -4.56
N ASN A 90 -17.17 -5.23 -4.28
CA ASN A 90 -16.87 -4.86 -2.91
C ASN A 90 -17.86 -3.84 -2.37
N ARG A 91 -17.62 -3.36 -1.15
CA ARG A 91 -18.51 -2.39 -0.52
C ARG A 91 -17.72 -1.45 0.40
N ALA A 92 -17.95 -0.14 0.23
CA ALA A 92 -17.26 0.84 1.04
C ALA A 92 -18.04 2.17 1.05
N LYS A 93 -17.76 2.99 2.06
CA LYS A 93 -18.45 4.28 2.20
C LYS A 93 -17.62 5.40 1.60
N ASP A 94 -18.25 6.55 1.38
CA ASP A 94 -17.58 7.69 0.79
C ASP A 94 -16.80 8.47 1.86
N ALA A 11 12.21 17.75 7.85
CA ALA A 11 13.28 16.78 7.65
C ALA A 11 12.72 15.37 7.50
N ALA A 12 13.10 14.70 6.41
CA ALA A 12 12.65 13.35 6.16
C ALA A 12 13.56 12.33 6.85
N VAL A 13 13.04 11.70 7.89
CA VAL A 13 13.82 10.73 8.66
C VAL A 13 13.07 9.40 8.78
N ARG A 14 13.56 8.40 8.06
CA ARG A 14 12.92 7.08 8.05
C ARG A 14 11.54 7.17 7.42
N LYS A 15 11.31 8.22 6.63
CA LYS A 15 10.05 8.38 5.92
C LYS A 15 10.22 8.06 4.44
N ILE A 16 9.23 7.38 3.87
CA ILE A 16 9.27 6.98 2.47
C ILE A 16 7.93 7.22 1.79
N HIS A 17 7.97 7.39 0.47
CA HIS A 17 6.75 7.43 -0.33
C HIS A 17 6.61 6.17 -1.17
N VAL A 18 5.37 5.71 -1.35
CA VAL A 18 5.09 4.53 -2.15
C VAL A 18 4.11 4.86 -3.28
N THR A 19 4.43 4.38 -4.49
CA THR A 19 3.59 4.64 -5.64
C THR A 19 2.52 3.57 -5.79
N VAL A 20 1.26 3.99 -5.75
CA VAL A 20 0.14 3.05 -5.79
C VAL A 20 -0.48 2.99 -7.18
N LYS A 21 -0.38 1.82 -7.80
CA LYS A 21 -0.86 1.63 -9.17
C LYS A 21 -2.17 0.87 -9.19
N PHE A 22 -3.23 1.51 -9.68
CA PHE A 22 -4.43 0.81 -10.11
C PHE A 22 -4.58 0.86 -11.62
N PRO A 23 -5.35 -0.10 -12.17
CA PRO A 23 -5.64 -0.17 -13.60
C PRO A 23 -6.40 1.06 -14.10
N SER A 24 -7.13 1.70 -13.20
CA SER A 24 -8.01 2.81 -13.57
C SER A 24 -7.40 4.13 -13.12
N LYS A 25 -6.49 4.07 -12.15
CA LYS A 25 -5.98 5.27 -11.51
C LYS A 25 -4.62 4.99 -10.87
N GLN A 26 -3.87 6.06 -10.61
CA GLN A 26 -2.62 5.95 -9.85
C GLN A 26 -2.46 7.12 -8.89
N PHE A 27 -1.78 6.87 -7.77
CA PHE A 27 -1.52 7.92 -6.79
C PHE A 27 -0.43 7.49 -5.82
N THR A 28 0.10 8.45 -5.07
CA THR A 28 1.19 8.19 -4.15
C THR A 28 0.73 8.29 -2.70
N VAL A 29 1.37 7.53 -1.81
CA VAL A 29 1.08 7.60 -0.39
C VAL A 29 2.35 7.79 0.43
N GLU A 30 2.20 8.35 1.62
CA GLU A 30 3.35 8.59 2.50
C GLU A 30 3.31 7.65 3.70
N VAL A 31 4.37 6.85 3.85
CA VAL A 31 4.44 5.88 4.94
C VAL A 31 5.81 5.89 5.59
N ASP A 32 5.94 5.19 6.72
CA ASP A 32 7.21 5.05 7.40
C ASP A 32 7.87 3.71 7.08
N ARG A 33 9.18 3.72 6.92
CA ARG A 33 9.91 2.52 6.52
C ARG A 33 9.86 1.46 7.63
N THR A 34 9.66 1.91 8.86
CA THR A 34 9.65 1.01 10.01
C THR A 34 8.24 0.54 10.32
N GLU A 35 7.26 1.13 9.63
CA GLU A 35 5.87 0.71 9.78
C GLU A 35 5.59 -0.57 8.98
N THR A 36 4.55 -1.28 9.38
CA THR A 36 4.26 -2.59 8.79
C THR A 36 3.45 -2.43 7.51
N VAL A 37 3.35 -3.52 6.75
CA VAL A 37 2.61 -3.51 5.49
C VAL A 37 1.16 -3.09 5.71
N SER A 38 0.61 -3.47 6.86
CA SER A 38 -0.78 -3.17 7.18
C SER A 38 -1.02 -1.67 7.23
N SER A 39 0.02 -0.91 7.59
CA SER A 39 -0.04 0.54 7.60
C SER A 39 -0.07 1.08 6.18
N LEU A 40 0.71 0.47 5.29
CA LEU A 40 0.66 0.80 3.88
C LEU A 40 -0.70 0.49 3.28
N LYS A 41 -1.28 -0.63 3.69
CA LYS A 41 -2.62 -1.02 3.26
C LYS A 41 -3.66 -0.03 3.79
N ASP A 42 -3.45 0.43 5.01
CA ASP A 42 -4.33 1.42 5.62
C ASP A 42 -4.38 2.70 4.79
N LYS A 43 -3.22 3.14 4.33
CA LYS A 43 -3.11 4.34 3.51
C LYS A 43 -3.87 4.16 2.20
N ILE A 44 -3.76 2.97 1.60
CA ILE A 44 -4.54 2.62 0.43
C ILE A 44 -6.03 2.60 0.76
N HIS A 45 -6.37 2.08 1.94
CA HIS A 45 -7.76 1.98 2.36
C HIS A 45 -8.36 3.36 2.59
N ILE A 46 -7.54 4.29 3.06
CA ILE A 46 -8.00 5.65 3.30
C ILE A 46 -8.37 6.34 1.99
N VAL A 47 -7.57 6.14 0.96
CA VAL A 47 -7.81 6.76 -0.34
C VAL A 47 -8.93 6.06 -1.08
N GLU A 48 -8.95 4.73 -0.99
CA GLU A 48 -9.89 3.93 -1.77
C GLU A 48 -11.14 3.62 -0.96
N ASN A 49 -12.08 2.89 -1.56
CA ASN A 49 -13.33 2.56 -0.90
C ASN A 49 -13.45 1.05 -0.70
N THR A 50 -12.31 0.37 -0.70
CA THR A 50 -12.28 -1.09 -0.58
C THR A 50 -11.62 -1.52 0.72
N PRO A 51 -12.30 -2.40 1.47
CA PRO A 51 -11.77 -2.95 2.72
C PRO A 51 -10.39 -3.56 2.55
N ILE A 52 -9.55 -3.42 3.57
CA ILE A 52 -8.19 -3.96 3.54
C ILE A 52 -8.20 -5.47 3.33
N LYS A 53 -9.19 -6.14 3.94
CA LYS A 53 -9.28 -7.59 3.87
C LYS A 53 -9.60 -8.05 2.45
N ARG A 54 -10.18 -7.14 1.66
CA ARG A 54 -10.58 -7.47 0.30
C ARG A 54 -9.55 -6.96 -0.70
N MET A 55 -8.98 -5.78 -0.43
CA MET A 55 -7.99 -5.19 -1.31
C MET A 55 -6.73 -6.05 -1.36
N GLN A 56 -6.22 -6.28 -2.57
CA GLN A 56 -5.02 -7.08 -2.76
C GLN A 56 -3.82 -6.22 -3.10
N LEU A 57 -2.67 -6.54 -2.52
CA LEU A 57 -1.50 -5.67 -2.60
C LEU A 57 -0.28 -6.45 -3.08
N TYR A 58 0.27 -6.03 -4.22
CA TYR A 58 1.51 -6.61 -4.72
C TYR A 58 2.60 -5.55 -4.83
N TYR A 59 3.83 -5.92 -4.52
CA TYR A 59 4.97 -5.02 -4.62
C TYR A 59 5.94 -5.50 -5.68
N SER A 60 6.40 -4.58 -6.53
CA SER A 60 7.40 -4.89 -7.54
C SER A 60 8.31 -6.03 -7.07
N GLY A 61 8.08 -7.22 -7.61
CA GLY A 61 8.89 -8.37 -7.25
C GLY A 61 8.24 -9.23 -6.18
N ILE A 62 8.43 -8.85 -4.92
CA ILE A 62 7.93 -9.64 -3.80
C ILE A 62 6.56 -9.15 -3.36
N GLU A 63 5.61 -10.07 -3.25
CA GLU A 63 4.27 -9.75 -2.77
C GLU A 63 4.28 -9.46 -1.28
N LEU A 64 3.59 -8.40 -0.88
CA LEU A 64 3.58 -7.97 0.52
C LEU A 64 2.52 -8.71 1.30
N ALA A 65 2.66 -10.04 1.38
CA ALA A 65 1.62 -10.89 1.95
C ALA A 65 1.50 -10.67 3.45
N ASP A 66 2.63 -10.45 4.11
CA ASP A 66 2.67 -10.41 5.56
C ASP A 66 2.31 -9.03 6.09
N ASP A 67 1.17 -8.94 6.76
CA ASP A 67 0.66 -7.65 7.24
C ASP A 67 1.60 -7.03 8.26
N TYR A 68 2.21 -7.88 9.07
CA TYR A 68 2.91 -7.44 10.27
C TYR A 68 4.40 -7.27 10.00
N ARG A 69 4.84 -7.69 8.82
CA ARG A 69 6.22 -7.47 8.40
C ARG A 69 6.43 -6.02 8.01
N ASN A 70 7.61 -5.50 8.35
CA ASN A 70 7.90 -4.09 8.14
C ASN A 70 8.17 -3.80 6.67
N LEU A 71 7.84 -2.59 6.23
CA LEU A 71 8.06 -2.19 4.85
C LEU A 71 9.54 -2.25 4.49
N ASN A 72 10.39 -1.78 5.41
CA ASN A 72 11.83 -1.85 5.22
C ASN A 72 12.29 -3.31 5.09
N GLU A 73 11.67 -4.19 5.85
CA GLU A 73 12.04 -5.60 5.85
C GLU A 73 11.72 -6.25 4.51
N TYR A 74 10.68 -5.74 3.85
CA TYR A 74 10.27 -6.27 2.55
C TYR A 74 11.14 -5.70 1.44
N GLY A 75 11.81 -4.58 1.72
CA GLY A 75 12.59 -3.91 0.70
C GLY A 75 11.85 -2.76 0.07
N ILE A 76 10.93 -2.16 0.83
CA ILE A 76 10.17 -1.01 0.34
C ILE A 76 10.98 0.27 0.47
N THR A 77 11.29 0.90 -0.67
CA THR A 77 12.18 2.05 -0.69
C THR A 77 11.39 3.34 -0.97
N GLU A 78 12.11 4.45 -1.07
CA GLU A 78 11.49 5.73 -1.38
C GLU A 78 10.93 5.73 -2.79
N PHE A 79 11.35 4.77 -3.59
CA PHE A 79 10.90 4.67 -4.98
C PHE A 79 9.99 3.46 -5.19
N SER A 80 9.48 2.92 -4.08
CA SER A 80 8.69 1.70 -4.13
C SER A 80 7.51 1.85 -5.08
N GLU A 81 7.31 0.84 -5.92
CA GLU A 81 6.15 0.81 -6.81
C GLU A 81 5.31 -0.44 -6.57
N ILE A 82 4.06 -0.24 -6.15
CA ILE A 82 3.18 -1.34 -5.81
C ILE A 82 1.95 -1.37 -6.70
N VAL A 83 1.51 -2.57 -7.05
CA VAL A 83 0.29 -2.73 -7.85
C VAL A 83 -0.84 -3.29 -7.00
N VAL A 84 -1.98 -2.59 -7.01
CA VAL A 84 -3.05 -2.85 -6.06
C VAL A 84 -4.36 -3.15 -6.77
N PHE A 85 -5.06 -4.19 -6.31
CA PHE A 85 -6.32 -4.60 -6.92
C PHE A 85 -7.47 -4.47 -5.93
N LEU A 86 -8.62 -4.03 -6.44
CA LEU A 86 -9.79 -3.82 -5.58
C LEU A 86 -10.77 -4.98 -5.69
N LYS A 87 -11.28 -5.42 -4.56
CA LYS A 87 -12.28 -6.49 -4.55
C LYS A 87 -13.52 -6.06 -3.76
N SER A 88 -14.23 -5.06 -4.28
CA SER A 88 -15.53 -4.67 -3.74
C SER A 88 -16.34 -3.89 -4.76
N ILE A 89 -17.65 -3.83 -4.55
CA ILE A 89 -18.54 -3.08 -5.43
C ILE A 89 -19.04 -1.82 -4.76
N ASN A 90 -19.65 -1.97 -3.59
CA ASN A 90 -20.23 -0.85 -2.87
C ASN A 90 -19.14 0.06 -2.31
N ARG A 91 -19.44 1.34 -2.19
CA ARG A 91 -18.49 2.31 -1.69
C ARG A 91 -18.74 2.63 -0.22
N ALA A 92 -17.71 3.12 0.46
CA ALA A 92 -17.83 3.50 1.86
C ALA A 92 -16.83 4.58 2.23
N LYS A 93 -17.19 5.43 3.19
CA LYS A 93 -16.30 6.49 3.65
C LYS A 93 -15.04 5.92 4.29
N ASP A 94 -15.22 5.17 5.38
CA ASP A 94 -14.12 4.46 6.01
C ASP A 94 -13.83 3.16 5.26
N ALA A 11 11.15 17.98 7.82
CA ALA A 11 12.31 17.13 7.63
C ALA A 11 11.90 15.66 7.56
N ALA A 12 12.36 14.98 6.52
CA ALA A 12 12.07 13.56 6.34
C ALA A 12 13.18 12.70 6.90
N VAL A 13 12.88 12.00 7.99
CA VAL A 13 13.86 11.11 8.62
C VAL A 13 13.31 9.70 8.77
N ARG A 14 13.83 8.77 7.97
CA ARG A 14 13.32 7.42 7.93
C ARG A 14 11.89 7.39 7.41
N LYS A 15 11.54 8.39 6.62
CA LYS A 15 10.24 8.43 5.95
C LYS A 15 10.37 8.11 4.47
N ILE A 16 9.40 7.39 3.93
CA ILE A 16 9.43 6.98 2.53
C ILE A 16 8.07 7.16 1.87
N HIS A 17 8.08 7.37 0.55
CA HIS A 17 6.84 7.41 -0.22
C HIS A 17 6.65 6.13 -1.02
N VAL A 18 5.40 5.71 -1.19
CA VAL A 18 5.09 4.54 -1.99
C VAL A 18 4.09 4.87 -3.09
N THR A 19 4.42 4.43 -4.31
CA THR A 19 3.55 4.68 -5.45
C THR A 19 2.49 3.60 -5.60
N VAL A 20 1.23 4.01 -5.54
CA VAL A 20 0.12 3.05 -5.62
C VAL A 20 -0.47 3.01 -7.02
N LYS A 21 -0.33 1.86 -7.68
CA LYS A 21 -0.75 1.72 -9.06
C LYS A 21 -2.03 0.89 -9.16
N PHE A 22 -3.11 1.53 -9.62
CA PHE A 22 -4.28 0.79 -10.08
C PHE A 22 -4.37 0.81 -11.60
N PRO A 23 -5.10 -0.17 -12.16
CA PRO A 23 -5.32 -0.27 -13.60
C PRO A 23 -6.08 0.94 -14.15
N SER A 24 -6.85 1.60 -13.29
CA SER A 24 -7.71 2.70 -13.70
C SER A 24 -7.15 4.03 -13.24
N LYS A 25 -6.29 3.99 -12.23
CA LYS A 25 -5.81 5.21 -11.57
C LYS A 25 -4.47 4.95 -10.88
N GLN A 26 -3.75 6.04 -10.61
CA GLN A 26 -2.53 5.95 -9.82
C GLN A 26 -2.43 7.12 -8.84
N PHE A 27 -1.78 6.87 -7.70
CA PHE A 27 -1.53 7.92 -6.72
C PHE A 27 -0.44 7.50 -5.74
N THR A 28 0.09 8.47 -5.01
CA THR A 28 1.19 8.21 -4.09
C THR A 28 0.75 8.36 -2.64
N VAL A 29 1.39 7.60 -1.75
CA VAL A 29 1.11 7.70 -0.32
C VAL A 29 2.40 7.87 0.48
N GLU A 30 2.26 8.40 1.69
CA GLU A 30 3.42 8.64 2.55
C GLU A 30 3.40 7.72 3.76
N VAL A 31 4.48 6.97 3.95
CA VAL A 31 4.59 6.03 5.07
C VAL A 31 5.97 6.11 5.71
N ASP A 32 6.11 5.44 6.86
CA ASP A 32 7.40 5.38 7.54
C ASP A 32 8.15 4.11 7.16
N ARG A 33 9.47 4.20 7.11
CA ARG A 33 10.30 3.08 6.70
C ARG A 33 10.20 1.94 7.71
N THR A 34 10.02 2.28 8.98
CA THR A 34 10.07 1.29 10.05
C THR A 34 8.69 0.70 10.31
N GLU A 35 7.67 1.26 9.65
CA GLU A 35 6.30 0.77 9.80
C GLU A 35 6.09 -0.48 8.96
N THR A 36 5.10 -1.28 9.34
CA THR A 36 4.76 -2.49 8.60
C THR A 36 3.82 -2.18 7.44
N VAL A 37 3.60 -3.16 6.58
CA VAL A 37 2.77 -2.97 5.40
C VAL A 37 1.32 -2.69 5.79
N SER A 38 0.96 -3.06 7.02
CA SER A 38 -0.39 -2.82 7.52
C SER A 38 -0.70 -1.34 7.57
N SER A 39 0.33 -0.51 7.76
CA SER A 39 0.19 0.93 7.68
C SER A 39 0.05 1.38 6.24
N LEU A 40 0.78 0.72 5.35
CA LEU A 40 0.74 1.06 3.92
C LEU A 40 -0.64 0.76 3.35
N LYS A 41 -1.18 -0.40 3.67
CA LYS A 41 -2.48 -0.82 3.14
C LYS A 41 -3.60 0.02 3.75
N ASP A 42 -3.41 0.46 4.98
CA ASP A 42 -4.35 1.38 5.62
C ASP A 42 -4.50 2.64 4.80
N LYS A 43 -3.39 3.18 4.31
CA LYS A 43 -3.40 4.38 3.49
C LYS A 43 -4.17 4.15 2.19
N ILE A 44 -3.96 2.98 1.59
CA ILE A 44 -4.72 2.59 0.41
C ILE A 44 -6.21 2.51 0.69
N HIS A 45 -6.54 1.97 1.86
CA HIS A 45 -7.95 1.83 2.26
C HIS A 45 -8.58 3.21 2.49
N ILE A 46 -7.80 4.13 3.03
CA ILE A 46 -8.28 5.48 3.28
C ILE A 46 -8.60 6.20 1.98
N VAL A 47 -7.73 6.05 0.99
CA VAL A 47 -7.91 6.71 -0.30
C VAL A 47 -9.03 6.05 -1.10
N GLU A 48 -9.09 4.73 -1.04
CA GLU A 48 -10.04 3.96 -1.84
C GLU A 48 -11.31 3.67 -1.04
N ASN A 49 -12.25 2.98 -1.67
CA ASN A 49 -13.51 2.65 -1.02
C ASN A 49 -13.67 1.13 -0.86
N THR A 50 -12.54 0.43 -0.90
CA THR A 50 -12.54 -1.03 -0.84
C THR A 50 -11.95 -1.52 0.48
N PRO A 51 -12.68 -2.42 1.16
CA PRO A 51 -12.23 -3.01 2.42
C PRO A 51 -10.84 -3.64 2.30
N ILE A 52 -10.06 -3.52 3.36
CA ILE A 52 -8.70 -4.07 3.37
C ILE A 52 -8.72 -5.57 3.13
N LYS A 53 -9.73 -6.24 3.69
CA LYS A 53 -9.84 -7.68 3.58
C LYS A 53 -10.07 -8.11 2.14
N ARG A 54 -10.58 -7.19 1.34
CA ARG A 54 -10.88 -7.48 -0.06
C ARG A 54 -9.79 -6.97 -0.99
N MET A 55 -9.20 -5.83 -0.63
CA MET A 55 -8.16 -5.23 -1.45
C MET A 55 -6.92 -6.11 -1.50
N GLN A 56 -6.40 -6.32 -2.70
CA GLN A 56 -5.21 -7.15 -2.89
C GLN A 56 -3.98 -6.27 -3.14
N LEU A 57 -2.88 -6.60 -2.47
CA LEU A 57 -1.70 -5.74 -2.47
C LEU A 57 -0.47 -6.50 -2.94
N TYR A 58 0.11 -6.07 -4.05
CA TYR A 58 1.35 -6.66 -4.55
C TYR A 58 2.43 -5.60 -4.70
N TYR A 59 3.67 -5.99 -4.38
CA TYR A 59 4.81 -5.10 -4.54
C TYR A 59 5.79 -5.67 -5.57
N SER A 60 6.26 -4.80 -6.47
CA SER A 60 7.26 -5.18 -7.45
C SER A 60 8.17 -6.28 -6.90
N GLY A 61 7.94 -7.51 -7.35
CA GLY A 61 8.78 -8.62 -6.93
C GLY A 61 8.15 -9.42 -5.80
N ILE A 62 8.28 -8.93 -4.58
CA ILE A 62 7.78 -9.64 -3.41
C ILE A 62 6.39 -9.12 -3.02
N GLU A 63 5.44 -10.04 -2.87
CA GLU A 63 4.08 -9.68 -2.47
C GLU A 63 4.03 -9.32 -0.99
N LEU A 64 3.33 -8.24 -0.68
CA LEU A 64 3.26 -7.72 0.69
C LEU A 64 2.18 -8.44 1.49
N ALA A 65 2.34 -9.75 1.66
CA ALA A 65 1.26 -10.59 2.16
C ALA A 65 1.21 -10.56 3.67
N ASP A 66 2.38 -10.50 4.31
CA ASP A 66 2.48 -10.68 5.75
C ASP A 66 2.39 -9.34 6.47
N ASP A 67 1.47 -9.24 7.42
CA ASP A 67 1.21 -7.99 8.12
C ASP A 67 2.38 -7.65 9.05
N TYR A 68 2.96 -8.67 9.66
CA TYR A 68 3.94 -8.46 10.72
C TYR A 68 5.30 -8.08 10.15
N ARG A 69 5.45 -8.24 8.83
CA ARG A 69 6.70 -7.90 8.16
C ARG A 69 6.77 -6.40 7.90
N ASN A 70 7.97 -5.84 8.08
CA ASN A 70 8.16 -4.40 7.94
C ASN A 70 8.35 -4.01 6.48
N LEU A 71 8.06 -2.74 6.17
CA LEU A 71 8.28 -2.23 4.83
C LEU A 71 9.75 -2.36 4.42
N ASN A 72 10.65 -2.08 5.36
CA ASN A 72 12.07 -2.22 5.11
C ASN A 72 12.44 -3.66 4.80
N GLU A 73 11.79 -4.59 5.50
CA GLU A 73 12.09 -6.02 5.32
C GLU A 73 11.69 -6.49 3.92
N TYR A 74 10.68 -5.84 3.36
CA TYR A 74 10.20 -6.19 2.03
C TYR A 74 11.08 -5.56 0.95
N GLY A 75 11.85 -4.55 1.34
CA GLY A 75 12.63 -3.79 0.37
C GLY A 75 11.88 -2.58 -0.15
N ILE A 76 10.96 -2.06 0.65
CA ILE A 76 10.18 -0.89 0.25
C ILE A 76 10.98 0.39 0.42
N THR A 77 11.22 1.07 -0.70
CA THR A 77 12.06 2.26 -0.69
C THR A 77 11.24 3.52 -0.96
N GLU A 78 11.91 4.67 -0.99
CA GLU A 78 11.26 5.92 -1.33
C GLU A 78 10.62 5.86 -2.71
N PHE A 79 11.14 4.97 -3.55
CA PHE A 79 10.69 4.88 -4.94
C PHE A 79 9.88 3.61 -5.16
N SER A 80 9.41 3.01 -4.07
CA SER A 80 8.66 1.76 -4.15
C SER A 80 7.45 1.90 -5.07
N GLU A 81 7.25 0.90 -5.92
CA GLU A 81 6.07 0.87 -6.78
C GLU A 81 5.25 -0.40 -6.51
N ILE A 82 4.02 -0.22 -6.05
CA ILE A 82 3.16 -1.34 -5.71
C ILE A 82 1.92 -1.37 -6.59
N VAL A 83 1.48 -2.57 -6.94
CA VAL A 83 0.29 -2.74 -7.76
C VAL A 83 -0.87 -3.28 -6.93
N VAL A 84 -2.01 -2.59 -6.97
CA VAL A 84 -3.10 -2.86 -6.07
C VAL A 84 -4.39 -3.15 -6.83
N PHE A 85 -5.11 -4.20 -6.41
CA PHE A 85 -6.34 -4.60 -7.06
C PHE A 85 -7.53 -4.47 -6.10
N LEU A 86 -8.66 -4.04 -6.64
CA LEU A 86 -9.85 -3.84 -5.83
C LEU A 86 -10.84 -4.98 -6.01
N LYS A 87 -11.39 -5.46 -4.91
CA LYS A 87 -12.39 -6.53 -4.95
C LYS A 87 -13.66 -6.11 -4.22
N SER A 88 -14.40 -5.17 -4.81
CA SER A 88 -15.68 -4.75 -4.27
C SER A 88 -16.49 -3.99 -5.31
N ILE A 89 -17.79 -3.88 -5.07
CA ILE A 89 -18.66 -3.09 -5.94
C ILE A 89 -19.24 -1.90 -5.19
N ASN A 90 -19.78 -2.15 -4.00
CA ASN A 90 -20.36 -1.10 -3.18
C ASN A 90 -19.28 -0.16 -2.64
N ARG A 91 -19.66 1.09 -2.39
CA ARG A 91 -18.72 2.09 -1.91
C ARG A 91 -18.99 2.44 -0.46
N ALA A 92 -17.97 2.93 0.23
CA ALA A 92 -18.10 3.31 1.64
C ALA A 92 -17.09 4.40 2.01
N LYS A 93 -17.45 5.23 2.99
CA LYS A 93 -16.57 6.28 3.47
C LYS A 93 -15.37 5.68 4.20
N ASP A 94 -15.64 5.01 5.31
CA ASP A 94 -14.59 4.30 6.06
C ASP A 94 -14.12 3.07 5.30
N ALA A 11 11.35 18.61 7.59
CA ALA A 11 12.50 17.72 7.50
C ALA A 11 12.05 16.26 7.36
N ALA A 12 12.44 15.62 6.27
CA ALA A 12 12.09 14.22 6.05
C ALA A 12 13.11 13.28 6.68
N VAL A 13 12.70 12.63 7.77
CA VAL A 13 13.59 11.73 8.50
C VAL A 13 12.96 10.35 8.65
N ARG A 14 13.50 9.37 7.92
CA ARG A 14 13.01 8.01 7.98
C ARG A 14 11.58 7.93 7.43
N LYS A 15 11.24 8.86 6.55
CA LYS A 15 9.96 8.81 5.85
C LYS A 15 10.14 8.38 4.40
N ILE A 16 9.15 7.68 3.87
CA ILE A 16 9.15 7.29 2.47
C ILE A 16 7.77 7.48 1.85
N HIS A 17 7.74 7.67 0.53
CA HIS A 17 6.50 7.67 -0.21
C HIS A 17 6.42 6.46 -1.15
N VAL A 18 5.23 5.86 -1.24
CA VAL A 18 5.04 4.68 -2.08
C VAL A 18 4.05 4.96 -3.20
N THR A 19 4.40 4.53 -4.41
CA THR A 19 3.56 4.77 -5.57
C THR A 19 2.50 3.67 -5.72
N VAL A 20 1.24 4.07 -5.64
CA VAL A 20 0.13 3.13 -5.72
C VAL A 20 -0.43 3.06 -7.14
N LYS A 21 -0.28 1.89 -7.76
CA LYS A 21 -0.72 1.70 -9.15
C LYS A 21 -2.00 0.88 -9.21
N PHE A 22 -3.08 1.51 -9.67
CA PHE A 22 -4.24 0.77 -10.16
C PHE A 22 -4.30 0.81 -11.68
N PRO A 23 -5.04 -0.14 -12.27
CA PRO A 23 -5.20 -0.23 -13.73
C PRO A 23 -5.87 1.00 -14.31
N SER A 24 -6.64 1.70 -13.48
CA SER A 24 -7.45 2.82 -13.95
C SER A 24 -7.03 4.12 -13.29
N LYS A 25 -6.23 4.00 -12.23
CA LYS A 25 -5.84 5.15 -11.42
C LYS A 25 -4.46 4.94 -10.80
N GLN A 26 -3.76 6.03 -10.55
CA GLN A 26 -2.51 5.99 -9.79
C GLN A 26 -2.42 7.17 -8.82
N PHE A 27 -1.76 6.95 -7.69
CA PHE A 27 -1.55 8.02 -6.72
C PHE A 27 -0.46 7.63 -5.71
N THR A 28 0.04 8.62 -4.97
CA THR A 28 1.15 8.41 -4.06
C THR A 28 0.69 8.51 -2.61
N VAL A 29 1.23 7.65 -1.76
CA VAL A 29 0.92 7.67 -0.34
C VAL A 29 2.18 7.81 0.50
N GLU A 30 2.03 8.38 1.70
CA GLU A 30 3.17 8.64 2.57
C GLU A 30 3.16 7.70 3.77
N VAL A 31 4.27 6.99 3.97
CA VAL A 31 4.40 6.06 5.09
C VAL A 31 5.77 6.19 5.74
N ASP A 32 5.92 5.57 6.90
CA ASP A 32 7.19 5.57 7.61
C ASP A 32 8.00 4.30 7.31
N ARG A 33 9.32 4.42 7.38
CA ARG A 33 10.19 3.29 7.11
C ARG A 33 9.97 2.17 8.12
N THR A 34 9.69 2.54 9.36
CA THR A 34 9.61 1.58 10.46
C THR A 34 8.22 0.97 10.55
N GLU A 35 7.30 1.47 9.73
CA GLU A 35 5.92 1.00 9.75
C GLU A 35 5.77 -0.28 8.93
N THR A 36 4.73 -1.05 9.22
CA THR A 36 4.47 -2.29 8.51
C THR A 36 3.64 -2.06 7.25
N VAL A 37 3.48 -3.09 6.45
CA VAL A 37 2.74 -2.98 5.19
C VAL A 37 1.27 -2.69 5.44
N SER A 38 0.78 -3.09 6.61
CA SER A 38 -0.61 -2.89 6.97
C SER A 38 -0.94 -1.41 7.11
N SER A 39 0.06 -0.62 7.50
CA SER A 39 -0.07 0.83 7.51
C SER A 39 -0.08 1.40 6.11
N LEU A 40 0.72 0.82 5.23
CA LEU A 40 0.68 1.14 3.81
C LEU A 40 -0.67 0.78 3.21
N LYS A 41 -1.20 -0.38 3.62
CA LYS A 41 -2.52 -0.81 3.18
C LYS A 41 -3.60 0.09 3.72
N ASP A 42 -3.42 0.56 4.96
CA ASP A 42 -4.35 1.52 5.55
C ASP A 42 -4.41 2.80 4.71
N LYS A 43 -3.25 3.27 4.27
CA LYS A 43 -3.18 4.47 3.45
C LYS A 43 -3.92 4.27 2.13
N ILE A 44 -3.76 3.09 1.54
CA ILE A 44 -4.54 2.70 0.37
C ILE A 44 -6.03 2.65 0.69
N HIS A 45 -6.35 2.12 1.86
CA HIS A 45 -7.74 2.00 2.30
C HIS A 45 -8.37 3.36 2.50
N ILE A 46 -7.59 4.31 2.97
CA ILE A 46 -8.07 5.67 3.20
C ILE A 46 -8.45 6.34 1.89
N VAL A 47 -7.64 6.15 0.87
CA VAL A 47 -7.90 6.72 -0.45
C VAL A 47 -9.02 5.96 -1.17
N GLU A 48 -9.01 4.65 -1.04
CA GLU A 48 -9.95 3.80 -1.78
C GLU A 48 -11.20 3.52 -0.96
N ASN A 49 -12.11 2.76 -1.52
CA ASN A 49 -13.35 2.40 -0.83
C ASN A 49 -13.43 0.90 -0.59
N THR A 50 -12.27 0.24 -0.63
CA THR A 50 -12.21 -1.21 -0.50
C THR A 50 -11.52 -1.61 0.80
N PRO A 51 -12.17 -2.50 1.56
CA PRO A 51 -11.62 -3.02 2.82
C PRO A 51 -10.23 -3.60 2.64
N ILE A 52 -9.39 -3.42 3.67
CA ILE A 52 -8.02 -3.93 3.62
C ILE A 52 -8.00 -5.44 3.44
N LYS A 53 -8.95 -6.13 4.08
CA LYS A 53 -9.01 -7.58 4.03
C LYS A 53 -9.36 -8.07 2.63
N ARG A 54 -9.95 -7.18 1.83
CA ARG A 54 -10.36 -7.54 0.48
C ARG A 54 -9.35 -7.03 -0.55
N MET A 55 -8.81 -5.84 -0.29
CA MET A 55 -7.83 -5.24 -1.21
C MET A 55 -6.55 -6.07 -1.24
N GLN A 56 -6.03 -6.31 -2.43
CA GLN A 56 -4.81 -7.09 -2.61
C GLN A 56 -3.64 -6.19 -2.97
N LEU A 57 -2.49 -6.43 -2.36
CA LEU A 57 -1.35 -5.54 -2.46
C LEU A 57 -0.11 -6.29 -2.95
N TYR A 58 0.36 -5.92 -4.14
CA TYR A 58 1.57 -6.53 -4.70
C TYR A 58 2.68 -5.50 -4.81
N TYR A 59 3.89 -5.91 -4.45
CA TYR A 59 5.07 -5.06 -4.61
C TYR A 59 6.04 -5.66 -5.62
N SER A 60 6.57 -4.82 -6.50
CA SER A 60 7.61 -5.24 -7.44
C SER A 60 8.37 -6.45 -6.90
N GLY A 61 8.04 -7.63 -7.42
CA GLY A 61 8.68 -8.85 -6.98
C GLY A 61 7.86 -9.61 -5.97
N ILE A 62 7.83 -9.10 -4.73
CA ILE A 62 7.18 -9.81 -3.63
C ILE A 62 5.78 -9.25 -3.38
N GLU A 63 4.80 -10.15 -3.28
CA GLU A 63 3.45 -9.77 -2.88
C GLU A 63 3.38 -9.52 -1.38
N LEU A 64 2.71 -8.44 -1.00
CA LEU A 64 2.74 -7.97 0.38
C LEU A 64 1.56 -8.53 1.17
N ALA A 65 1.60 -9.83 1.44
CA ALA A 65 0.43 -10.53 1.98
C ALA A 65 0.55 -10.70 3.48
N ASP A 66 1.75 -10.50 4.01
CA ASP A 66 2.00 -10.68 5.44
C ASP A 66 2.05 -9.33 6.15
N ASP A 67 1.10 -9.11 7.06
CA ASP A 67 0.95 -7.83 7.72
C ASP A 67 2.04 -7.64 8.79
N TYR A 68 2.49 -8.75 9.37
CA TYR A 68 3.45 -8.70 10.46
C TYR A 68 4.86 -8.44 9.93
N ARG A 69 5.02 -8.56 8.61
CA ARG A 69 6.26 -8.14 7.96
C ARG A 69 6.24 -6.66 7.65
N ASN A 70 7.37 -5.99 7.90
CA ASN A 70 7.44 -4.53 7.82
C ASN A 70 7.96 -4.09 6.45
N LEU A 71 7.81 -2.82 6.15
CA LEU A 71 8.16 -2.28 4.83
C LEU A 71 9.63 -2.54 4.52
N ASN A 72 10.47 -2.44 5.55
CA ASN A 72 11.92 -2.56 5.36
C ASN A 72 12.28 -3.97 4.92
N GLU A 73 11.57 -4.96 5.45
CA GLU A 73 11.86 -6.36 5.16
C GLU A 73 11.57 -6.67 3.68
N TYR A 74 10.65 -5.93 3.10
CA TYR A 74 10.21 -6.19 1.73
C TYR A 74 11.07 -5.41 0.74
N GLY A 75 11.92 -4.54 1.26
CA GLY A 75 12.74 -3.70 0.40
C GLY A 75 11.98 -2.49 -0.13
N ILE A 76 11.05 -2.00 0.68
CA ILE A 76 10.25 -0.84 0.28
C ILE A 76 11.05 0.46 0.41
N THR A 77 11.36 1.06 -0.73
CA THR A 77 12.24 2.22 -0.76
C THR A 77 11.46 3.51 -1.00
N GLU A 78 12.19 4.62 -1.07
CA GLU A 78 11.56 5.90 -1.36
C GLU A 78 10.81 5.86 -2.69
N PHE A 79 11.24 4.97 -3.59
CA PHE A 79 10.70 4.91 -4.94
C PHE A 79 9.87 3.65 -5.14
N SER A 80 9.37 3.09 -4.03
CA SER A 80 8.63 1.84 -4.07
C SER A 80 7.47 1.92 -5.06
N GLU A 81 7.38 0.94 -5.94
CA GLU A 81 6.26 0.83 -6.86
C GLU A 81 5.41 -0.39 -6.54
N ILE A 82 4.16 -0.18 -6.15
CA ILE A 82 3.27 -1.27 -5.78
C ILE A 82 2.04 -1.30 -6.69
N VAL A 83 1.58 -2.50 -7.02
CA VAL A 83 0.38 -2.67 -7.81
C VAL A 83 -0.76 -3.24 -6.95
N VAL A 84 -1.89 -2.55 -6.97
CA VAL A 84 -2.97 -2.83 -6.02
C VAL A 84 -4.26 -3.21 -6.74
N PHE A 85 -4.91 -4.26 -6.25
CA PHE A 85 -6.15 -4.73 -6.84
C PHE A 85 -7.31 -4.64 -5.86
N LEU A 86 -8.48 -4.25 -6.36
CA LEU A 86 -9.65 -4.07 -5.50
C LEU A 86 -10.60 -5.26 -5.61
N LYS A 87 -11.09 -5.72 -4.47
CA LYS A 87 -12.04 -6.83 -4.45
C LYS A 87 -13.31 -6.45 -3.69
N SER A 88 -14.08 -5.53 -4.27
CA SER A 88 -15.38 -5.16 -3.71
C SER A 88 -16.23 -4.44 -4.75
N ILE A 89 -17.53 -4.41 -4.52
CA ILE A 89 -18.46 -3.70 -5.41
C ILE A 89 -19.02 -2.46 -4.72
N ASN A 90 -19.58 -2.65 -3.53
CA ASN A 90 -20.16 -1.54 -2.77
C ASN A 90 -19.08 -0.58 -2.32
N ARG A 91 -19.48 0.66 -2.02
CA ARG A 91 -18.53 1.70 -1.63
C ARG A 91 -18.79 2.15 -0.19
N ALA A 92 -17.84 2.90 0.36
CA ALA A 92 -17.97 3.42 1.71
C ALA A 92 -17.10 4.66 1.90
N LYS A 93 -17.49 5.52 2.84
CA LYS A 93 -16.69 6.70 3.18
C LYS A 93 -15.32 6.29 3.70
N ASP A 94 -15.30 5.55 4.81
CA ASP A 94 -14.05 4.99 5.33
C ASP A 94 -13.60 3.81 4.48
N ALA A 11 11.48 17.92 7.71
CA ALA A 11 12.64 17.05 7.59
C ALA A 11 12.23 15.59 7.51
N ALA A 12 12.63 14.91 6.44
CA ALA A 12 12.30 13.50 6.26
C ALA A 12 13.42 12.62 6.79
N VAL A 13 13.15 11.91 7.89
CA VAL A 13 14.12 11.03 8.51
C VAL A 13 13.55 9.62 8.67
N ARG A 14 14.06 8.69 7.87
CA ARG A 14 13.53 7.33 7.86
C ARG A 14 12.09 7.31 7.35
N LYS A 15 11.74 8.31 6.55
CA LYS A 15 10.43 8.34 5.90
C LYS A 15 10.56 8.00 4.42
N ILE A 16 9.55 7.30 3.89
CA ILE A 16 9.55 6.90 2.50
C ILE A 16 8.19 7.11 1.86
N HIS A 17 8.17 7.29 0.55
CA HIS A 17 6.92 7.35 -0.21
C HIS A 17 6.68 6.05 -0.96
N VAL A 18 5.41 5.70 -1.15
CA VAL A 18 5.05 4.53 -1.93
C VAL A 18 4.08 4.89 -3.05
N THR A 19 4.39 4.45 -4.27
CA THR A 19 3.54 4.71 -5.42
C THR A 19 2.48 3.63 -5.56
N VAL A 20 1.21 4.04 -5.51
CA VAL A 20 0.10 3.11 -5.57
C VAL A 20 -0.50 3.05 -6.97
N LYS A 21 -0.38 1.90 -7.62
CA LYS A 21 -0.82 1.74 -9.01
C LYS A 21 -2.09 0.91 -9.07
N PHE A 22 -3.17 1.54 -9.54
CA PHE A 22 -4.33 0.82 -10.02
C PHE A 22 -4.39 0.84 -11.54
N PRO A 23 -5.13 -0.12 -12.13
CA PRO A 23 -5.29 -0.23 -13.58
C PRO A 23 -5.94 1.01 -14.19
N SER A 24 -6.72 1.71 -13.39
CA SER A 24 -7.47 2.86 -13.88
C SER A 24 -7.08 4.13 -13.13
N LYS A 25 -6.33 3.97 -12.04
CA LYS A 25 -6.02 5.07 -11.15
C LYS A 25 -4.60 4.94 -10.58
N GLN A 26 -3.97 6.07 -10.30
CA GLN A 26 -2.67 6.07 -9.64
C GLN A 26 -2.59 7.20 -8.61
N PHE A 27 -1.87 6.95 -7.53
CA PHE A 27 -1.60 7.98 -6.53
C PHE A 27 -0.48 7.55 -5.60
N THR A 28 0.07 8.51 -4.86
CA THR A 28 1.19 8.25 -3.96
C THR A 28 0.78 8.42 -2.50
N VAL A 29 1.43 7.67 -1.62
CA VAL A 29 1.19 7.77 -0.19
C VAL A 29 2.49 7.93 0.58
N GLU A 30 2.40 8.47 1.79
CA GLU A 30 3.59 8.71 2.61
C GLU A 30 3.56 7.80 3.84
N VAL A 31 4.63 7.02 4.01
CA VAL A 31 4.74 6.09 5.13
C VAL A 31 6.12 6.13 5.75
N ASP A 32 6.27 5.46 6.89
CA ASP A 32 7.57 5.36 7.55
C ASP A 32 8.30 4.09 7.12
N ARG A 33 9.63 4.17 7.05
CA ARG A 33 10.44 3.06 6.61
C ARG A 33 10.35 1.89 7.60
N THR A 34 10.18 2.22 8.88
CA THR A 34 10.21 1.22 9.94
C THR A 34 8.82 0.67 10.20
N GLU A 35 7.82 1.23 9.53
CA GLU A 35 6.44 0.77 9.69
C GLU A 35 6.19 -0.49 8.87
N THR A 36 5.15 -1.22 9.24
CA THR A 36 4.77 -2.43 8.53
C THR A 36 3.79 -2.12 7.40
N VAL A 37 3.56 -3.11 6.53
CA VAL A 37 2.67 -2.92 5.39
C VAL A 37 1.24 -2.67 5.84
N SER A 38 0.93 -3.06 7.07
CA SER A 38 -0.41 -2.86 7.62
C SER A 38 -0.73 -1.37 7.71
N SER A 39 0.29 -0.56 7.89
CA SER A 39 0.13 0.90 7.83
C SER A 39 -0.03 1.37 6.38
N LEU A 40 0.70 0.73 5.48
CA LEU A 40 0.65 1.09 4.06
C LEU A 40 -0.74 0.81 3.49
N LYS A 41 -1.27 -0.37 3.80
CA LYS A 41 -2.56 -0.79 3.26
C LYS A 41 -3.70 0.06 3.83
N ASP A 42 -3.53 0.51 5.06
CA ASP A 42 -4.46 1.45 5.67
C ASP A 42 -4.56 2.73 4.84
N LYS A 43 -3.42 3.23 4.40
CA LYS A 43 -3.38 4.43 3.57
C LYS A 43 -4.13 4.21 2.26
N ILE A 44 -3.94 3.04 1.67
CA ILE A 44 -4.65 2.68 0.45
C ILE A 44 -6.16 2.63 0.70
N HIS A 45 -6.56 2.08 1.84
CA HIS A 45 -7.97 1.95 2.19
C HIS A 45 -8.59 3.32 2.44
N ILE A 46 -7.80 4.22 3.02
CA ILE A 46 -8.28 5.57 3.30
C ILE A 46 -8.56 6.33 2.00
N VAL A 47 -7.66 6.19 1.04
CA VAL A 47 -7.82 6.86 -0.25
C VAL A 47 -8.93 6.22 -1.07
N GLU A 48 -9.01 4.90 -1.03
CA GLU A 48 -9.97 4.16 -1.84
C GLU A 48 -11.23 3.85 -1.04
N ASN A 49 -12.15 3.11 -1.64
CA ASN A 49 -13.42 2.80 -1.00
C ASN A 49 -13.64 1.28 -0.93
N THR A 50 -12.55 0.53 -1.00
CA THR A 50 -12.61 -0.93 -0.94
C THR A 50 -11.96 -1.45 0.33
N PRO A 51 -12.68 -2.33 1.05
CA PRO A 51 -12.20 -2.93 2.28
C PRO A 51 -10.84 -3.61 2.11
N ILE A 52 -10.00 -3.52 3.14
CA ILE A 52 -8.67 -4.11 3.09
C ILE A 52 -8.76 -5.62 2.88
N LYS A 53 -9.78 -6.25 3.46
CA LYS A 53 -9.96 -7.68 3.35
C LYS A 53 -10.26 -8.08 1.90
N ARG A 54 -10.73 -7.12 1.12
CA ARG A 54 -11.02 -7.37 -0.29
C ARG A 54 -9.88 -6.87 -1.19
N MET A 55 -9.15 -5.88 -0.69
CA MET A 55 -8.04 -5.31 -1.46
C MET A 55 -6.83 -6.24 -1.43
N GLN A 56 -6.23 -6.45 -2.60
CA GLN A 56 -5.01 -7.24 -2.70
C GLN A 56 -3.81 -6.34 -2.98
N LEU A 57 -2.73 -6.56 -2.23
CA LEU A 57 -1.60 -5.64 -2.24
C LEU A 57 -0.33 -6.35 -2.71
N TYR A 58 0.15 -5.99 -3.89
CA TYR A 58 1.35 -6.58 -4.45
C TYR A 58 2.45 -5.54 -4.61
N TYR A 59 3.68 -5.92 -4.28
CA TYR A 59 4.84 -5.05 -4.48
C TYR A 59 5.79 -5.65 -5.51
N SER A 60 6.29 -4.81 -6.40
CA SER A 60 7.29 -5.23 -7.37
C SER A 60 8.14 -6.38 -6.83
N GLY A 61 7.84 -7.59 -7.28
CA GLY A 61 8.57 -8.76 -6.81
C GLY A 61 7.81 -9.51 -5.73
N ILE A 62 7.87 -9.01 -4.51
CA ILE A 62 7.27 -9.70 -3.37
C ILE A 62 5.88 -9.15 -3.06
N GLU A 63 4.91 -10.04 -2.92
CA GLU A 63 3.57 -9.67 -2.48
C GLU A 63 3.55 -9.33 -1.00
N LEU A 64 2.90 -8.22 -0.65
CA LEU A 64 2.95 -7.70 0.71
C LEU A 64 1.88 -8.37 1.58
N ALA A 65 2.01 -9.67 1.78
CA ALA A 65 0.94 -10.47 2.35
C ALA A 65 1.03 -10.49 3.87
N ASP A 66 2.25 -10.38 4.39
CA ASP A 66 2.50 -10.60 5.81
C ASP A 66 2.47 -9.28 6.58
N ASP A 67 1.53 -9.19 7.52
CA ASP A 67 1.31 -7.94 8.24
C ASP A 67 2.49 -7.61 9.15
N TYR A 68 3.10 -8.64 9.73
CA TYR A 68 4.11 -8.46 10.75
C TYR A 68 5.45 -8.07 10.13
N ARG A 69 5.55 -8.22 8.81
CA ARG A 69 6.77 -7.86 8.10
C ARG A 69 6.84 -6.36 7.86
N ASN A 70 8.04 -5.79 8.01
CA ASN A 70 8.23 -4.35 7.87
C ASN A 70 8.41 -3.97 6.41
N LEU A 71 8.13 -2.71 6.09
CA LEU A 71 8.34 -2.19 4.74
C LEU A 71 9.80 -2.34 4.33
N ASN A 72 10.70 -2.05 5.25
CA ASN A 72 12.13 -2.21 5.00
C ASN A 72 12.47 -3.67 4.70
N GLU A 73 11.82 -4.58 5.40
CA GLU A 73 12.08 -6.01 5.23
C GLU A 73 11.62 -6.48 3.86
N TYR A 74 10.62 -5.80 3.31
CA TYR A 74 10.12 -6.13 1.98
C TYR A 74 11.01 -5.54 0.89
N GLY A 75 11.82 -4.55 1.28
CA GLY A 75 12.62 -3.83 0.31
C GLY A 75 11.90 -2.61 -0.24
N ILE A 76 11.02 -2.03 0.56
CA ILE A 76 10.25 -0.87 0.14
C ILE A 76 11.08 0.41 0.26
N THR A 77 11.37 1.02 -0.89
CA THR A 77 12.22 2.20 -0.93
C THR A 77 11.39 3.47 -1.13
N GLU A 78 12.07 4.61 -1.14
CA GLU A 78 11.40 5.89 -1.34
C GLU A 78 10.66 5.92 -2.67
N PHE A 79 11.13 5.13 -3.63
CA PHE A 79 10.57 5.14 -4.97
C PHE A 79 9.82 3.84 -5.25
N SER A 80 9.45 3.13 -4.19
CA SER A 80 8.79 1.84 -4.32
C SER A 80 7.52 1.96 -5.16
N GLU A 81 7.23 0.91 -5.93
CA GLU A 81 6.02 0.89 -6.75
C GLU A 81 5.20 -0.37 -6.47
N ILE A 82 3.98 -0.17 -5.99
CA ILE A 82 3.11 -1.29 -5.63
C ILE A 82 1.88 -1.32 -6.53
N VAL A 83 1.43 -2.52 -6.87
CA VAL A 83 0.22 -2.70 -7.67
C VAL A 83 -0.92 -3.27 -6.83
N VAL A 84 -2.07 -2.58 -6.86
CA VAL A 84 -3.16 -2.90 -5.95
C VAL A 84 -4.40 -3.34 -6.72
N PHE A 85 -4.98 -4.46 -6.32
CA PHE A 85 -6.13 -5.03 -7.02
C PHE A 85 -7.39 -4.95 -6.16
N LEU A 86 -8.51 -4.66 -6.79
CA LEU A 86 -9.77 -4.48 -6.07
C LEU A 86 -10.69 -5.68 -6.25
N LYS A 87 -11.29 -6.14 -5.16
CA LYS A 87 -12.34 -7.15 -5.22
C LYS A 87 -13.63 -6.62 -4.61
N SER A 88 -14.28 -5.69 -5.30
CA SER A 88 -15.56 -5.16 -4.86
C SER A 88 -16.39 -4.68 -6.04
N ILE A 89 -17.71 -4.78 -5.93
CA ILE A 89 -18.61 -4.32 -6.98
C ILE A 89 -19.31 -3.03 -6.57
N ASN A 90 -19.98 -3.06 -5.43
CA ASN A 90 -20.63 -1.87 -4.89
C ASN A 90 -19.60 -0.80 -4.53
N ARG A 91 -20.04 0.44 -4.47
CA ARG A 91 -19.13 1.57 -4.24
C ARG A 91 -19.41 2.23 -2.90
N ALA A 92 -18.58 3.20 -2.53
CA ALA A 92 -18.76 3.93 -1.29
C ALA A 92 -18.11 5.31 -1.37
N LYS A 93 -18.64 6.25 -0.59
CA LYS A 93 -18.10 7.61 -0.56
C LYS A 93 -16.67 7.62 -0.02
N ASP A 94 -16.52 7.22 1.25
CA ASP A 94 -15.20 7.13 1.85
C ASP A 94 -14.39 6.00 1.22
N ALA A 11 13.06 17.90 7.39
CA ALA A 11 14.04 16.83 7.45
C ALA A 11 13.37 15.46 7.40
N ALA A 12 13.71 14.68 6.38
CA ALA A 12 13.15 13.34 6.22
C ALA A 12 13.95 12.31 7.01
N VAL A 13 13.30 11.68 7.99
CA VAL A 13 13.95 10.68 8.81
C VAL A 13 13.09 9.43 8.94
N ARG A 14 13.53 8.35 8.30
CA ARG A 14 12.77 7.11 8.27
C ARG A 14 11.46 7.31 7.50
N LYS A 15 11.44 8.30 6.61
CA LYS A 15 10.27 8.57 5.79
C LYS A 15 10.49 8.07 4.37
N ILE A 16 9.47 7.40 3.82
CA ILE A 16 9.51 6.95 2.44
C ILE A 16 8.17 7.19 1.75
N HIS A 17 8.20 7.38 0.44
CA HIS A 17 6.98 7.43 -0.37
C HIS A 17 6.79 6.14 -1.16
N VAL A 18 5.54 5.73 -1.31
CA VAL A 18 5.21 4.55 -2.10
C VAL A 18 4.20 4.88 -3.20
N THR A 19 4.50 4.47 -4.43
CA THR A 19 3.62 4.72 -5.56
C THR A 19 2.56 3.63 -5.67
N VAL A 20 1.30 4.05 -5.58
CA VAL A 20 0.18 3.10 -5.63
C VAL A 20 -0.42 3.03 -7.02
N LYS A 21 -0.28 1.87 -7.66
CA LYS A 21 -0.73 1.69 -9.04
C LYS A 21 -2.01 0.88 -9.10
N PHE A 22 -3.08 1.51 -9.59
CA PHE A 22 -4.26 0.78 -10.03
C PHE A 22 -4.35 0.77 -11.56
N PRO A 23 -5.12 -0.19 -12.09
CA PRO A 23 -5.32 -0.32 -13.54
C PRO A 23 -6.00 0.90 -14.15
N SER A 24 -6.76 1.62 -13.33
CA SER A 24 -7.58 2.71 -13.84
C SER A 24 -7.12 4.05 -13.26
N LYS A 25 -6.30 3.98 -12.22
CA LYS A 25 -5.84 5.18 -11.52
C LYS A 25 -4.49 4.95 -10.86
N GLN A 26 -3.80 6.04 -10.55
CA GLN A 26 -2.56 5.96 -9.78
C GLN A 26 -2.45 7.12 -8.79
N PHE A 27 -1.79 6.87 -7.67
CA PHE A 27 -1.52 7.93 -6.70
C PHE A 27 -0.42 7.51 -5.73
N THR A 28 0.13 8.47 -5.00
CA THR A 28 1.25 8.23 -4.12
C THR A 28 0.84 8.37 -2.65
N VAL A 29 1.50 7.61 -1.78
CA VAL A 29 1.26 7.73 -0.35
C VAL A 29 2.58 7.88 0.42
N GLU A 30 2.49 8.41 1.63
CA GLU A 30 3.67 8.61 2.46
C GLU A 30 3.62 7.73 3.71
N VAL A 31 4.63 6.90 3.88
CA VAL A 31 4.66 5.94 4.98
C VAL A 31 6.01 5.92 5.66
N ASP A 32 6.09 5.26 6.82
CA ASP A 32 7.34 5.13 7.55
C ASP A 32 8.09 3.87 7.14
N ARG A 33 9.42 3.99 7.05
CA ARG A 33 10.24 2.88 6.58
C ARG A 33 10.21 1.72 7.57
N THR A 34 10.11 2.05 8.85
CA THR A 34 10.19 1.06 9.91
C THR A 34 8.82 0.48 10.22
N GLU A 35 7.79 1.05 9.61
CA GLU A 35 6.42 0.59 9.82
C GLU A 35 6.10 -0.61 8.93
N THR A 36 5.12 -1.40 9.34
CA THR A 36 4.72 -2.59 8.60
C THR A 36 3.79 -2.24 7.45
N VAL A 37 3.54 -3.21 6.58
CA VAL A 37 2.72 -2.98 5.40
C VAL A 37 1.27 -2.69 5.78
N SER A 38 0.89 -3.11 6.98
CA SER A 38 -0.49 -2.95 7.44
C SER A 38 -0.87 -1.46 7.50
N SER A 39 0.12 -0.62 7.76
CA SER A 39 -0.07 0.82 7.70
C SER A 39 -0.21 1.28 6.24
N LEU A 40 0.60 0.71 5.36
CA LEU A 40 0.57 1.06 3.95
C LEU A 40 -0.80 0.73 3.34
N LYS A 41 -1.29 -0.46 3.63
CA LYS A 41 -2.56 -0.91 3.07
C LYS A 41 -3.73 -0.15 3.67
N ASP A 42 -3.61 0.20 4.94
CA ASP A 42 -4.62 1.00 5.62
C ASP A 42 -4.78 2.36 4.95
N LYS A 43 -3.66 3.00 4.66
CA LYS A 43 -3.68 4.33 4.05
C LYS A 43 -4.21 4.25 2.61
N ILE A 44 -3.84 3.20 1.91
CA ILE A 44 -4.42 2.91 0.60
C ILE A 44 -5.92 2.66 0.72
N HIS A 45 -6.32 1.98 1.79
CA HIS A 45 -7.74 1.73 2.05
C HIS A 45 -8.48 3.03 2.34
N ILE A 46 -7.82 3.94 3.05
CA ILE A 46 -8.40 5.24 3.36
C ILE A 46 -8.66 6.03 2.08
N VAL A 47 -7.73 5.95 1.13
CA VAL A 47 -7.88 6.64 -0.14
C VAL A 47 -9.00 6.02 -0.97
N GLU A 48 -9.09 4.70 -0.95
CA GLU A 48 -10.09 3.99 -1.74
C GLU A 48 -11.33 3.69 -0.89
N ASN A 49 -12.30 3.00 -1.50
CA ASN A 49 -13.50 2.61 -0.79
C ASN A 49 -13.67 1.10 -0.81
N THR A 50 -12.57 0.37 -0.93
CA THR A 50 -12.59 -1.08 -0.94
C THR A 50 -11.98 -1.65 0.33
N PRO A 51 -12.74 -2.54 0.99
CA PRO A 51 -12.31 -3.15 2.25
C PRO A 51 -10.93 -3.79 2.16
N ILE A 52 -10.15 -3.69 3.23
CA ILE A 52 -8.81 -4.25 3.26
C ILE A 52 -8.85 -5.76 3.02
N LYS A 53 -9.86 -6.42 3.57
CA LYS A 53 -10.00 -7.86 3.43
C LYS A 53 -10.26 -8.25 1.97
N ARG A 54 -10.74 -7.28 1.19
CA ARG A 54 -11.05 -7.53 -0.22
C ARG A 54 -9.92 -7.01 -1.11
N MET A 55 -9.30 -5.92 -0.70
CA MET A 55 -8.23 -5.31 -1.48
C MET A 55 -6.93 -6.12 -1.38
N GLN A 56 -6.30 -6.35 -2.52
CA GLN A 56 -5.04 -7.09 -2.55
C GLN A 56 -3.87 -6.16 -2.80
N LEU A 57 -2.79 -6.34 -2.04
CA LEU A 57 -1.64 -5.45 -2.13
C LEU A 57 -0.41 -6.22 -2.62
N TYR A 58 0.11 -5.80 -3.77
CA TYR A 58 1.29 -6.44 -4.34
C TYR A 58 2.42 -5.42 -4.53
N TYR A 59 3.65 -5.85 -4.25
CA TYR A 59 4.81 -5.00 -4.47
C TYR A 59 5.72 -5.60 -5.54
N SER A 60 6.19 -4.73 -6.45
CA SER A 60 7.16 -5.15 -7.45
C SER A 60 8.02 -6.30 -6.94
N GLY A 61 7.72 -7.51 -7.42
CA GLY A 61 8.50 -8.67 -7.05
C GLY A 61 7.86 -9.48 -5.95
N ILE A 62 7.96 -9.00 -4.72
CA ILE A 62 7.42 -9.69 -3.56
C ILE A 62 6.07 -9.11 -3.15
N GLU A 63 5.08 -9.98 -2.97
CA GLU A 63 3.75 -9.55 -2.55
C GLU A 63 3.73 -9.19 -1.07
N LEU A 64 3.09 -8.07 -0.74
CA LEU A 64 3.10 -7.56 0.62
C LEU A 64 2.00 -8.21 1.45
N ALA A 65 2.14 -9.51 1.70
CA ALA A 65 1.07 -10.29 2.31
C ALA A 65 1.23 -10.37 3.82
N ASP A 66 2.46 -10.18 4.29
CA ASP A 66 2.79 -10.38 5.70
C ASP A 66 2.58 -9.10 6.49
N ASP A 67 1.58 -9.11 7.37
CA ASP A 67 1.20 -7.91 8.11
C ASP A 67 2.31 -7.48 9.07
N TYR A 68 3.07 -8.45 9.56
CA TYR A 68 4.01 -8.20 10.64
C TYR A 68 5.41 -7.94 10.08
N ARG A 69 5.58 -8.17 8.79
CA ARG A 69 6.84 -7.88 8.11
C ARG A 69 6.93 -6.41 7.76
N ASN A 70 8.07 -5.79 8.05
CA ASN A 70 8.21 -4.34 7.93
C ASN A 70 8.45 -3.94 6.48
N LEU A 71 8.13 -2.69 6.15
CA LEU A 71 8.40 -2.15 4.83
C LEU A 71 9.89 -2.19 4.51
N ASN A 72 10.71 -1.82 5.49
CA ASN A 72 12.15 -1.96 5.38
C ASN A 72 12.53 -3.40 5.06
N GLU A 73 11.91 -4.34 5.78
CA GLU A 73 12.24 -5.75 5.61
C GLU A 73 11.84 -6.26 4.23
N TYR A 74 10.79 -5.64 3.67
CA TYR A 74 10.32 -6.02 2.34
C TYR A 74 11.21 -5.43 1.26
N GLY A 75 11.98 -4.40 1.62
CA GLY A 75 12.79 -3.70 0.65
C GLY A 75 12.06 -2.52 0.02
N ILE A 76 11.14 -1.93 0.78
CA ILE A 76 10.31 -0.84 0.27
C ILE A 76 11.05 0.49 0.38
N THR A 77 11.32 1.11 -0.77
CA THR A 77 12.15 2.31 -0.82
C THR A 77 11.32 3.54 -1.13
N GLU A 78 11.98 4.68 -1.26
CA GLU A 78 11.31 5.93 -1.60
C GLU A 78 10.73 5.86 -3.02
N PHE A 79 11.22 4.91 -3.80
CA PHE A 79 10.79 4.77 -5.19
C PHE A 79 9.91 3.52 -5.36
N SER A 80 9.42 3.00 -4.25
CA SER A 80 8.68 1.74 -4.28
C SER A 80 7.50 1.83 -5.25
N GLU A 81 7.34 0.81 -6.07
CA GLU A 81 6.19 0.72 -6.97
C GLU A 81 5.32 -0.50 -6.62
N ILE A 82 4.11 -0.25 -6.17
CA ILE A 82 3.21 -1.33 -5.75
C ILE A 82 1.94 -1.34 -6.60
N VAL A 83 1.45 -2.55 -6.88
CA VAL A 83 0.21 -2.70 -7.63
C VAL A 83 -0.91 -3.22 -6.73
N VAL A 84 -2.06 -2.55 -6.76
CA VAL A 84 -3.15 -2.85 -5.85
C VAL A 84 -4.42 -3.23 -6.61
N PHE A 85 -5.06 -4.30 -6.16
CA PHE A 85 -6.24 -4.83 -6.86
C PHE A 85 -7.50 -4.67 -6.01
N LEU A 86 -8.58 -4.25 -6.64
CA LEU A 86 -9.82 -3.96 -5.93
C LEU A 86 -10.83 -5.08 -6.12
N LYS A 87 -11.46 -5.50 -5.04
CA LYS A 87 -12.54 -6.49 -5.10
C LYS A 87 -13.80 -5.95 -4.45
N SER A 88 -14.49 -5.06 -5.15
CA SER A 88 -15.80 -4.59 -4.72
C SER A 88 -16.55 -3.95 -5.89
N ILE A 89 -17.89 -3.94 -5.78
CA ILE A 89 -18.72 -3.40 -6.85
C ILE A 89 -19.36 -2.09 -6.44
N ASN A 90 -20.07 -2.10 -5.31
CA ASN A 90 -20.73 -0.90 -4.81
C ASN A 90 -19.73 0.21 -4.55
N ARG A 91 -20.19 1.44 -4.59
CA ARG A 91 -19.31 2.60 -4.46
C ARG A 91 -19.68 3.44 -3.25
N ALA A 92 -18.92 4.51 -3.01
CA ALA A 92 -19.22 5.45 -1.95
C ALA A 92 -19.01 6.88 -2.41
N LYS A 93 -19.85 7.80 -1.93
CA LYS A 93 -19.76 9.20 -2.30
C LYS A 93 -18.32 9.70 -2.19
N ASP A 94 -17.69 9.42 -1.05
CA ASP A 94 -16.31 9.82 -0.82
C ASP A 94 -15.37 9.10 -1.80
N ALA A 11 11.65 18.00 6.90
CA ALA A 11 12.81 17.12 6.97
C ALA A 11 12.39 15.65 6.91
N ALA A 12 12.82 14.96 5.86
CA ALA A 12 12.50 13.55 5.69
C ALA A 12 13.51 12.67 6.42
N VAL A 13 13.09 12.07 7.53
CA VAL A 13 13.97 11.21 8.31
C VAL A 13 13.34 9.83 8.51
N ARG A 14 13.89 8.85 7.81
CA ARG A 14 13.36 7.48 7.88
C ARG A 14 11.95 7.42 7.32
N LYS A 15 11.63 8.34 6.41
CA LYS A 15 10.35 8.31 5.71
C LYS A 15 10.53 7.84 4.27
N ILE A 16 9.54 7.11 3.76
CA ILE A 16 9.56 6.66 2.38
C ILE A 16 8.21 6.85 1.73
N HIS A 17 8.22 7.08 0.41
CA HIS A 17 6.97 7.18 -0.35
C HIS A 17 6.68 5.89 -1.11
N VAL A 18 5.40 5.58 -1.27
CA VAL A 18 4.99 4.40 -2.02
C VAL A 18 4.05 4.78 -3.16
N THR A 19 4.37 4.32 -4.37
CA THR A 19 3.51 4.56 -5.53
C THR A 19 2.45 3.46 -5.67
N VAL A 20 1.19 3.85 -5.58
CA VAL A 20 0.09 2.89 -5.57
C VAL A 20 -0.57 2.82 -6.95
N LYS A 21 -0.46 1.65 -7.59
CA LYS A 21 -0.94 1.49 -8.96
C LYS A 21 -2.18 0.60 -8.98
N PHE A 22 -3.32 1.19 -9.33
CA PHE A 22 -4.48 0.42 -9.76
C PHE A 22 -4.53 0.30 -11.28
N PRO A 23 -5.36 -0.62 -11.78
CA PRO A 23 -5.47 -0.90 -13.21
C PRO A 23 -5.95 0.32 -14.01
N SER A 24 -6.71 1.19 -13.35
CA SER A 24 -7.30 2.34 -14.01
C SER A 24 -7.10 3.61 -13.18
N LYS A 25 -6.23 3.51 -12.18
CA LYS A 25 -5.96 4.64 -11.29
C LYS A 25 -4.57 4.53 -10.68
N GLN A 26 -3.96 5.68 -10.40
CA GLN A 26 -2.69 5.72 -9.69
C GLN A 26 -2.65 6.86 -8.68
N PHE A 27 -1.98 6.63 -7.56
CA PHE A 27 -1.74 7.69 -6.59
C PHE A 27 -0.59 7.31 -5.65
N THR A 28 -0.03 8.31 -4.97
CA THR A 28 1.12 8.10 -4.11
C THR A 28 0.76 8.31 -2.64
N VAL A 29 1.43 7.59 -1.75
CA VAL A 29 1.23 7.76 -0.32
C VAL A 29 2.55 7.92 0.42
N GLU A 30 2.49 8.50 1.61
CA GLU A 30 3.69 8.72 2.41
C GLU A 30 3.65 7.86 3.68
N VAL A 31 4.68 7.05 3.87
CA VAL A 31 4.72 6.12 4.99
C VAL A 31 6.09 6.14 5.67
N ASP A 32 6.17 5.51 6.83
CA ASP A 32 7.43 5.41 7.57
C ASP A 32 8.21 4.16 7.15
N ARG A 33 9.53 4.27 7.11
CA ARG A 33 10.38 3.17 6.68
C ARG A 33 10.29 1.99 7.66
N THR A 34 10.11 2.31 8.93
CA THR A 34 10.15 1.31 9.98
C THR A 34 8.78 0.71 10.22
N GLU A 35 7.77 1.25 9.56
CA GLU A 35 6.40 0.76 9.70
C GLU A 35 6.18 -0.48 8.85
N THR A 36 5.17 -1.27 9.21
CA THR A 36 4.84 -2.48 8.46
C THR A 36 3.87 -2.19 7.34
N VAL A 37 3.66 -3.18 6.47
CA VAL A 37 2.79 -3.00 5.31
C VAL A 37 1.35 -2.78 5.72
N SER A 38 1.02 -3.22 6.93
CA SER A 38 -0.35 -3.08 7.45
C SER A 38 -0.71 -1.61 7.62
N SER A 39 0.29 -0.79 7.91
CA SER A 39 0.11 0.66 7.94
C SER A 39 -0.08 1.22 6.53
N LEU A 40 0.67 0.66 5.58
CA LEU A 40 0.58 1.09 4.19
C LEU A 40 -0.82 0.81 3.63
N LYS A 41 -1.32 -0.39 3.86
CA LYS A 41 -2.59 -0.82 3.29
C LYS A 41 -3.75 -0.06 3.92
N ASP A 42 -3.60 0.28 5.19
CA ASP A 42 -4.60 1.08 5.90
C ASP A 42 -4.76 2.45 5.24
N LYS A 43 -3.64 3.09 4.91
CA LYS A 43 -3.65 4.39 4.28
C LYS A 43 -4.23 4.30 2.87
N ILE A 44 -3.90 3.23 2.16
CA ILE A 44 -4.51 2.94 0.87
C ILE A 44 -6.01 2.73 1.00
N HIS A 45 -6.42 2.07 2.07
CA HIS A 45 -7.84 1.85 2.34
C HIS A 45 -8.55 3.17 2.64
N ILE A 46 -7.84 4.07 3.32
CA ILE A 46 -8.39 5.38 3.62
C ILE A 46 -8.60 6.19 2.34
N VAL A 47 -7.66 6.08 1.41
CA VAL A 47 -7.77 6.75 0.13
C VAL A 47 -8.89 6.17 -0.71
N GLU A 48 -9.04 4.86 -0.68
CA GLU A 48 -10.06 4.16 -1.45
C GLU A 48 -11.32 3.93 -0.61
N ASN A 49 -12.29 3.25 -1.21
CA ASN A 49 -13.51 2.89 -0.49
C ASN A 49 -13.74 1.38 -0.55
N THR A 50 -12.65 0.62 -0.67
CA THR A 50 -12.73 -0.83 -0.78
C THR A 50 -12.10 -1.51 0.42
N PRO A 51 -12.84 -2.45 1.04
CA PRO A 51 -12.39 -3.16 2.23
C PRO A 51 -11.02 -3.81 2.04
N ILE A 52 -10.20 -3.77 3.07
CA ILE A 52 -8.87 -4.37 3.02
C ILE A 52 -8.95 -5.87 2.77
N LYS A 53 -9.98 -6.50 3.31
CA LYS A 53 -10.16 -7.93 3.16
C LYS A 53 -10.41 -8.31 1.70
N ARG A 54 -10.88 -7.34 0.92
CA ARG A 54 -11.15 -7.56 -0.50
C ARG A 54 -10.01 -7.05 -1.35
N MET A 55 -9.39 -5.95 -0.93
CA MET A 55 -8.31 -5.35 -1.69
C MET A 55 -7.06 -6.21 -1.64
N GLN A 56 -6.44 -6.43 -2.80
CA GLN A 56 -5.24 -7.25 -2.88
C GLN A 56 -4.00 -6.38 -3.07
N LEU A 57 -2.94 -6.70 -2.34
CA LEU A 57 -1.76 -5.85 -2.28
C LEU A 57 -0.52 -6.60 -2.76
N TYR A 58 0.09 -6.12 -3.84
CA TYR A 58 1.33 -6.70 -4.34
C TYR A 58 2.40 -5.64 -4.51
N TYR A 59 3.64 -6.00 -4.23
CA TYR A 59 4.77 -5.10 -4.44
C TYR A 59 5.71 -5.66 -5.50
N SER A 60 6.16 -4.78 -6.40
CA SER A 60 7.14 -5.15 -7.41
C SER A 60 8.06 -6.26 -6.90
N GLY A 61 7.83 -7.48 -7.34
CA GLY A 61 8.64 -8.60 -6.93
C GLY A 61 7.99 -9.40 -5.81
N ILE A 62 8.15 -8.93 -4.57
CA ILE A 62 7.65 -9.65 -3.41
C ILE A 62 6.27 -9.17 -3.00
N GLU A 63 5.35 -10.11 -2.80
CA GLU A 63 4.00 -9.78 -2.37
C GLU A 63 3.97 -9.36 -0.90
N LEU A 64 3.26 -8.29 -0.60
CA LEU A 64 3.21 -7.76 0.76
C LEU A 64 2.14 -8.47 1.57
N ALA A 65 2.32 -9.77 1.77
CA ALA A 65 1.29 -10.61 2.36
C ALA A 65 1.41 -10.66 3.88
N ASP A 66 2.62 -10.37 4.38
CA ASP A 66 2.90 -10.48 5.80
C ASP A 66 2.67 -9.14 6.50
N ASP A 67 1.64 -9.09 7.35
CA ASP A 67 1.26 -7.85 8.01
C ASP A 67 2.36 -7.37 8.95
N TYR A 68 3.09 -8.31 9.53
CA TYR A 68 4.02 -8.00 10.61
C TYR A 68 5.42 -7.77 10.07
N ARG A 69 5.62 -8.03 8.78
CA ARG A 69 6.89 -7.77 8.12
C ARG A 69 7.01 -6.31 7.72
N ASN A 70 8.16 -5.71 8.00
CA ASN A 70 8.33 -4.28 7.88
C ASN A 70 8.55 -3.88 6.43
N LEU A 71 8.25 -2.62 6.11
CA LEU A 71 8.50 -2.09 4.77
C LEU A 71 9.98 -2.15 4.42
N ASN A 72 10.83 -1.83 5.40
CA ASN A 72 12.27 -1.95 5.23
C ASN A 72 12.67 -3.40 4.95
N GLU A 73 12.03 -4.33 5.67
CA GLU A 73 12.34 -5.74 5.51
C GLU A 73 11.92 -6.25 4.13
N TYR A 74 10.87 -5.63 3.58
CA TYR A 74 10.39 -5.99 2.25
C TYR A 74 11.29 -5.40 1.17
N GLY A 75 12.05 -4.36 1.54
CA GLY A 75 12.86 -3.66 0.56
C GLY A 75 12.11 -2.50 -0.08
N ILE A 76 11.20 -1.91 0.67
CA ILE A 76 10.37 -0.82 0.14
C ILE A 76 11.11 0.51 0.21
N THR A 77 11.41 1.07 -0.97
CA THR A 77 12.25 2.25 -1.06
C THR A 77 11.42 3.51 -1.25
N GLU A 78 12.08 4.65 -1.32
CA GLU A 78 11.40 5.93 -1.51
C GLU A 78 10.61 5.94 -2.81
N PHE A 79 11.06 5.16 -3.78
CA PHE A 79 10.45 5.15 -5.10
C PHE A 79 9.72 3.84 -5.35
N SER A 80 9.37 3.14 -4.27
CA SER A 80 8.75 1.82 -4.38
C SER A 80 7.46 1.89 -5.20
N GLU A 81 7.21 0.84 -5.96
CA GLU A 81 5.99 0.75 -6.76
C GLU A 81 5.21 -0.51 -6.43
N ILE A 82 3.98 -0.34 -5.98
CA ILE A 82 3.12 -1.47 -5.61
C ILE A 82 1.90 -1.55 -6.50
N VAL A 83 1.48 -2.78 -6.82
CA VAL A 83 0.26 -3.00 -7.58
C VAL A 83 -0.89 -3.41 -6.67
N VAL A 84 -1.99 -2.67 -6.75
CA VAL A 84 -3.13 -2.91 -5.86
C VAL A 84 -4.41 -3.15 -6.68
N PHE A 85 -5.11 -4.22 -6.34
CA PHE A 85 -6.22 -4.70 -7.16
C PHE A 85 -7.56 -4.32 -6.54
N LEU A 86 -8.50 -3.87 -7.37
CA LEU A 86 -9.77 -3.38 -6.88
C LEU A 86 -10.83 -4.48 -6.91
N LYS A 87 -11.48 -4.70 -5.78
CA LYS A 87 -12.53 -5.71 -5.68
C LYS A 87 -13.83 -5.10 -5.16
N SER A 88 -14.47 -4.29 -5.99
CA SER A 88 -15.76 -3.70 -5.66
C SER A 88 -16.38 -3.03 -6.88
N ILE A 89 -17.70 -2.85 -6.83
CA ILE A 89 -18.42 -2.17 -7.90
C ILE A 89 -19.07 -0.89 -7.41
N ASN A 90 -19.72 -0.96 -6.26
CA ASN A 90 -20.39 0.21 -5.69
C ASN A 90 -19.40 1.33 -5.41
N ARG A 91 -19.89 2.56 -5.41
CA ARG A 91 -19.03 3.73 -5.23
C ARG A 91 -19.42 4.51 -4.00
N ALA A 92 -18.65 5.55 -3.69
CA ALA A 92 -18.98 6.45 -2.58
C ALA A 92 -18.60 7.88 -2.91
N LYS A 93 -19.38 8.82 -2.38
CA LYS A 93 -19.15 10.24 -2.65
C LYS A 93 -17.69 10.61 -2.40
N ASP A 94 -17.17 10.25 -1.24
CA ASP A 94 -15.77 10.49 -0.91
C ASP A 94 -14.86 9.61 -1.77
N ALA A 11 11.99 18.11 6.98
CA ALA A 11 13.13 17.19 6.98
C ALA A 11 12.67 15.74 6.93
N ALA A 12 13.10 15.01 5.90
CA ALA A 12 12.75 13.61 5.75
C ALA A 12 13.73 12.72 6.51
N VAL A 13 13.25 12.12 7.60
CA VAL A 13 14.08 11.24 8.41
C VAL A 13 13.42 9.87 8.60
N ARG A 14 13.91 8.88 7.86
CA ARG A 14 13.33 7.55 7.91
C ARG A 14 11.90 7.56 7.36
N LYS A 15 11.60 8.53 6.51
CA LYS A 15 10.33 8.57 5.80
C LYS A 15 10.51 8.14 4.35
N ILE A 16 9.52 7.45 3.81
CA ILE A 16 9.56 7.00 2.42
C ILE A 16 8.21 7.22 1.74
N HIS A 17 8.25 7.44 0.43
CA HIS A 17 7.03 7.51 -0.36
C HIS A 17 6.80 6.23 -1.14
N VAL A 18 5.52 5.86 -1.32
CA VAL A 18 5.17 4.66 -2.07
C VAL A 18 4.20 5.00 -3.20
N THR A 19 4.52 4.52 -4.40
CA THR A 19 3.66 4.74 -5.56
C THR A 19 2.58 3.65 -5.66
N VAL A 20 1.32 4.07 -5.59
CA VAL A 20 0.21 3.13 -5.60
C VAL A 20 -0.42 3.03 -6.99
N LYS A 21 -0.27 1.86 -7.61
CA LYS A 21 -0.72 1.68 -8.99
C LYS A 21 -2.01 0.86 -9.05
N PHE A 22 -3.07 1.47 -9.57
CA PHE A 22 -4.27 0.72 -9.95
C PHE A 22 -4.35 0.57 -11.46
N PRO A 23 -5.19 -0.37 -11.91
CA PRO A 23 -5.34 -0.69 -13.33
C PRO A 23 -5.62 0.55 -14.17
N SER A 24 -6.40 1.47 -13.62
CA SER A 24 -6.95 2.58 -14.40
C SER A 24 -6.54 3.92 -13.79
N LYS A 25 -5.86 3.86 -12.65
CA LYS A 25 -5.55 5.06 -11.89
C LYS A 25 -4.35 4.83 -10.98
N GLN A 26 -3.75 5.93 -10.50
CA GLN A 26 -2.60 5.84 -9.61
C GLN A 26 -2.66 6.92 -8.55
N PHE A 27 -2.10 6.63 -7.37
CA PHE A 27 -1.96 7.64 -6.33
C PHE A 27 -0.61 7.51 -5.63
N THR A 28 -0.15 8.60 -5.03
CA THR A 28 1.05 8.57 -4.21
C THR A 28 0.71 8.66 -2.72
N VAL A 29 1.38 7.85 -1.91
CA VAL A 29 1.17 7.87 -0.47
C VAL A 29 2.50 8.02 0.26
N GLU A 30 2.43 8.50 1.51
CA GLU A 30 3.63 8.68 2.32
C GLU A 30 3.57 7.83 3.58
N VAL A 31 4.63 7.06 3.80
CA VAL A 31 4.69 6.16 4.95
C VAL A 31 6.04 6.23 5.64
N ASP A 32 6.14 5.59 6.80
CA ASP A 32 7.41 5.52 7.53
C ASP A 32 8.16 4.24 7.21
N ARG A 33 9.48 4.32 7.17
CA ARG A 33 10.31 3.18 6.78
C ARG A 33 10.19 2.05 7.81
N THR A 34 10.00 2.43 9.06
CA THR A 34 10.01 1.46 10.15
C THR A 34 8.62 0.85 10.37
N GLU A 35 7.63 1.37 9.65
CA GLU A 35 6.27 0.88 9.76
C GLU A 35 6.07 -0.38 8.92
N THR A 36 5.04 -1.16 9.26
CA THR A 36 4.75 -2.38 8.53
C THR A 36 3.80 -2.11 7.36
N VAL A 37 3.60 -3.13 6.52
CA VAL A 37 2.77 -2.97 5.33
C VAL A 37 1.31 -2.72 5.70
N SER A 38 0.94 -3.13 6.91
CA SER A 38 -0.43 -2.95 7.39
C SER A 38 -0.78 -1.48 7.51
N SER A 39 0.22 -0.65 7.80
CA SER A 39 0.06 0.79 7.79
C SER A 39 -0.08 1.33 6.37
N LEU A 40 0.70 0.74 5.45
CA LEU A 40 0.64 1.13 4.05
C LEU A 40 -0.73 0.82 3.46
N LYS A 41 -1.23 -0.39 3.71
CA LYS A 41 -2.49 -0.83 3.14
C LYS A 41 -3.67 -0.07 3.75
N ASP A 42 -3.54 0.25 5.03
CA ASP A 42 -4.56 1.04 5.72
C ASP A 42 -4.74 2.40 5.07
N LYS A 43 -3.61 3.04 4.76
CA LYS A 43 -3.64 4.36 4.12
C LYS A 43 -4.20 4.27 2.70
N ILE A 44 -3.83 3.19 2.00
CA ILE A 44 -4.43 2.91 0.70
C ILE A 44 -5.92 2.67 0.82
N HIS A 45 -6.34 2.01 1.90
CA HIS A 45 -7.76 1.78 2.16
C HIS A 45 -8.48 3.09 2.43
N ILE A 46 -7.82 4.01 3.13
CA ILE A 46 -8.37 5.33 3.38
C ILE A 46 -8.56 6.10 2.08
N VAL A 47 -7.59 5.96 1.17
CA VAL A 47 -7.68 6.60 -0.14
C VAL A 47 -8.79 5.99 -0.97
N GLU A 48 -8.94 4.67 -0.89
CA GLU A 48 -9.94 3.96 -1.68
C GLU A 48 -11.22 3.76 -0.89
N ASN A 49 -12.16 3.00 -1.47
CA ASN A 49 -13.40 2.67 -0.79
C ASN A 49 -13.63 1.16 -0.77
N THR A 50 -12.54 0.40 -0.87
CA THR A 50 -12.62 -1.05 -0.87
C THR A 50 -12.01 -1.64 0.39
N PRO A 51 -12.76 -2.52 1.07
CA PRO A 51 -12.33 -3.14 2.33
C PRO A 51 -10.95 -3.77 2.21
N ILE A 52 -10.17 -3.66 3.28
CA ILE A 52 -8.82 -4.23 3.31
C ILE A 52 -8.86 -5.74 3.09
N LYS A 53 -9.87 -6.39 3.65
CA LYS A 53 -10.00 -7.84 3.54
C LYS A 53 -10.25 -8.25 2.09
N ARG A 54 -10.73 -7.32 1.29
CA ARG A 54 -11.01 -7.59 -0.12
C ARG A 54 -9.89 -7.09 -1.01
N MET A 55 -9.32 -5.94 -0.64
CA MET A 55 -8.27 -5.32 -1.44
C MET A 55 -6.99 -6.16 -1.41
N GLN A 56 -6.39 -6.36 -2.57
CA GLN A 56 -5.15 -7.12 -2.68
C GLN A 56 -3.97 -6.20 -2.91
N LEU A 57 -2.86 -6.47 -2.22
CA LEU A 57 -1.71 -5.58 -2.25
C LEU A 57 -0.46 -6.32 -2.72
N TYR A 58 0.11 -5.86 -3.82
CA TYR A 58 1.34 -6.47 -4.36
C TYR A 58 2.43 -5.42 -4.52
N TYR A 59 3.66 -5.82 -4.22
CA TYR A 59 4.82 -4.95 -4.41
C TYR A 59 5.76 -5.51 -5.47
N SER A 60 6.23 -4.63 -6.35
CA SER A 60 7.23 -5.01 -7.35
C SER A 60 8.07 -6.18 -6.85
N GLY A 61 7.79 -7.37 -7.35
CA GLY A 61 8.57 -8.54 -6.99
C GLY A 61 7.89 -9.37 -5.91
N ILE A 62 7.98 -8.90 -4.67
CA ILE A 62 7.43 -9.65 -3.54
C ILE A 62 6.07 -9.09 -3.13
N GLU A 63 5.11 -10.00 -2.95
CA GLU A 63 3.77 -9.60 -2.52
C GLU A 63 3.75 -9.23 -1.04
N LEU A 64 3.07 -8.13 -0.72
CA LEU A 64 3.04 -7.63 0.65
C LEU A 64 1.95 -8.32 1.47
N ALA A 65 2.11 -9.63 1.66
CA ALA A 65 1.04 -10.44 2.23
C ALA A 65 1.15 -10.50 3.75
N ASP A 66 2.36 -10.34 4.25
CA ASP A 66 2.63 -10.53 5.67
C ASP A 66 2.51 -9.22 6.44
N ASP A 67 1.55 -9.16 7.36
CA ASP A 67 1.28 -7.93 8.10
C ASP A 67 2.43 -7.61 9.05
N TYR A 68 3.09 -8.64 9.55
CA TYR A 68 4.10 -8.48 10.59
C TYR A 68 5.48 -8.30 9.98
N ARG A 69 5.58 -8.50 8.68
CA ARG A 69 6.80 -8.17 7.94
C ARG A 69 6.80 -6.71 7.49
N ASN A 70 7.83 -5.98 7.88
CA ASN A 70 7.81 -4.53 7.81
C ASN A 70 8.33 -4.05 6.45
N LEU A 71 8.08 -2.78 6.15
CA LEU A 71 8.37 -2.23 4.83
C LEU A 71 9.83 -2.41 4.47
N ASN A 72 10.70 -2.25 5.46
CA ASN A 72 12.14 -2.36 5.24
C ASN A 72 12.52 -3.78 4.85
N GLU A 73 11.88 -4.76 5.47
CA GLU A 73 12.16 -6.17 5.20
C GLU A 73 11.74 -6.54 3.78
N TYR A 74 10.70 -5.89 3.29
CA TYR A 74 10.18 -6.19 1.96
C TYR A 74 11.02 -5.51 0.89
N GLY A 75 11.81 -4.52 1.29
CA GLY A 75 12.59 -3.75 0.34
C GLY A 75 11.85 -2.53 -0.18
N ILE A 76 10.98 -1.97 0.65
CA ILE A 76 10.18 -0.82 0.24
C ILE A 76 10.98 0.47 0.36
N THR A 77 11.26 1.10 -0.77
CA THR A 77 12.13 2.27 -0.81
C THR A 77 11.33 3.54 -1.07
N GLU A 78 12.03 4.67 -1.17
CA GLU A 78 11.39 5.93 -1.50
C GLU A 78 10.78 5.89 -2.90
N PHE A 79 11.22 4.93 -3.71
CA PHE A 79 10.75 4.81 -5.08
C PHE A 79 9.88 3.56 -5.23
N SER A 80 9.38 3.05 -4.12
CA SER A 80 8.61 1.80 -4.12
C SER A 80 7.45 1.88 -5.11
N GLU A 81 7.30 0.83 -5.91
CA GLU A 81 6.16 0.72 -6.82
C GLU A 81 5.31 -0.50 -6.47
N ILE A 82 4.08 -0.25 -6.05
CA ILE A 82 3.17 -1.32 -5.65
C ILE A 82 1.92 -1.33 -6.53
N VAL A 83 1.42 -2.53 -6.82
CA VAL A 83 0.18 -2.69 -7.57
C VAL A 83 -0.94 -3.18 -6.68
N VAL A 84 -2.07 -2.47 -6.73
CA VAL A 84 -3.19 -2.75 -5.83
C VAL A 84 -4.45 -3.13 -6.61
N PHE A 85 -5.06 -4.23 -6.22
CA PHE A 85 -6.24 -4.74 -6.92
C PHE A 85 -7.49 -4.60 -6.04
N LEU A 86 -8.58 -4.12 -6.63
CA LEU A 86 -9.80 -3.84 -5.89
C LEU A 86 -10.83 -4.94 -6.09
N LYS A 87 -11.39 -5.42 -4.99
CA LYS A 87 -12.41 -6.47 -5.05
C LYS A 87 -13.70 -6.00 -4.40
N SER A 88 -14.42 -5.13 -5.09
CA SER A 88 -15.76 -4.73 -4.68
C SER A 88 -16.57 -4.20 -5.87
N ILE A 89 -17.88 -4.34 -5.79
CA ILE A 89 -18.75 -3.89 -6.87
C ILE A 89 -19.50 -2.61 -6.50
N ASN A 90 -20.23 -2.66 -5.39
CA ASN A 90 -20.91 -1.48 -4.86
C ASN A 90 -19.91 -0.39 -4.50
N ARG A 91 -20.38 0.85 -4.47
CA ARG A 91 -19.50 2.00 -4.25
C ARG A 91 -19.82 2.69 -2.95
N ALA A 92 -18.87 3.49 -2.45
CA ALA A 92 -19.04 4.18 -1.18
C ALA A 92 -18.21 5.47 -1.15
N LYS A 93 -18.72 6.47 -0.43
CA LYS A 93 -18.01 7.74 -0.30
C LYS A 93 -16.69 7.55 0.42
N ASP A 94 -16.75 7.14 1.68
CA ASP A 94 -15.55 6.85 2.46
C ASP A 94 -14.85 5.61 1.91
N ALA A 11 12.20 17.83 7.34
CA ALA A 11 13.28 16.84 7.34
C ALA A 11 12.72 15.44 7.20
N ALA A 12 13.08 14.76 6.11
CA ALA A 12 12.63 13.41 5.86
C ALA A 12 13.54 12.39 6.55
N VAL A 13 13.04 11.75 7.59
CA VAL A 13 13.81 10.78 8.34
C VAL A 13 13.07 9.45 8.47
N ARG A 14 13.55 8.44 7.75
CA ARG A 14 12.89 7.14 7.72
C ARG A 14 11.50 7.24 7.08
N LYS A 15 11.30 8.31 6.32
CA LYS A 15 10.03 8.52 5.63
C LYS A 15 10.18 8.24 4.13
N ILE A 16 9.14 7.63 3.54
CA ILE A 16 9.16 7.32 2.12
C ILE A 16 7.80 7.61 1.49
N HIS A 17 7.80 7.88 0.18
CA HIS A 17 6.57 7.97 -0.58
C HIS A 17 6.46 6.81 -1.58
N VAL A 18 5.36 6.07 -1.48
CA VAL A 18 5.19 4.85 -2.28
C VAL A 18 4.16 5.06 -3.38
N THR A 19 4.46 4.56 -4.57
CA THR A 19 3.60 4.76 -5.73
C THR A 19 2.55 3.66 -5.81
N VAL A 20 1.28 4.06 -5.70
CA VAL A 20 0.17 3.11 -5.74
C VAL A 20 -0.43 3.03 -7.15
N LYS A 21 -0.30 1.86 -7.77
CA LYS A 21 -0.76 1.69 -9.15
C LYS A 21 -2.05 0.87 -9.19
N PHE A 22 -3.12 1.51 -9.66
CA PHE A 22 -4.34 0.78 -10.01
C PHE A 22 -4.45 0.60 -11.52
N PRO A 23 -5.32 -0.31 -11.95
CA PRO A 23 -5.53 -0.63 -13.36
C PRO A 23 -5.81 0.62 -14.19
N SER A 24 -6.53 1.57 -13.61
CA SER A 24 -7.02 2.71 -14.35
C SER A 24 -6.54 4.02 -13.71
N LYS A 25 -5.96 3.90 -12.52
CA LYS A 25 -5.65 5.08 -11.71
C LYS A 25 -4.32 4.89 -10.99
N GLN A 26 -3.72 6.00 -10.56
CA GLN A 26 -2.53 5.96 -9.72
C GLN A 26 -2.61 6.98 -8.60
N PHE A 27 -2.06 6.63 -7.44
CA PHE A 27 -2.03 7.54 -6.30
C PHE A 27 -0.70 7.44 -5.56
N THR A 28 -0.34 8.51 -4.87
CA THR A 28 0.84 8.51 -4.01
C THR A 28 0.46 8.45 -2.54
N VAL A 29 1.16 7.61 -1.77
CA VAL A 29 0.96 7.53 -0.34
C VAL A 29 2.26 7.75 0.42
N GLU A 30 2.14 8.27 1.64
CA GLU A 30 3.31 8.52 2.48
C GLU A 30 3.34 7.57 3.67
N VAL A 31 4.42 6.80 3.79
CA VAL A 31 4.54 5.82 4.86
C VAL A 31 5.95 5.84 5.47
N ASP A 32 6.11 5.14 6.58
CA ASP A 32 7.41 5.02 7.22
C ASP A 32 8.05 3.67 6.94
N ARG A 33 9.36 3.67 6.75
CA ARG A 33 10.08 2.45 6.38
C ARG A 33 10.02 1.42 7.50
N THR A 34 9.86 1.89 8.73
CA THR A 34 9.86 1.03 9.90
C THR A 34 8.45 0.55 10.22
N GLU A 35 7.46 1.12 9.55
CA GLU A 35 6.08 0.71 9.72
C GLU A 35 5.78 -0.57 8.95
N THR A 36 4.75 -1.29 9.39
CA THR A 36 4.41 -2.58 8.78
C THR A 36 3.59 -2.39 7.52
N VAL A 37 3.45 -3.47 6.75
CA VAL A 37 2.66 -3.42 5.52
C VAL A 37 1.22 -2.99 5.79
N SER A 38 0.70 -3.40 6.94
CA SER A 38 -0.68 -3.09 7.30
C SER A 38 -0.90 -1.59 7.37
N SER A 39 0.15 -0.85 7.73
CA SER A 39 0.09 0.60 7.76
C SER A 39 -0.04 1.18 6.35
N LEU A 40 0.70 0.58 5.42
CA LEU A 40 0.59 0.95 4.01
C LEU A 40 -0.80 0.61 3.47
N LYS A 41 -1.33 -0.53 3.88
CA LYS A 41 -2.67 -0.94 3.49
C LYS A 41 -3.72 0.00 4.05
N ASP A 42 -3.49 0.48 5.27
CA ASP A 42 -4.35 1.49 5.88
C ASP A 42 -4.42 2.73 5.00
N LYS A 43 -3.27 3.17 4.50
CA LYS A 43 -3.20 4.34 3.62
C LYS A 43 -3.99 4.11 2.34
N ILE A 44 -3.85 2.92 1.78
CA ILE A 44 -4.63 2.54 0.61
C ILE A 44 -6.12 2.52 0.92
N HIS A 45 -6.47 2.02 2.10
CA HIS A 45 -7.87 1.94 2.52
C HIS A 45 -8.45 3.34 2.72
N ILE A 46 -7.61 4.26 3.18
CA ILE A 46 -8.03 5.65 3.35
C ILE A 46 -8.34 6.30 2.01
N VAL A 47 -7.49 6.02 1.01
CA VAL A 47 -7.66 6.59 -0.32
C VAL A 47 -8.84 5.94 -1.04
N GLU A 48 -8.96 4.62 -0.89
CA GLU A 48 -10.00 3.87 -1.59
C GLU A 48 -11.23 3.68 -0.71
N ASN A 49 -12.21 2.95 -1.23
CA ASN A 49 -13.40 2.61 -0.46
C ASN A 49 -13.57 1.09 -0.35
N THR A 50 -12.44 0.38 -0.42
CA THR A 50 -12.47 -1.09 -0.38
C THR A 50 -11.78 -1.61 0.88
N PRO A 51 -12.48 -2.50 1.60
CA PRO A 51 -11.94 -3.13 2.82
C PRO A 51 -10.56 -3.74 2.59
N ILE A 52 -9.70 -3.63 3.60
CA ILE A 52 -8.35 -4.16 3.50
C ILE A 52 -8.35 -5.67 3.27
N LYS A 53 -9.35 -6.34 3.85
CA LYS A 53 -9.48 -7.79 3.69
C LYS A 53 -9.83 -8.14 2.25
N ARG A 54 -10.37 -7.18 1.52
CA ARG A 54 -10.76 -7.40 0.13
C ARG A 54 -9.69 -6.88 -0.82
N MET A 55 -9.02 -5.79 -0.42
CA MET A 55 -7.96 -5.20 -1.24
C MET A 55 -6.72 -6.07 -1.22
N GLN A 56 -6.13 -6.27 -2.39
CA GLN A 56 -4.89 -7.04 -2.50
C GLN A 56 -3.72 -6.12 -2.87
N LEU A 57 -2.62 -6.28 -2.15
CA LEU A 57 -1.46 -5.38 -2.31
C LEU A 57 -0.25 -6.16 -2.81
N TYR A 58 0.26 -5.78 -3.97
CA TYR A 58 1.46 -6.39 -4.53
C TYR A 58 2.58 -5.37 -4.67
N TYR A 59 3.81 -5.79 -4.40
CA TYR A 59 4.98 -4.93 -4.58
C TYR A 59 5.89 -5.47 -5.66
N SER A 60 6.35 -4.57 -6.53
CA SER A 60 7.33 -4.93 -7.56
C SER A 60 8.19 -6.10 -7.10
N GLY A 61 7.90 -7.29 -7.62
CA GLY A 61 8.67 -8.47 -7.26
C GLY A 61 7.96 -9.30 -6.19
N ILE A 62 8.11 -8.90 -4.94
CA ILE A 62 7.56 -9.66 -3.82
C ILE A 62 6.22 -9.09 -3.39
N GLU A 63 5.23 -9.97 -3.24
CA GLU A 63 3.91 -9.56 -2.80
C GLU A 63 3.90 -9.25 -1.30
N LEU A 64 3.27 -8.14 -0.94
CA LEU A 64 3.27 -7.69 0.45
C LEU A 64 2.14 -8.36 1.23
N ALA A 65 2.24 -9.67 1.39
CA ALA A 65 1.14 -10.46 1.92
C ALA A 65 1.17 -10.51 3.44
N ASP A 66 2.34 -10.24 4.01
CA ASP A 66 2.53 -10.30 5.46
C ASP A 66 2.25 -8.94 6.11
N ASP A 67 1.13 -8.85 6.83
CA ASP A 67 0.65 -7.57 7.32
C ASP A 67 1.62 -6.98 8.33
N TYR A 68 2.22 -7.84 9.16
CA TYR A 68 2.97 -7.38 10.32
C TYR A 68 4.46 -7.30 10.00
N ARG A 69 4.83 -7.74 8.79
CA ARG A 69 6.19 -7.57 8.30
C ARG A 69 6.46 -6.13 7.90
N ASN A 70 7.65 -5.64 8.22
CA ASN A 70 7.97 -4.23 8.03
C ASN A 70 8.21 -3.93 6.55
N LEU A 71 7.91 -2.69 6.15
CA LEU A 71 8.14 -2.25 4.78
C LEU A 71 9.63 -2.32 4.44
N ASN A 72 10.47 -1.90 5.39
CA ASN A 72 11.91 -2.01 5.22
C ASN A 72 12.34 -3.46 5.05
N GLU A 73 11.69 -4.35 5.79
CA GLU A 73 12.02 -5.77 5.73
C GLU A 73 11.66 -6.36 4.37
N TYR A 74 10.63 -5.80 3.74
CA TYR A 74 10.19 -6.27 2.43
C TYR A 74 11.07 -5.71 1.33
N GLY A 75 11.78 -4.64 1.63
CA GLY A 75 12.59 -3.98 0.62
C GLY A 75 11.88 -2.80 -0.01
N ILE A 76 10.98 -2.18 0.74
CA ILE A 76 10.24 -1.02 0.24
C ILE A 76 11.08 0.25 0.32
N THR A 77 11.45 0.78 -0.84
CA THR A 77 12.40 1.88 -0.89
C THR A 77 11.68 3.21 -1.14
N GLU A 78 12.46 4.28 -1.24
CA GLU A 78 11.89 5.61 -1.46
C GLU A 78 11.04 5.64 -2.72
N PHE A 79 11.41 4.82 -3.70
CA PHE A 79 10.78 4.84 -5.01
C PHE A 79 9.94 3.60 -5.24
N SER A 80 9.50 2.97 -4.15
CA SER A 80 8.77 1.72 -4.23
C SER A 80 7.57 1.84 -5.16
N GLU A 81 7.42 0.87 -6.06
CA GLU A 81 6.25 0.79 -6.91
C GLU A 81 5.39 -0.41 -6.55
N ILE A 82 4.16 -0.16 -6.11
CA ILE A 82 3.25 -1.21 -5.69
C ILE A 82 1.98 -1.21 -6.53
N VAL A 83 1.47 -2.40 -6.83
CA VAL A 83 0.24 -2.53 -7.60
C VAL A 83 -0.90 -3.06 -6.74
N VAL A 84 -2.04 -2.39 -6.79
CA VAL A 84 -3.14 -2.67 -5.87
C VAL A 84 -4.40 -3.08 -6.63
N PHE A 85 -4.99 -4.20 -6.22
CA PHE A 85 -6.21 -4.69 -6.84
C PHE A 85 -7.38 -4.65 -5.86
N LEU A 86 -8.54 -4.24 -6.36
CA LEU A 86 -9.72 -4.07 -5.50
C LEU A 86 -10.74 -5.17 -5.75
N LYS A 87 -11.16 -5.84 -4.69
CA LYS A 87 -12.21 -6.85 -4.79
C LYS A 87 -13.55 -6.29 -4.34
N SER A 88 -14.08 -5.33 -5.11
CA SER A 88 -15.39 -4.77 -4.83
C SER A 88 -16.03 -4.23 -6.11
N ILE A 89 -17.35 -4.21 -6.13
CA ILE A 89 -18.09 -3.70 -7.28
C ILE A 89 -18.68 -2.32 -6.99
N ASN A 90 -19.45 -2.23 -5.91
CA ASN A 90 -20.08 -0.97 -5.53
C ASN A 90 -19.03 0.06 -5.14
N ARG A 91 -19.38 1.34 -5.29
CA ARG A 91 -18.43 2.42 -5.07
C ARG A 91 -19.03 3.50 -4.16
N ALA A 92 -18.26 4.54 -3.89
CA ALA A 92 -18.72 5.64 -3.07
C ALA A 92 -18.25 6.99 -3.63
N LYS A 93 -19.09 8.01 -3.48
CA LYS A 93 -18.77 9.34 -3.99
C LYS A 93 -17.35 9.74 -3.60
N ASP A 94 -17.03 9.58 -2.32
CA ASP A 94 -15.70 9.92 -1.82
C ASP A 94 -14.64 9.02 -2.42
N ALA A 11 11.84 17.88 7.78
CA ALA A 11 12.95 16.94 7.65
C ALA A 11 12.43 15.50 7.56
N ALA A 12 12.83 14.81 6.50
CA ALA A 12 12.42 13.42 6.30
C ALA A 12 13.39 12.46 6.98
N VAL A 13 12.91 11.83 8.06
CA VAL A 13 13.74 10.90 8.82
C VAL A 13 13.05 9.55 8.96
N ARG A 14 13.54 8.56 8.22
CA ARG A 14 12.93 7.23 8.24
C ARG A 14 11.51 7.27 7.68
N LYS A 15 11.23 8.26 6.85
CA LYS A 15 9.96 8.33 6.14
C LYS A 15 10.14 7.96 4.67
N ILE A 16 9.14 7.29 4.12
CA ILE A 16 9.18 6.90 2.71
C ILE A 16 7.82 7.14 2.04
N HIS A 17 7.85 7.33 0.72
CA HIS A 17 6.62 7.37 -0.06
C HIS A 17 6.54 6.18 -1.02
N VAL A 18 5.33 5.66 -1.19
CA VAL A 18 5.12 4.50 -2.06
C VAL A 18 4.12 4.81 -3.16
N THR A 19 4.44 4.39 -4.38
CA THR A 19 3.60 4.66 -5.53
C THR A 19 2.52 3.60 -5.70
N VAL A 20 1.27 4.02 -5.60
CA VAL A 20 0.14 3.09 -5.69
C VAL A 20 -0.45 3.07 -7.09
N LYS A 21 -0.34 1.92 -7.76
CA LYS A 21 -0.79 1.79 -9.14
C LYS A 21 -2.09 0.98 -9.21
N PHE A 22 -3.16 1.62 -9.64
CA PHE A 22 -4.34 0.90 -10.12
C PHE A 22 -4.46 0.97 -11.64
N PRO A 23 -5.19 0.02 -12.22
CA PRO A 23 -5.46 -0.01 -13.66
C PRO A 23 -6.24 1.22 -14.11
N SER A 24 -6.98 1.83 -13.19
CA SER A 24 -7.86 2.94 -13.53
C SER A 24 -7.18 4.27 -13.23
N LYS A 25 -6.29 4.28 -12.25
CA LYS A 25 -5.66 5.50 -11.78
C LYS A 25 -4.44 5.20 -10.92
N GLN A 26 -3.58 6.20 -10.74
CA GLN A 26 -2.40 6.05 -9.90
C GLN A 26 -2.28 7.20 -8.91
N PHE A 27 -1.69 6.92 -7.75
CA PHE A 27 -1.45 7.95 -6.75
C PHE A 27 -0.39 7.50 -5.75
N THR A 28 0.14 8.45 -4.98
CA THR A 28 1.21 8.17 -4.03
C THR A 28 0.70 8.24 -2.60
N VAL A 29 1.31 7.46 -1.72
CA VAL A 29 0.97 7.50 -0.30
C VAL A 29 2.23 7.67 0.56
N GLU A 30 2.05 8.28 1.73
CA GLU A 30 3.17 8.53 2.63
C GLU A 30 3.12 7.59 3.84
N VAL A 31 4.18 6.82 4.03
CA VAL A 31 4.26 5.88 5.13
C VAL A 31 5.62 5.94 5.82
N ASP A 32 5.73 5.29 6.97
CA ASP A 32 6.99 5.21 7.69
C ASP A 32 7.79 3.98 7.27
N ARG A 33 9.12 4.11 7.24
CA ARG A 33 9.99 3.03 6.80
C ARG A 33 9.91 1.84 7.76
N THR A 34 9.76 2.15 9.05
CA THR A 34 9.81 1.12 10.08
C THR A 34 8.43 0.51 10.33
N GLU A 35 7.42 1.07 9.65
CA GLU A 35 6.06 0.56 9.78
C GLU A 35 5.86 -0.67 8.90
N THR A 36 4.84 -1.47 9.23
CA THR A 36 4.53 -2.66 8.46
C THR A 36 3.63 -2.34 7.28
N VAL A 37 3.41 -3.33 6.42
CA VAL A 37 2.64 -3.13 5.20
C VAL A 37 1.17 -2.80 5.53
N SER A 38 0.75 -3.17 6.72
CA SER A 38 -0.63 -2.94 7.15
C SER A 38 -0.92 -1.44 7.23
N SER A 39 0.09 -0.66 7.59
CA SER A 39 -0.02 0.79 7.57
C SER A 39 -0.05 1.31 6.14
N LEU A 40 0.71 0.68 5.26
CA LEU A 40 0.65 0.97 3.84
C LEU A 40 -0.73 0.65 3.27
N LYS A 41 -1.30 -0.47 3.73
CA LYS A 41 -2.64 -0.86 3.32
C LYS A 41 -3.68 0.10 3.87
N ASP A 42 -3.45 0.60 5.08
CA ASP A 42 -4.33 1.59 5.68
C ASP A 42 -4.42 2.84 4.80
N LYS A 43 -3.27 3.31 4.33
CA LYS A 43 -3.21 4.50 3.49
C LYS A 43 -3.95 4.28 2.17
N ILE A 44 -3.78 3.09 1.60
CA ILE A 44 -4.53 2.70 0.41
C ILE A 44 -6.03 2.66 0.70
N HIS A 45 -6.39 2.15 1.87
CA HIS A 45 -7.79 2.04 2.26
C HIS A 45 -8.42 3.41 2.48
N ILE A 46 -7.61 4.33 3.00
CA ILE A 46 -8.08 5.70 3.24
C ILE A 46 -8.43 6.39 1.93
N VAL A 47 -7.58 6.21 0.93
CA VAL A 47 -7.80 6.81 -0.38
C VAL A 47 -8.92 6.11 -1.13
N GLU A 48 -8.96 4.78 -1.01
CA GLU A 48 -9.91 3.97 -1.76
C GLU A 48 -11.17 3.71 -0.94
N ASN A 49 -12.08 2.93 -1.51
CA ASN A 49 -13.33 2.59 -0.83
C ASN A 49 -13.50 1.09 -0.71
N THR A 50 -12.38 0.37 -0.77
CA THR A 50 -12.41 -1.09 -0.68
C THR A 50 -11.75 -1.57 0.60
N PRO A 51 -12.44 -2.46 1.33
CA PRO A 51 -11.93 -3.04 2.58
C PRO A 51 -10.55 -3.64 2.41
N ILE A 52 -9.71 -3.50 3.44
CA ILE A 52 -8.36 -4.03 3.39
C ILE A 52 -8.35 -5.54 3.20
N LYS A 53 -9.33 -6.21 3.79
CA LYS A 53 -9.44 -7.65 3.69
C LYS A 53 -9.76 -8.08 2.26
N ARG A 54 -10.29 -7.15 1.48
CA ARG A 54 -10.66 -7.43 0.10
C ARG A 54 -9.59 -6.91 -0.86
N MET A 55 -8.96 -5.81 -0.49
CA MET A 55 -7.91 -5.21 -1.31
C MET A 55 -6.65 -6.08 -1.31
N GLN A 56 -6.11 -6.32 -2.49
CA GLN A 56 -4.88 -7.10 -2.63
C GLN A 56 -3.69 -6.19 -2.93
N LEU A 57 -2.60 -6.40 -2.21
CA LEU A 57 -1.44 -5.53 -2.30
C LEU A 57 -0.22 -6.29 -2.81
N TYR A 58 0.21 -5.97 -4.03
CA TYR A 58 1.39 -6.60 -4.61
C TYR A 58 2.51 -5.58 -4.81
N TYR A 59 3.74 -5.99 -4.53
CA TYR A 59 4.90 -5.15 -4.79
C TYR A 59 5.82 -5.79 -5.82
N SER A 60 6.28 -4.98 -6.77
CA SER A 60 7.26 -5.44 -7.76
C SER A 60 8.10 -6.58 -7.19
N GLY A 61 7.81 -7.80 -7.61
CA GLY A 61 8.52 -8.96 -7.09
C GLY A 61 7.75 -9.67 -6.00
N ILE A 62 7.88 -9.17 -4.77
CA ILE A 62 7.31 -9.85 -3.61
C ILE A 62 5.94 -9.26 -3.26
N GLU A 63 4.97 -10.13 -3.05
CA GLU A 63 3.65 -9.71 -2.61
C GLU A 63 3.67 -9.34 -1.12
N LEU A 64 3.02 -8.23 -0.79
CA LEU A 64 3.11 -7.67 0.55
C LEU A 64 2.01 -8.23 1.44
N ALA A 65 2.09 -9.52 1.74
CA ALA A 65 0.97 -10.25 2.33
C ALA A 65 1.15 -10.40 3.84
N ASP A 66 2.39 -10.21 4.30
CA ASP A 66 2.72 -10.46 5.70
C ASP A 66 2.51 -9.21 6.54
N ASP A 67 1.53 -9.26 7.44
CA ASP A 67 1.14 -8.08 8.22
C ASP A 67 2.26 -7.66 9.17
N TYR A 68 3.03 -8.65 9.64
CA TYR A 68 4.00 -8.42 10.70
C TYR A 68 5.38 -8.13 10.13
N ARG A 69 5.52 -8.31 8.81
CA ARG A 69 6.77 -8.00 8.13
C ARG A 69 6.82 -6.52 7.77
N ASN A 70 7.95 -5.89 8.07
CA ASN A 70 8.08 -4.44 7.96
C ASN A 70 8.33 -4.02 6.51
N LEU A 71 8.00 -2.77 6.20
CA LEU A 71 8.27 -2.23 4.87
C LEU A 71 9.76 -2.27 4.55
N ASN A 72 10.58 -1.94 5.55
CA ASN A 72 12.02 -2.05 5.41
C ASN A 72 12.44 -3.49 5.13
N GLU A 73 11.81 -4.43 5.84
CA GLU A 73 12.11 -5.84 5.68
C GLU A 73 11.70 -6.32 4.28
N TYR A 74 10.67 -5.70 3.73
CA TYR A 74 10.19 -6.04 2.39
C TYR A 74 11.08 -5.41 1.33
N GLY A 75 11.83 -4.38 1.71
CA GLY A 75 12.67 -3.67 0.77
C GLY A 75 11.94 -2.51 0.10
N ILE A 76 10.97 -1.95 0.80
CA ILE A 76 10.17 -0.86 0.26
C ILE A 76 10.89 0.48 0.40
N THR A 77 11.12 1.14 -0.73
CA THR A 77 11.91 2.36 -0.74
C THR A 77 11.05 3.58 -1.03
N GLU A 78 11.69 4.72 -1.26
CA GLU A 78 10.98 5.94 -1.59
C GLU A 78 10.54 5.96 -3.05
N PHE A 79 11.06 5.01 -3.82
CA PHE A 79 10.76 4.95 -5.25
C PHE A 79 10.02 3.67 -5.59
N SER A 80 9.79 2.83 -4.58
CA SER A 80 9.19 1.52 -4.80
C SER A 80 7.76 1.66 -5.34
N GLU A 81 7.44 0.87 -6.36
CA GLU A 81 6.12 0.92 -6.98
C GLU A 81 5.33 -0.34 -6.67
N ILE A 82 4.10 -0.15 -6.19
CA ILE A 82 3.24 -1.26 -5.83
C ILE A 82 1.98 -1.30 -6.70
N VAL A 83 1.53 -2.50 -7.04
CA VAL A 83 0.32 -2.67 -7.81
C VAL A 83 -0.81 -3.24 -6.95
N VAL A 84 -1.94 -2.54 -6.93
CA VAL A 84 -3.01 -2.84 -5.98
C VAL A 84 -4.30 -3.22 -6.70
N PHE A 85 -4.93 -4.29 -6.24
CA PHE A 85 -6.16 -4.79 -6.87
C PHE A 85 -7.34 -4.67 -5.93
N LEU A 86 -8.50 -4.31 -6.47
CA LEU A 86 -9.70 -4.11 -5.68
C LEU A 86 -10.68 -5.26 -5.85
N LYS A 87 -11.24 -5.73 -4.75
CA LYS A 87 -12.27 -6.77 -4.78
C LYS A 87 -13.54 -6.29 -4.11
N SER A 88 -14.26 -5.39 -4.78
CA SER A 88 -15.58 -4.98 -4.33
C SER A 88 -16.42 -4.45 -5.49
N ILE A 89 -17.73 -4.57 -5.37
CA ILE A 89 -18.65 -4.08 -6.40
C ILE A 89 -19.32 -2.78 -5.96
N ASN A 90 -19.98 -2.83 -4.80
CA ASN A 90 -20.58 -1.63 -4.22
C ASN A 90 -19.50 -0.64 -3.81
N ARG A 91 -19.89 0.63 -3.70
CA ARG A 91 -18.94 1.70 -3.41
C ARG A 91 -19.24 2.35 -2.06
N ALA A 92 -18.37 3.28 -1.66
CA ALA A 92 -18.56 3.98 -0.39
C ALA A 92 -17.89 5.35 -0.43
N LYS A 93 -18.40 6.28 0.38
CA LYS A 93 -17.83 7.61 0.48
C LYS A 93 -16.36 7.54 0.90
N ASP A 94 -16.13 7.01 2.10
CA ASP A 94 -14.76 6.81 2.58
C ASP A 94 -14.07 5.68 1.81
N ALA A 11 11.61 17.77 7.72
CA ALA A 11 12.78 16.91 7.66
C ALA A 11 12.38 15.45 7.50
N ALA A 12 12.86 14.81 6.43
CA ALA A 12 12.55 13.41 6.17
C ALA A 12 13.54 12.50 6.90
N VAL A 13 13.09 11.92 8.01
CA VAL A 13 13.94 11.04 8.81
C VAL A 13 13.29 9.68 9.00
N ARG A 14 13.84 8.66 8.35
CA ARG A 14 13.30 7.31 8.41
C ARG A 14 11.91 7.27 7.77
N LYS A 15 11.66 8.19 6.86
CA LYS A 15 10.42 8.19 6.09
C LYS A 15 10.68 7.78 4.63
N ILE A 16 9.69 7.13 4.03
CA ILE A 16 9.77 6.75 2.62
C ILE A 16 8.48 7.06 1.88
N HIS A 17 8.60 7.36 0.59
CA HIS A 17 7.42 7.58 -0.25
C HIS A 17 7.08 6.34 -1.05
N VAL A 18 5.79 6.09 -1.22
CA VAL A 18 5.33 4.92 -1.98
C VAL A 18 4.39 5.33 -3.10
N THR A 19 4.67 4.85 -4.30
CA THR A 19 3.80 5.11 -5.45
C THR A 19 2.82 3.95 -5.66
N VAL A 20 1.54 4.23 -5.47
CA VAL A 20 0.52 3.19 -5.52
C VAL A 20 -0.20 3.19 -6.86
N LYS A 21 -0.06 2.09 -7.60
CA LYS A 21 -0.61 2.00 -8.95
C LYS A 21 -1.92 1.22 -8.94
N PHE A 22 -2.98 1.84 -9.47
CA PHE A 22 -4.25 1.15 -9.66
C PHE A 22 -4.49 0.86 -11.14
N PRO A 23 -5.44 -0.03 -11.43
CA PRO A 23 -5.72 -0.49 -12.79
C PRO A 23 -5.97 0.67 -13.75
N SER A 24 -6.66 1.69 -13.26
CA SER A 24 -7.14 2.77 -14.12
C SER A 24 -6.57 4.11 -13.67
N LYS A 25 -5.91 4.12 -12.52
CA LYS A 25 -5.47 5.36 -11.89
C LYS A 25 -4.22 5.13 -11.04
N GLN A 26 -3.55 6.22 -10.68
CA GLN A 26 -2.38 6.14 -9.80
C GLN A 26 -2.50 7.15 -8.67
N PHE A 27 -1.82 6.86 -7.56
CA PHE A 27 -1.80 7.77 -6.42
C PHE A 27 -0.59 7.49 -5.52
N THR A 28 -0.01 8.55 -4.97
CA THR A 28 1.19 8.43 -4.16
C THR A 28 0.88 8.67 -2.69
N VAL A 29 1.62 7.99 -1.81
CA VAL A 29 1.41 8.11 -0.37
C VAL A 29 2.73 8.28 0.37
N GLU A 30 2.67 8.75 1.60
CA GLU A 30 3.86 8.90 2.43
C GLU A 30 3.75 8.01 3.67
N VAL A 31 4.78 7.19 3.89
CA VAL A 31 4.76 6.22 4.98
C VAL A 31 6.10 6.20 5.71
N ASP A 32 6.13 5.53 6.86
CA ASP A 32 7.35 5.42 7.64
C ASP A 32 8.11 4.15 7.27
N ARG A 33 9.44 4.24 7.28
CA ARG A 33 10.29 3.13 6.87
C ARG A 33 10.13 1.95 7.83
N THR A 34 9.90 2.25 9.10
CA THR A 34 9.89 1.23 10.13
C THR A 34 8.50 0.63 10.31
N GLU A 35 7.51 1.22 9.63
CA GLU A 35 6.14 0.75 9.71
C GLU A 35 5.94 -0.47 8.81
N THR A 36 4.90 -1.26 9.12
CA THR A 36 4.59 -2.44 8.33
C THR A 36 3.62 -2.11 7.20
N VAL A 37 3.43 -3.06 6.30
CA VAL A 37 2.55 -2.86 5.14
C VAL A 37 1.11 -2.67 5.58
N SER A 38 0.79 -3.12 6.78
CA SER A 38 -0.56 -2.96 7.34
C SER A 38 -0.90 -1.47 7.48
N SER A 39 0.12 -0.65 7.71
CA SER A 39 -0.05 0.80 7.72
C SER A 39 -0.24 1.33 6.30
N LEU A 40 0.52 0.77 5.36
CA LEU A 40 0.42 1.17 3.96
C LEU A 40 -0.97 0.86 3.41
N LYS A 41 -1.46 -0.36 3.68
CA LYS A 41 -2.74 -0.80 3.16
C LYS A 41 -3.89 -0.04 3.82
N ASP A 42 -3.72 0.29 5.09
CA ASP A 42 -4.70 1.09 5.82
C ASP A 42 -4.83 2.47 5.16
N LYS A 43 -3.71 3.08 4.82
CA LYS A 43 -3.70 4.40 4.19
C LYS A 43 -4.29 4.32 2.79
N ILE A 44 -3.96 3.25 2.07
CA ILE A 44 -4.58 2.98 0.78
C ILE A 44 -6.09 2.78 0.92
N HIS A 45 -6.49 2.13 2.01
CA HIS A 45 -7.91 1.92 2.29
C HIS A 45 -8.61 3.23 2.59
N ILE A 46 -7.92 4.11 3.31
CA ILE A 46 -8.46 5.43 3.62
C ILE A 46 -8.65 6.26 2.36
N VAL A 47 -7.69 6.16 1.43
CA VAL A 47 -7.77 6.87 0.16
C VAL A 47 -8.85 6.27 -0.73
N GLU A 48 -8.97 4.95 -0.72
CA GLU A 48 -9.92 4.25 -1.57
C GLU A 48 -11.23 3.98 -0.84
N ASN A 49 -12.13 3.27 -1.49
CA ASN A 49 -13.37 2.84 -0.86
C ASN A 49 -13.47 1.31 -0.84
N THR A 50 -12.33 0.65 -1.03
CA THR A 50 -12.30 -0.81 -1.09
C THR A 50 -11.83 -1.40 0.23
N PRO A 51 -12.62 -2.34 0.78
CA PRO A 51 -12.31 -3.01 2.04
C PRO A 51 -10.91 -3.63 2.04
N ILE A 52 -10.21 -3.52 3.17
CA ILE A 52 -8.88 -4.09 3.31
C ILE A 52 -8.90 -5.60 3.10
N LYS A 53 -9.94 -6.25 3.63
CA LYS A 53 -10.02 -7.70 3.58
C LYS A 53 -10.18 -8.19 2.16
N ARG A 54 -10.65 -7.31 1.28
CA ARG A 54 -10.90 -7.67 -0.11
C ARG A 54 -9.78 -7.17 -1.01
N MET A 55 -9.21 -6.02 -0.65
CA MET A 55 -8.14 -5.42 -1.44
C MET A 55 -6.85 -6.24 -1.31
N GLN A 56 -6.20 -6.50 -2.44
CA GLN A 56 -4.93 -7.23 -2.45
C GLN A 56 -3.77 -6.28 -2.74
N LEU A 57 -2.67 -6.47 -2.02
CA LEU A 57 -1.56 -5.52 -2.02
C LEU A 57 -0.28 -6.18 -2.51
N TYR A 58 0.25 -5.69 -3.62
CA TYR A 58 1.36 -6.34 -4.30
C TYR A 58 2.55 -5.40 -4.43
N TYR A 59 3.74 -5.91 -4.15
CA TYR A 59 4.97 -5.13 -4.32
C TYR A 59 5.80 -5.68 -5.48
N SER A 60 6.02 -4.83 -6.48
CA SER A 60 6.76 -5.23 -7.68
C SER A 60 7.66 -6.44 -7.38
N GLY A 61 7.19 -7.61 -7.76
CA GLY A 61 7.96 -8.82 -7.54
C GLY A 61 7.31 -9.76 -6.54
N ILE A 62 7.20 -9.30 -5.30
CA ILE A 62 6.61 -10.11 -4.23
C ILE A 62 5.32 -9.49 -3.72
N GLU A 63 4.39 -10.34 -3.28
CA GLU A 63 3.14 -9.88 -2.69
C GLU A 63 3.32 -9.54 -1.22
N LEU A 64 2.67 -8.47 -0.78
CA LEU A 64 2.84 -7.98 0.59
C LEU A 64 1.84 -8.64 1.53
N ALA A 65 2.01 -9.95 1.72
CA ALA A 65 0.96 -10.77 2.33
C ALA A 65 1.08 -10.76 3.85
N ASP A 66 2.28 -10.44 4.35
CA ASP A 66 2.57 -10.56 5.77
C ASP A 66 2.37 -9.21 6.47
N ASP A 67 1.35 -9.12 7.31
CA ASP A 67 0.98 -7.87 7.95
C ASP A 67 2.09 -7.37 8.87
N TYR A 68 2.82 -8.32 9.47
CA TYR A 68 3.76 -7.99 10.54
C TYR A 68 5.16 -7.77 9.98
N ARG A 69 5.31 -8.01 8.68
CA ARG A 69 6.59 -7.77 8.01
C ARG A 69 6.72 -6.30 7.61
N ASN A 70 7.87 -5.71 7.90
CA ASN A 70 8.06 -4.27 7.80
C ASN A 70 8.31 -3.86 6.34
N LEU A 71 8.00 -2.62 6.02
CA LEU A 71 8.28 -2.08 4.69
C LEU A 71 9.76 -2.21 4.34
N ASN A 72 10.61 -1.93 5.31
CA ASN A 72 12.06 -2.09 5.13
C ASN A 72 12.41 -3.55 4.88
N GLU A 73 11.74 -4.45 5.60
CA GLU A 73 12.02 -5.87 5.48
C GLU A 73 11.62 -6.39 4.11
N TYR A 74 10.62 -5.76 3.51
CA TYR A 74 10.19 -6.11 2.16
C TYR A 74 11.18 -5.60 1.12
N GLY A 75 11.99 -4.62 1.52
CA GLY A 75 12.86 -3.95 0.58
C GLY A 75 12.17 -2.79 -0.12
N ILE A 76 11.17 -2.22 0.53
CA ILE A 76 10.40 -1.12 -0.05
C ILE A 76 11.09 0.22 0.18
N THR A 77 11.35 0.94 -0.91
CA THR A 77 12.16 2.15 -0.85
C THR A 77 11.34 3.39 -1.17
N GLU A 78 12.04 4.50 -1.40
CA GLU A 78 11.37 5.77 -1.68
C GLU A 78 10.88 5.81 -3.13
N PHE A 79 11.34 4.86 -3.93
CA PHE A 79 10.97 4.80 -5.34
C PHE A 79 10.07 3.60 -5.61
N SER A 80 9.59 2.96 -4.54
CA SER A 80 8.86 1.70 -4.67
C SER A 80 7.55 1.91 -5.41
N GLU A 81 7.26 1.00 -6.34
CA GLU A 81 5.94 0.95 -6.96
C GLU A 81 5.11 -0.19 -6.37
N ILE A 82 3.94 0.15 -5.82
CA ILE A 82 3.08 -0.83 -5.19
C ILE A 82 1.77 -0.98 -5.95
N VAL A 83 1.45 -2.21 -6.36
CA VAL A 83 0.30 -2.47 -7.20
C VAL A 83 -0.88 -2.97 -6.38
N VAL A 84 -2.04 -2.33 -6.57
CA VAL A 84 -3.24 -2.69 -5.83
C VAL A 84 -4.26 -3.39 -6.72
N PHE A 85 -4.72 -4.56 -6.27
CA PHE A 85 -5.74 -5.30 -7.00
C PHE A 85 -7.06 -5.31 -6.24
N LEU A 86 -8.16 -5.04 -6.94
CA LEU A 86 -9.46 -4.88 -6.31
C LEU A 86 -10.31 -6.13 -6.48
N LYS A 87 -10.81 -6.65 -5.37
CA LYS A 87 -11.72 -7.79 -5.39
C LYS A 87 -12.97 -7.52 -4.56
N SER A 88 -13.68 -6.45 -4.90
CA SER A 88 -14.91 -6.10 -4.20
C SER A 88 -15.92 -5.45 -5.16
N ILE A 89 -17.18 -5.77 -4.96
CA ILE A 89 -18.25 -5.13 -5.72
C ILE A 89 -18.89 -3.98 -4.94
N ASN A 90 -19.33 -4.28 -3.72
CA ASN A 90 -19.79 -3.25 -2.81
C ASN A 90 -18.64 -2.34 -2.38
N ARG A 91 -18.99 -1.22 -1.75
CA ARG A 91 -17.98 -0.26 -1.29
C ARG A 91 -18.04 -0.10 0.22
N ALA A 92 -16.98 0.45 0.80
CA ALA A 92 -16.91 0.70 2.23
C ALA A 92 -17.02 2.17 2.54
N LYS A 93 -17.62 2.49 3.68
CA LYS A 93 -17.76 3.89 4.11
C LYS A 93 -16.42 4.60 4.07
N ASP A 94 -15.42 4.00 4.72
CA ASP A 94 -14.07 4.57 4.72
C ASP A 94 -13.42 4.42 3.34
N ALA A 11 11.83 17.97 7.25
CA ALA A 11 12.93 17.02 7.24
C ALA A 11 12.41 15.59 7.21
N ALA A 12 12.87 14.81 6.22
CA ALA A 12 12.46 13.42 6.09
C ALA A 12 13.45 12.50 6.80
N VAL A 13 13.00 11.89 7.89
CA VAL A 13 13.85 10.98 8.67
C VAL A 13 13.18 9.62 8.85
N ARG A 14 13.65 8.63 8.10
CA ARG A 14 13.06 7.30 8.14
C ARG A 14 11.63 7.33 7.60
N LYS A 15 11.33 8.32 6.77
CA LYS A 15 10.04 8.40 6.10
C LYS A 15 10.17 8.04 4.62
N ILE A 16 9.17 7.36 4.08
CA ILE A 16 9.19 6.94 2.70
C ILE A 16 7.83 7.17 2.02
N HIS A 17 7.85 7.37 0.72
CA HIS A 17 6.61 7.43 -0.06
C HIS A 17 6.51 6.24 -1.02
N VAL A 18 5.31 5.71 -1.18
CA VAL A 18 5.09 4.56 -2.04
C VAL A 18 4.10 4.89 -3.16
N THR A 19 4.44 4.46 -4.37
CA THR A 19 3.58 4.73 -5.53
C THR A 19 2.52 3.65 -5.69
N VAL A 20 1.26 4.05 -5.61
CA VAL A 20 0.15 3.10 -5.70
C VAL A 20 -0.41 3.04 -7.12
N LYS A 21 -0.27 1.88 -7.75
CA LYS A 21 -0.71 1.70 -9.13
C LYS A 21 -2.01 0.90 -9.20
N PHE A 22 -3.07 1.54 -9.67
CA PHE A 22 -4.23 0.83 -10.19
C PHE A 22 -4.29 0.89 -11.70
N PRO A 23 -5.00 -0.06 -12.31
CA PRO A 23 -5.23 -0.08 -13.75
C PRO A 23 -6.00 1.15 -14.23
N SER A 24 -6.75 1.76 -13.32
CA SER A 24 -7.63 2.87 -13.67
C SER A 24 -6.96 4.21 -13.35
N LYS A 25 -6.09 4.21 -12.33
CA LYS A 25 -5.49 5.44 -11.85
C LYS A 25 -4.29 5.13 -10.95
N GLN A 26 -3.45 6.14 -10.74
CA GLN A 26 -2.30 6.00 -9.85
C GLN A 26 -2.24 7.17 -8.87
N PHE A 27 -1.67 6.93 -7.70
CA PHE A 27 -1.47 7.98 -6.70
C PHE A 27 -0.41 7.57 -5.69
N THR A 28 0.08 8.55 -4.93
CA THR A 28 1.18 8.31 -4.01
C THR A 28 0.71 8.39 -2.55
N VAL A 29 1.25 7.52 -1.71
CA VAL A 29 0.92 7.53 -0.29
C VAL A 29 2.18 7.67 0.56
N GLU A 30 2.02 8.25 1.75
CA GLU A 30 3.15 8.50 2.64
C GLU A 30 3.11 7.56 3.84
N VAL A 31 4.20 6.81 4.03
CA VAL A 31 4.30 5.89 5.15
C VAL A 31 5.68 5.96 5.80
N ASP A 32 5.81 5.34 6.96
CA ASP A 32 7.08 5.32 7.67
C ASP A 32 7.87 4.05 7.36
N ARG A 33 9.20 4.15 7.36
CA ARG A 33 10.06 3.03 7.02
C ARG A 33 9.92 1.90 8.06
N THR A 34 9.70 2.29 9.31
CA THR A 34 9.67 1.33 10.40
C THR A 34 8.29 0.68 10.53
N GLU A 35 7.35 1.15 9.73
CA GLU A 35 5.99 0.59 9.74
C GLU A 35 5.91 -0.65 8.86
N THR A 36 4.91 -1.49 9.11
CA THR A 36 4.65 -2.64 8.27
C THR A 36 3.77 -2.28 7.09
N VAL A 37 3.51 -3.26 6.22
CA VAL A 37 2.62 -3.06 5.09
C VAL A 37 1.20 -2.74 5.56
N SER A 38 0.92 -3.05 6.81
CA SER A 38 -0.39 -2.73 7.39
C SER A 38 -0.70 -1.26 7.26
N SER A 39 0.29 -0.41 7.55
CA SER A 39 0.12 1.03 7.45
C SER A 39 0.03 1.47 6.00
N LEU A 40 0.75 0.77 5.13
CA LEU A 40 0.66 1.00 3.69
C LEU A 40 -0.74 0.64 3.17
N LYS A 41 -1.30 -0.44 3.68
CA LYS A 41 -2.65 -0.84 3.33
C LYS A 41 -3.68 0.14 3.88
N ASP A 42 -3.42 0.65 5.08
CA ASP A 42 -4.29 1.66 5.69
C ASP A 42 -4.42 2.88 4.79
N LYS A 43 -3.29 3.36 4.29
CA LYS A 43 -3.27 4.56 3.45
C LYS A 43 -4.02 4.32 2.15
N ILE A 44 -3.83 3.14 1.56
CA ILE A 44 -4.60 2.73 0.39
C ILE A 44 -6.09 2.65 0.71
N HIS A 45 -6.40 2.13 1.90
CA HIS A 45 -7.79 2.00 2.34
C HIS A 45 -8.42 3.37 2.53
N ILE A 46 -7.63 4.32 3.01
CA ILE A 46 -8.10 5.69 3.22
C ILE A 46 -8.48 6.34 1.90
N VAL A 47 -7.65 6.13 0.89
CA VAL A 47 -7.88 6.72 -0.43
C VAL A 47 -9.00 5.97 -1.16
N GLU A 48 -9.00 4.65 -1.04
CA GLU A 48 -9.92 3.82 -1.79
C GLU A 48 -11.20 3.56 -1.00
N ASN A 49 -12.12 2.80 -1.59
CA ASN A 49 -13.38 2.46 -0.93
C ASN A 49 -13.47 0.96 -0.68
N THR A 50 -12.32 0.28 -0.71
CA THR A 50 -12.28 -1.17 -0.60
C THR A 50 -11.64 -1.60 0.72
N PRO A 51 -12.32 -2.49 1.44
CA PRO A 51 -11.80 -3.04 2.71
C PRO A 51 -10.41 -3.63 2.56
N ILE A 52 -9.59 -3.47 3.58
CA ILE A 52 -8.22 -3.98 3.56
C ILE A 52 -8.20 -5.50 3.40
N LYS A 53 -9.16 -6.17 4.03
CA LYS A 53 -9.25 -7.62 3.97
C LYS A 53 -9.56 -8.10 2.56
N ARG A 54 -10.11 -7.20 1.75
CA ARG A 54 -10.47 -7.53 0.37
C ARG A 54 -9.42 -7.02 -0.61
N MET A 55 -8.85 -5.86 -0.31
CA MET A 55 -7.85 -5.26 -1.19
C MET A 55 -6.58 -6.11 -1.22
N GLN A 56 -6.08 -6.36 -2.42
CA GLN A 56 -4.86 -7.15 -2.59
C GLN A 56 -3.68 -6.25 -2.94
N LEU A 57 -2.52 -6.55 -2.35
CA LEU A 57 -1.39 -5.63 -2.39
C LEU A 57 -0.14 -6.34 -2.91
N TYR A 58 0.30 -5.96 -4.10
CA TYR A 58 1.52 -6.53 -4.69
C TYR A 58 2.62 -5.48 -4.79
N TYR A 59 3.84 -5.88 -4.49
CA TYR A 59 5.00 -5.02 -4.64
C TYR A 59 5.97 -5.58 -5.68
N SER A 60 6.46 -4.71 -6.56
CA SER A 60 7.47 -5.09 -7.53
C SER A 60 8.30 -6.27 -7.02
N GLY A 61 8.01 -7.46 -7.53
CA GLY A 61 8.72 -8.64 -7.09
C GLY A 61 7.94 -9.43 -6.06
N ILE A 62 7.98 -8.99 -4.81
CA ILE A 62 7.37 -9.71 -3.71
C ILE A 62 5.99 -9.16 -3.39
N GLU A 63 5.01 -10.05 -3.27
CA GLU A 63 3.66 -9.65 -2.85
C GLU A 63 3.62 -9.36 -1.36
N LEU A 64 2.92 -8.30 -0.99
CA LEU A 64 2.97 -7.78 0.38
C LEU A 64 1.87 -8.40 1.23
N ALA A 65 1.98 -9.71 1.46
CA ALA A 65 0.89 -10.47 2.04
C ALA A 65 0.96 -10.47 3.57
N ASP A 66 2.17 -10.27 4.10
CA ASP A 66 2.41 -10.43 5.52
C ASP A 66 2.24 -9.10 6.26
N ASP A 67 1.21 -9.04 7.11
CA ASP A 67 0.83 -7.79 7.75
C ASP A 67 1.89 -7.35 8.75
N TYR A 68 2.59 -8.32 9.33
CA TYR A 68 3.49 -8.06 10.46
C TYR A 68 4.92 -7.89 9.97
N ARG A 69 5.15 -8.19 8.69
CA ARG A 69 6.45 -7.97 8.07
C ARG A 69 6.62 -6.51 7.68
N ASN A 70 7.77 -5.94 8.01
CA ASN A 70 7.98 -4.51 7.90
C ASN A 70 8.20 -4.09 6.45
N LEU A 71 7.91 -2.83 6.15
CA LEU A 71 8.17 -2.28 4.83
C LEU A 71 9.66 -2.39 4.48
N ASN A 72 10.51 -2.13 5.48
CA ASN A 72 11.95 -2.26 5.30
C ASN A 72 12.32 -3.70 4.96
N GLU A 73 11.69 -4.64 5.64
CA GLU A 73 11.97 -6.06 5.44
C GLU A 73 11.57 -6.51 4.04
N TYR A 74 10.55 -5.86 3.49
CA TYR A 74 10.06 -6.20 2.15
C TYR A 74 10.93 -5.57 1.08
N GLY A 75 11.69 -4.55 1.47
CA GLY A 75 12.50 -3.83 0.50
C GLY A 75 11.79 -2.61 -0.05
N ILE A 76 10.88 -2.05 0.73
CA ILE A 76 10.09 -0.91 0.29
C ILE A 76 10.88 0.39 0.45
N THR A 77 11.11 1.08 -0.66
CA THR A 77 11.94 2.28 -0.67
C THR A 77 11.11 3.53 -0.96
N GLU A 78 11.79 4.64 -1.19
CA GLU A 78 11.12 5.88 -1.53
C GLU A 78 10.69 5.89 -3.00
N PHE A 79 11.09 4.85 -3.72
CA PHE A 79 10.69 4.70 -5.12
C PHE A 79 9.80 3.49 -5.30
N SER A 80 9.30 2.96 -4.19
CA SER A 80 8.54 1.71 -4.21
C SER A 80 7.40 1.79 -5.21
N GLU A 81 7.34 0.83 -6.12
CA GLU A 81 6.21 0.70 -7.04
C GLU A 81 5.37 -0.53 -6.70
N ILE A 82 4.13 -0.28 -6.28
CA ILE A 82 3.24 -1.37 -5.89
C ILE A 82 1.99 -1.40 -6.76
N VAL A 83 1.52 -2.60 -7.09
CA VAL A 83 0.29 -2.78 -7.84
C VAL A 83 -0.83 -3.31 -6.96
N VAL A 84 -1.96 -2.61 -6.96
CA VAL A 84 -3.02 -2.88 -6.00
C VAL A 84 -4.32 -3.28 -6.70
N PHE A 85 -4.96 -4.33 -6.21
CA PHE A 85 -6.19 -4.83 -6.80
C PHE A 85 -7.35 -4.69 -5.84
N LEU A 86 -8.52 -4.30 -6.37
CA LEU A 86 -9.69 -4.08 -5.53
C LEU A 86 -10.66 -5.25 -5.65
N LYS A 87 -11.18 -5.71 -4.52
CA LYS A 87 -12.16 -6.79 -4.50
C LYS A 87 -13.42 -6.37 -3.75
N SER A 88 -14.15 -5.42 -4.32
CA SER A 88 -15.45 -5.01 -3.79
C SER A 88 -16.28 -4.32 -4.86
N ILE A 89 -17.59 -4.29 -4.65
CA ILE A 89 -18.50 -3.60 -5.56
C ILE A 89 -19.04 -2.31 -4.92
N ASN A 90 -19.65 -2.46 -3.75
CA ASN A 90 -20.24 -1.32 -3.04
C ASN A 90 -19.15 -0.41 -2.47
N ARG A 91 -19.46 0.88 -2.38
CA ARG A 91 -18.51 1.85 -1.86
C ARG A 91 -18.85 2.22 -0.42
N ALA A 92 -17.83 2.62 0.34
CA ALA A 92 -18.03 3.04 1.72
C ALA A 92 -16.98 4.07 2.13
N LYS A 93 -17.36 4.95 3.06
CA LYS A 93 -16.46 5.99 3.54
C LYS A 93 -15.26 5.38 4.26
N ASP A 94 -15.52 4.68 5.35
CA ASP A 94 -14.47 3.93 6.05
C ASP A 94 -14.17 2.62 5.33
N ALA A 11 6.03 5.02 14.32
CA ALA A 11 6.50 6.23 13.65
C ALA A 11 7.97 6.49 13.97
N ALA A 12 8.73 6.90 12.95
CA ALA A 12 10.15 7.20 13.12
C ALA A 12 10.59 8.31 12.18
N VAL A 13 11.85 8.74 12.32
CA VAL A 13 12.39 9.79 11.48
C VAL A 13 12.58 9.31 10.05
N ARG A 14 12.58 8.00 9.85
CA ARG A 14 12.92 7.41 8.57
C ARG A 14 11.69 7.27 7.69
N LYS A 15 11.32 8.35 7.02
CA LYS A 15 10.11 8.38 6.21
C LYS A 15 10.41 8.02 4.76
N ILE A 16 9.44 7.42 4.09
CA ILE A 16 9.56 7.14 2.66
C ILE A 16 8.25 7.46 1.93
N HIS A 17 8.35 7.69 0.62
CA HIS A 17 7.17 7.81 -0.22
C HIS A 17 6.94 6.54 -1.03
N VAL A 18 5.67 6.16 -1.18
CA VAL A 18 5.31 4.95 -1.91
C VAL A 18 4.30 5.25 -3.01
N THR A 19 4.57 4.74 -4.21
CA THR A 19 3.63 4.89 -5.32
C THR A 19 2.74 3.66 -5.46
N VAL A 20 1.45 3.85 -5.23
CA VAL A 20 0.50 2.74 -5.24
C VAL A 20 -0.45 2.84 -6.43
N LYS A 21 -0.46 1.82 -7.27
CA LYS A 21 -1.14 1.88 -8.55
C LYS A 21 -2.34 0.94 -8.58
N PHE A 22 -3.51 1.50 -8.86
CA PHE A 22 -4.71 0.71 -9.09
C PHE A 22 -5.11 0.74 -10.56
N PRO A 23 -5.97 -0.21 -10.96
CA PRO A 23 -6.51 -0.26 -12.33
C PRO A 23 -7.37 0.95 -12.66
N SER A 24 -7.97 1.54 -11.63
CA SER A 24 -8.91 2.65 -11.83
C SER A 24 -8.21 3.99 -11.63
N LYS A 25 -7.14 3.98 -10.83
CA LYS A 25 -6.47 5.22 -10.44
C LYS A 25 -5.12 4.93 -9.79
N GLN A 26 -4.19 5.87 -9.91
CA GLN A 26 -2.90 5.76 -9.25
C GLN A 26 -2.59 7.00 -8.43
N PHE A 27 -1.84 6.82 -7.35
CA PHE A 27 -1.46 7.92 -6.48
C PHE A 27 -0.32 7.53 -5.56
N THR A 28 0.25 8.52 -4.87
CA THR A 28 1.34 8.28 -3.95
C THR A 28 0.92 8.53 -2.51
N VAL A 29 1.59 7.85 -1.57
CA VAL A 29 1.31 8.04 -0.15
C VAL A 29 2.60 8.28 0.63
N GLU A 30 2.47 8.87 1.81
CA GLU A 30 3.62 9.09 2.68
C GLU A 30 3.59 8.15 3.89
N VAL A 31 4.60 7.32 4.00
CA VAL A 31 4.65 6.29 5.04
C VAL A 31 6.03 6.22 5.69
N ASP A 32 6.14 5.41 6.73
CA ASP A 32 7.42 5.20 7.40
C ASP A 32 8.01 3.84 7.02
N ARG A 33 9.32 3.82 6.79
CA ARG A 33 9.99 2.59 6.35
C ARG A 33 10.01 1.55 7.46
N THR A 34 9.90 2.01 8.70
CA THR A 34 9.98 1.13 9.85
C THR A 34 8.60 0.65 10.29
N GLU A 35 7.56 1.24 9.69
CA GLU A 35 6.20 0.78 9.91
C GLU A 35 5.90 -0.46 9.08
N THR A 36 4.92 -1.24 9.51
CA THR A 36 4.55 -2.47 8.82
C THR A 36 3.71 -2.17 7.58
N VAL A 37 3.60 -3.15 6.69
CA VAL A 37 2.89 -2.97 5.44
C VAL A 37 1.40 -2.70 5.69
N SER A 38 0.92 -3.10 6.87
CA SER A 38 -0.47 -2.88 7.24
C SER A 38 -0.76 -1.39 7.41
N SER A 39 0.27 -0.64 7.76
CA SER A 39 0.17 0.82 7.84
C SER A 39 0.01 1.42 6.43
N LEU A 40 0.72 0.85 5.47
CA LEU A 40 0.54 1.22 4.07
C LEU A 40 -0.87 0.87 3.60
N LYS A 41 -1.36 -0.29 4.03
CA LYS A 41 -2.71 -0.72 3.70
C LYS A 41 -3.75 0.21 4.30
N ASP A 42 -3.47 0.69 5.52
CA ASP A 42 -4.33 1.66 6.17
C ASP A 42 -4.42 2.95 5.36
N LYS A 43 -3.27 3.40 4.85
CA LYS A 43 -3.22 4.59 4.01
C LYS A 43 -4.06 4.39 2.74
N ILE A 44 -3.95 3.20 2.15
CA ILE A 44 -4.78 2.85 1.00
C ILE A 44 -6.26 2.84 1.37
N HIS A 45 -6.57 2.34 2.56
CA HIS A 45 -7.94 2.25 3.02
C HIS A 45 -8.53 3.64 3.26
N ILE A 46 -7.68 4.56 3.71
CA ILE A 46 -8.11 5.94 3.94
C ILE A 46 -8.40 6.65 2.62
N VAL A 47 -7.50 6.49 1.66
CA VAL A 47 -7.60 7.20 0.39
C VAL A 47 -8.69 6.61 -0.49
N GLU A 48 -8.70 5.28 -0.59
CA GLU A 48 -9.66 4.59 -1.43
C GLU A 48 -10.85 4.08 -0.62
N ASN A 49 -12.03 4.13 -1.22
CA ASN A 49 -13.25 3.71 -0.53
C ASN A 49 -13.45 2.20 -0.65
N THR A 50 -12.51 1.44 -0.10
CA THR A 50 -12.57 -0.02 -0.17
C THR A 50 -11.87 -0.66 1.03
N PRO A 51 -12.47 -1.74 1.56
CA PRO A 51 -11.93 -2.45 2.72
C PRO A 51 -10.62 -3.17 2.39
N ILE A 52 -9.74 -3.27 3.38
CA ILE A 52 -8.43 -3.87 3.18
C ILE A 52 -8.55 -5.34 2.79
N LYS A 53 -9.56 -6.01 3.34
CA LYS A 53 -9.78 -7.43 3.06
C LYS A 53 -10.15 -7.65 1.60
N ARG A 54 -10.74 -6.63 0.99
CA ARG A 54 -11.13 -6.70 -0.42
C ARG A 54 -9.98 -6.24 -1.32
N MET A 55 -9.25 -5.23 -0.88
CA MET A 55 -8.09 -4.75 -1.62
C MET A 55 -6.94 -5.74 -1.56
N GLN A 56 -6.40 -6.08 -2.72
CA GLN A 56 -5.25 -6.98 -2.79
C GLN A 56 -3.98 -6.21 -3.13
N LEU A 57 -2.99 -6.31 -2.24
CA LEU A 57 -1.78 -5.51 -2.36
C LEU A 57 -0.55 -6.40 -2.55
N TYR A 58 0.14 -6.22 -3.68
CA TYR A 58 1.32 -7.02 -3.99
C TYR A 58 2.42 -6.14 -4.59
N TYR A 59 3.67 -6.51 -4.33
CA TYR A 59 4.81 -5.69 -4.73
C TYR A 59 5.80 -6.49 -5.55
N SER A 60 6.31 -5.88 -6.62
CA SER A 60 7.37 -6.48 -7.42
C SER A 60 8.37 -7.22 -6.54
N GLY A 61 8.65 -8.47 -6.90
CA GLY A 61 9.50 -9.31 -6.06
C GLY A 61 8.69 -10.09 -5.04
N ILE A 62 8.63 -9.55 -3.81
CA ILE A 62 7.93 -10.22 -2.73
C ILE A 62 6.48 -9.72 -2.62
N GLU A 63 5.54 -10.65 -2.59
CA GLU A 63 4.13 -10.31 -2.43
C GLU A 63 3.84 -9.87 -1.00
N LEU A 64 3.09 -8.77 -0.86
CA LEU A 64 2.88 -8.15 0.44
C LEU A 64 1.71 -8.81 1.17
N ALA A 65 1.84 -10.10 1.46
CA ALA A 65 0.74 -10.88 2.03
C ALA A 65 0.87 -10.97 3.54
N ASP A 66 2.04 -10.61 4.06
CA ASP A 66 2.31 -10.70 5.48
C ASP A 66 2.21 -9.33 6.15
N ASP A 67 1.18 -9.15 6.97
CA ASP A 67 0.89 -7.85 7.56
C ASP A 67 2.02 -7.41 8.49
N TYR A 68 2.69 -8.38 9.09
CA TYR A 68 3.57 -8.12 10.23
C TYR A 68 4.97 -7.74 9.76
N ARG A 69 5.21 -7.87 8.46
CA ARG A 69 6.49 -7.50 7.88
C ARG A 69 6.57 -6.00 7.63
N ASN A 70 7.77 -5.44 7.78
CA ASN A 70 7.96 -4.01 7.64
C ASN A 70 8.16 -3.63 6.16
N LEU A 71 7.86 -2.38 5.83
CA LEU A 71 8.10 -1.87 4.49
C LEU A 71 9.59 -1.93 4.14
N ASN A 72 10.43 -1.53 5.10
CA ASN A 72 11.87 -1.68 4.95
C ASN A 72 12.26 -3.16 4.87
N GLU A 73 11.54 -3.99 5.60
CA GLU A 73 11.80 -5.43 5.60
C GLU A 73 11.54 -6.03 4.22
N TYR A 74 10.58 -5.46 3.50
CA TYR A 74 10.25 -5.92 2.17
C TYR A 74 11.27 -5.39 1.15
N GLY A 75 12.03 -4.38 1.56
CA GLY A 75 12.95 -3.73 0.64
C GLY A 75 12.28 -2.64 -0.17
N ILE A 76 11.19 -2.09 0.36
CA ILE A 76 10.42 -1.07 -0.36
C ILE A 76 11.05 0.31 -0.20
N THR A 77 11.31 0.97 -1.32
CA THR A 77 12.08 2.20 -1.31
C THR A 77 11.18 3.40 -1.63
N GLU A 78 11.79 4.58 -1.70
CA GLU A 78 11.06 5.81 -2.00
C GLU A 78 10.64 5.84 -3.47
N PHE A 79 11.22 4.94 -4.26
CA PHE A 79 10.97 4.93 -5.70
C PHE A 79 10.18 3.68 -6.09
N SER A 80 9.93 2.81 -5.11
CA SER A 80 9.26 1.54 -5.37
C SER A 80 7.80 1.77 -5.75
N GLU A 81 7.32 1.00 -6.72
CA GLU A 81 5.91 1.04 -7.11
C GLU A 81 5.20 -0.25 -6.71
N ILE A 82 4.07 -0.12 -6.04
CA ILE A 82 3.33 -1.27 -5.54
C ILE A 82 1.95 -1.35 -6.18
N VAL A 83 1.60 -2.53 -6.69
CA VAL A 83 0.45 -2.68 -7.56
C VAL A 83 -0.73 -3.33 -6.83
N VAL A 84 -1.92 -2.78 -7.04
CA VAL A 84 -3.11 -3.26 -6.35
C VAL A 84 -4.08 -3.93 -7.31
N PHE A 85 -4.63 -5.07 -6.89
CA PHE A 85 -5.70 -5.72 -7.63
C PHE A 85 -7.04 -5.57 -6.91
N LEU A 86 -8.07 -5.19 -7.64
CA LEU A 86 -9.37 -4.90 -7.06
C LEU A 86 -10.36 -6.02 -7.36
N LYS A 87 -11.09 -6.44 -6.33
CA LYS A 87 -12.16 -7.42 -6.50
C LYS A 87 -13.18 -6.93 -7.52
N SER A 88 -13.53 -7.80 -8.47
CA SER A 88 -14.44 -7.43 -9.55
C SER A 88 -15.89 -7.48 -9.08
N ILE A 89 -16.77 -6.78 -9.78
CA ILE A 89 -18.17 -6.73 -9.42
C ILE A 89 -18.34 -6.27 -7.97
N ASN A 90 -17.61 -5.23 -7.58
CA ASN A 90 -17.59 -4.79 -6.20
C ASN A 90 -18.54 -3.62 -5.98
N ARG A 91 -18.44 -2.98 -4.82
CA ARG A 91 -19.28 -1.83 -4.49
C ARG A 91 -18.52 -0.83 -3.62
N ALA A 92 -18.56 0.43 -4.02
CA ALA A 92 -17.86 1.49 -3.30
C ALA A 92 -18.50 2.85 -3.54
N LYS A 93 -18.24 3.78 -2.64
CA LYS A 93 -18.81 5.13 -2.74
C LYS A 93 -17.95 6.00 -3.65
N ASP A 94 -18.57 7.00 -4.27
CA ASP A 94 -17.86 7.91 -5.15
C ASP A 94 -17.08 8.95 -4.33
N ALA A 11 20.26 5.86 2.45
CA ALA A 11 19.78 7.22 2.67
C ALA A 11 19.54 7.47 4.16
N ALA A 12 19.86 8.69 4.61
CA ALA A 12 19.62 9.08 5.99
C ALA A 12 18.19 9.58 6.18
N VAL A 13 17.22 8.74 5.83
CA VAL A 13 15.82 9.14 5.86
C VAL A 13 14.97 8.10 6.58
N ARG A 14 14.08 8.59 7.44
CA ARG A 14 13.28 7.70 8.28
C ARG A 14 11.92 7.45 7.67
N LYS A 15 11.50 8.32 6.75
CA LYS A 15 10.26 8.14 6.02
C LYS A 15 10.52 7.51 4.65
N ILE A 16 9.50 6.87 4.10
CA ILE A 16 9.58 6.35 2.74
C ILE A 16 8.36 6.78 1.92
N HIS A 17 8.58 7.11 0.66
CA HIS A 17 7.50 7.45 -0.25
C HIS A 17 7.07 6.23 -1.06
N VAL A 18 5.76 6.05 -1.20
CA VAL A 18 5.21 4.88 -1.87
C VAL A 18 4.31 5.30 -3.04
N THR A 19 4.53 4.68 -4.21
CA THR A 19 3.65 4.87 -5.34
C THR A 19 2.60 3.77 -5.41
N VAL A 20 1.33 4.16 -5.34
CA VAL A 20 0.23 3.20 -5.36
C VAL A 20 -0.43 3.15 -6.74
N LYS A 21 -0.31 2.00 -7.40
CA LYS A 21 -0.68 1.88 -8.80
C LYS A 21 -1.95 1.06 -8.96
N PHE A 22 -3.01 1.69 -9.46
CA PHE A 22 -4.20 0.97 -9.91
C PHE A 22 -4.27 0.93 -11.44
N PRO A 23 -5.03 -0.02 -11.96
CA PRO A 23 -5.23 -0.16 -13.42
C PRO A 23 -5.93 1.05 -14.01
N SER A 24 -6.69 1.76 -13.20
CA SER A 24 -7.55 2.84 -13.68
C SER A 24 -7.12 4.18 -13.10
N LYS A 25 -6.26 4.13 -12.09
CA LYS A 25 -5.86 5.34 -11.38
C LYS A 25 -4.50 5.14 -10.69
N GLN A 26 -3.90 6.24 -10.26
CA GLN A 26 -2.60 6.18 -9.59
C GLN A 26 -2.43 7.34 -8.62
N PHE A 27 -1.83 7.06 -7.47
CA PHE A 27 -1.55 8.10 -6.47
C PHE A 27 -0.40 7.69 -5.56
N THR A 28 0.16 8.66 -4.86
CA THR A 28 1.29 8.40 -3.97
C THR A 28 0.91 8.63 -2.51
N VAL A 29 1.58 7.91 -1.61
CA VAL A 29 1.37 8.10 -0.18
C VAL A 29 2.70 8.20 0.56
N GLU A 30 2.67 8.77 1.75
CA GLU A 30 3.87 8.90 2.58
C GLU A 30 3.78 8.02 3.82
N VAL A 31 4.79 7.19 4.02
CA VAL A 31 4.79 6.24 5.13
C VAL A 31 6.11 6.29 5.90
N ASP A 32 6.12 5.68 7.08
CA ASP A 32 7.35 5.52 7.85
C ASP A 32 8.00 4.17 7.55
N ARG A 33 9.33 4.13 7.60
CA ARG A 33 10.07 2.92 7.26
C ARG A 33 9.83 1.83 8.29
N THR A 34 9.51 2.24 9.52
CA THR A 34 9.40 1.31 10.64
C THR A 34 7.98 0.79 10.79
N GLU A 35 7.06 1.36 10.00
CA GLU A 35 5.68 0.91 10.01
C GLU A 35 5.49 -0.34 9.17
N THR A 36 4.48 -1.13 9.49
CA THR A 36 4.21 -2.38 8.78
C THR A 36 3.42 -2.13 7.50
N VAL A 37 3.39 -3.13 6.63
CA VAL A 37 2.65 -3.03 5.38
C VAL A 37 1.16 -2.84 5.64
N SER A 38 0.71 -3.26 6.82
CA SER A 38 -0.67 -3.06 7.23
C SER A 38 -1.01 -1.57 7.29
N SER A 39 -0.05 -0.77 7.76
CA SER A 39 -0.23 0.67 7.81
C SER A 39 -0.33 1.25 6.41
N LEU A 40 0.45 0.70 5.48
CA LEU A 40 0.37 1.11 4.08
C LEU A 40 -1.00 0.79 3.50
N LYS A 41 -1.52 -0.39 3.83
CA LYS A 41 -2.84 -0.80 3.37
C LYS A 41 -3.92 0.14 3.91
N ASP A 42 -3.76 0.55 5.16
CA ASP A 42 -4.73 1.44 5.80
C ASP A 42 -4.78 2.79 5.08
N LYS A 43 -3.60 3.34 4.78
CA LYS A 43 -3.51 4.64 4.14
C LYS A 43 -4.02 4.58 2.71
N ILE A 44 -3.79 3.45 2.05
CA ILE A 44 -4.39 3.18 0.76
C ILE A 44 -5.91 3.08 0.87
N HIS A 45 -6.37 2.45 1.95
CA HIS A 45 -7.80 2.29 2.19
C HIS A 45 -8.46 3.65 2.40
N ILE A 46 -7.75 4.56 3.05
CA ILE A 46 -8.26 5.90 3.30
C ILE A 46 -8.55 6.62 1.99
N VAL A 47 -7.67 6.43 1.01
CA VAL A 47 -7.87 7.03 -0.31
C VAL A 47 -8.97 6.31 -1.08
N GLU A 48 -9.00 4.98 -0.95
CA GLU A 48 -9.97 4.17 -1.69
C GLU A 48 -11.26 4.00 -0.89
N ASN A 49 -12.21 3.27 -1.46
CA ASN A 49 -13.45 2.96 -0.77
C ASN A 49 -13.62 1.45 -0.61
N THR A 50 -12.53 0.76 -0.32
CA THR A 50 -12.55 -0.70 -0.20
C THR A 50 -11.78 -1.15 1.04
N PRO A 51 -12.33 -2.16 1.73
CA PRO A 51 -11.70 -2.71 2.95
C PRO A 51 -10.39 -3.42 2.64
N ILE A 52 -9.44 -3.33 3.57
CA ILE A 52 -8.12 -3.92 3.38
C ILE A 52 -8.20 -5.44 3.33
N LYS A 53 -9.27 -5.98 3.92
CA LYS A 53 -9.47 -7.44 3.97
C LYS A 53 -9.79 -7.98 2.57
N ARG A 54 -10.35 -7.12 1.73
CA ARG A 54 -10.69 -7.52 0.36
C ARG A 54 -9.67 -6.99 -0.63
N MET A 55 -9.15 -5.79 -0.37
CA MET A 55 -8.14 -5.18 -1.24
C MET A 55 -6.86 -6.00 -1.22
N GLN A 56 -6.29 -6.22 -2.41
CA GLN A 56 -5.08 -7.03 -2.54
C GLN A 56 -3.88 -6.14 -2.84
N LEU A 57 -2.76 -6.41 -2.16
CA LEU A 57 -1.56 -5.59 -2.30
C LEU A 57 -0.41 -6.41 -2.87
N TYR A 58 0.09 -6.00 -4.03
CA TYR A 58 1.08 -6.78 -4.76
C TYR A 58 2.35 -5.98 -4.99
N TYR A 59 3.50 -6.61 -4.76
CA TYR A 59 4.78 -6.03 -5.14
C TYR A 59 5.32 -6.64 -6.42
N SER A 60 5.65 -5.79 -7.38
CA SER A 60 6.30 -6.25 -8.60
C SER A 60 7.24 -7.42 -8.33
N GLY A 61 6.78 -8.62 -8.66
CA GLY A 61 7.65 -9.79 -8.57
C GLY A 61 7.22 -10.75 -7.48
N ILE A 62 7.21 -10.26 -6.24
CA ILE A 62 6.79 -11.08 -5.11
C ILE A 62 5.53 -10.52 -4.46
N GLU A 63 4.58 -11.41 -4.17
CA GLU A 63 3.35 -11.01 -3.50
C GLU A 63 3.49 -11.13 -1.99
N LEU A 64 3.48 -9.98 -1.31
CA LEU A 64 3.60 -9.96 0.15
C LEU A 64 2.24 -10.17 0.80
N ALA A 65 2.10 -11.27 1.53
CA ALA A 65 0.85 -11.60 2.20
C ALA A 65 0.99 -11.48 3.71
N ASP A 66 2.15 -10.99 4.16
CA ASP A 66 2.43 -10.86 5.58
C ASP A 66 2.15 -9.45 6.06
N ASP A 67 1.04 -9.29 6.80
CA ASP A 67 0.62 -7.97 7.26
C ASP A 67 1.64 -7.38 8.24
N TYR A 68 2.36 -8.27 8.93
CA TYR A 68 3.21 -7.86 10.05
C TYR A 68 4.62 -7.55 9.57
N ARG A 69 4.86 -7.74 8.27
CA ARG A 69 6.15 -7.42 7.67
C ARG A 69 6.34 -5.90 7.62
N ASN A 70 7.48 -5.44 8.14
CA ASN A 70 7.79 -4.02 8.14
C ASN A 70 8.30 -3.57 6.78
N LEU A 71 8.03 -2.31 6.45
CA LEU A 71 8.33 -1.79 5.11
C LEU A 71 9.84 -1.75 4.86
N ASN A 72 10.58 -1.28 5.87
CA ASN A 72 12.04 -1.26 5.80
C ASN A 72 12.59 -2.68 5.71
N GLU A 73 12.00 -3.59 6.48
CA GLU A 73 12.44 -4.98 6.48
C GLU A 73 12.17 -5.64 5.14
N TYR A 74 11.12 -5.19 4.46
CA TYR A 74 10.80 -5.69 3.12
C TYR A 74 11.70 -5.06 2.08
N GLY A 75 12.22 -3.87 2.39
CA GLY A 75 13.27 -3.27 1.58
C GLY A 75 12.72 -2.43 0.45
N ILE A 76 11.65 -1.69 0.73
CA ILE A 76 11.11 -0.74 -0.24
C ILE A 76 11.87 0.59 -0.16
N THR A 77 11.91 1.30 -1.28
CA THR A 77 12.68 2.53 -1.37
C THR A 77 11.77 3.73 -1.64
N GLU A 78 12.36 4.91 -1.74
CA GLU A 78 11.60 6.14 -1.97
C GLU A 78 10.79 6.03 -3.26
N PHE A 79 11.31 5.24 -4.21
CA PHE A 79 10.73 5.19 -5.55
C PHE A 79 9.95 3.89 -5.76
N SER A 80 9.58 3.25 -4.66
CA SER A 80 8.90 1.97 -4.71
C SER A 80 7.57 2.08 -5.45
N GLU A 81 7.37 1.21 -6.44
CA GLU A 81 6.09 1.13 -7.15
C GLU A 81 5.34 -0.13 -6.75
N ILE A 82 4.18 0.06 -6.13
CA ILE A 82 3.39 -1.05 -5.61
C ILE A 82 2.01 -1.10 -6.25
N VAL A 83 1.62 -2.28 -6.71
CA VAL A 83 0.39 -2.43 -7.49
C VAL A 83 -0.74 -2.98 -6.63
N VAL A 84 -1.89 -2.30 -6.67
CA VAL A 84 -3.02 -2.67 -5.82
C VAL A 84 -4.19 -3.17 -6.66
N PHE A 85 -4.74 -4.31 -6.27
CA PHE A 85 -5.85 -4.91 -7.01
C PHE A 85 -7.14 -4.88 -6.19
N LEU A 86 -8.25 -4.67 -6.88
CA LEU A 86 -9.54 -4.51 -6.21
C LEU A 86 -10.35 -5.80 -6.27
N LYS A 87 -10.91 -6.20 -5.13
CA LYS A 87 -11.84 -7.31 -5.07
C LYS A 87 -13.29 -6.80 -5.12
N SER A 88 -14.15 -7.56 -5.79
CA SER A 88 -15.57 -7.20 -5.88
C SER A 88 -16.20 -7.12 -4.49
N ILE A 89 -16.73 -5.96 -4.16
CA ILE A 89 -17.37 -5.75 -2.86
C ILE A 89 -18.75 -5.14 -3.03
N ASN A 90 -19.43 -4.92 -1.91
CA ASN A 90 -20.78 -4.34 -1.93
C ASN A 90 -20.75 -2.89 -1.46
N ARG A 91 -20.83 -1.97 -2.41
CA ARG A 91 -20.82 -0.54 -2.10
C ARG A 91 -22.16 0.09 -2.48
N ALA A 92 -23.22 -0.69 -2.42
CA ALA A 92 -24.56 -0.19 -2.71
C ALA A 92 -25.05 0.73 -1.60
N LYS A 93 -25.97 1.64 -1.94
CA LYS A 93 -26.52 2.57 -0.98
C LYS A 93 -25.41 3.39 -0.31
N ASP A 94 -24.38 3.73 -1.09
CA ASP A 94 -23.28 4.54 -0.58
C ASP A 94 -23.15 5.84 -1.39
N ALA A 11 14.50 17.62 3.69
CA ALA A 11 15.03 16.39 4.27
C ALA A 11 15.13 16.50 5.78
N ALA A 12 14.13 17.11 6.39
CA ALA A 12 14.11 17.30 7.84
C ALA A 12 13.78 15.99 8.55
N VAL A 13 13.06 15.12 7.88
CA VAL A 13 12.60 13.87 8.48
C VAL A 13 12.93 12.68 7.59
N ARG A 14 13.19 11.53 8.22
CA ARG A 14 13.46 10.30 7.49
C ARG A 14 12.15 9.63 7.06
N LYS A 15 11.40 10.31 6.20
CA LYS A 15 10.18 9.74 5.64
C LYS A 15 10.40 9.32 4.18
N ILE A 16 9.59 8.38 3.71
CA ILE A 16 9.65 7.94 2.33
C ILE A 16 8.27 7.98 1.68
N HIS A 17 8.25 8.07 0.35
CA HIS A 17 7.01 8.00 -0.40
C HIS A 17 7.01 6.83 -1.37
N VAL A 18 5.87 6.15 -1.48
CA VAL A 18 5.75 5.02 -2.38
C VAL A 18 4.62 5.24 -3.40
N THR A 19 4.78 4.67 -4.59
CA THR A 19 3.78 4.81 -5.64
C THR A 19 2.77 3.67 -5.58
N VAL A 20 1.51 4.03 -5.34
CA VAL A 20 0.43 3.04 -5.28
C VAL A 20 -0.37 3.04 -6.57
N LYS A 21 -0.31 1.94 -7.30
CA LYS A 21 -0.83 1.88 -8.67
C LYS A 21 -2.12 1.07 -8.71
N PHE A 22 -3.22 1.73 -9.11
CA PHE A 22 -4.43 1.02 -9.51
C PHE A 22 -4.60 1.06 -11.02
N PRO A 23 -5.36 0.09 -11.55
CA PRO A 23 -5.65 0.00 -12.99
C PRO A 23 -6.41 1.22 -13.50
N SER A 24 -7.14 1.88 -12.61
CA SER A 24 -7.99 3.00 -12.99
C SER A 24 -7.30 4.33 -12.70
N LYS A 25 -6.38 4.31 -11.74
CA LYS A 25 -5.73 5.53 -11.28
C LYS A 25 -4.48 5.21 -10.45
N GLN A 26 -3.60 6.19 -10.31
CA GLN A 26 -2.40 6.03 -9.50
C GLN A 26 -2.23 7.21 -8.55
N PHE A 27 -1.61 6.95 -7.40
CA PHE A 27 -1.32 8.00 -6.43
C PHE A 27 -0.17 7.60 -5.51
N THR A 28 0.43 8.59 -4.86
CA THR A 28 1.57 8.34 -3.98
C THR A 28 1.13 8.38 -2.51
N VAL A 29 1.82 7.61 -1.68
CA VAL A 29 1.53 7.57 -0.25
C VAL A 29 2.78 7.82 0.58
N GLU A 30 2.63 8.57 1.66
CA GLU A 30 3.75 8.90 2.54
C GLU A 30 3.82 7.94 3.71
N VAL A 31 4.90 7.17 3.78
CA VAL A 31 5.05 6.15 4.81
C VAL A 31 6.44 6.19 5.43
N ASP A 32 6.63 5.44 6.51
CA ASP A 32 7.95 5.27 7.11
C ASP A 32 8.49 3.87 6.87
N ARG A 33 9.80 3.77 6.68
CA ARG A 33 10.43 2.50 6.36
C ARG A 33 10.28 1.50 7.51
N THR A 34 10.12 2.04 8.72
CA THR A 34 10.05 1.21 9.91
C THR A 34 8.61 0.85 10.26
N GLU A 35 7.67 1.46 9.53
CA GLU A 35 6.25 1.15 9.71
C GLU A 35 5.89 -0.15 9.00
N THR A 36 4.82 -0.79 9.47
CA THR A 36 4.39 -2.06 8.92
C THR A 36 3.52 -1.87 7.69
N VAL A 37 3.31 -2.94 6.92
CA VAL A 37 2.47 -2.90 5.74
C VAL A 37 1.05 -2.48 6.09
N SER A 38 0.63 -2.82 7.30
CA SER A 38 -0.72 -2.50 7.76
C SER A 38 -0.96 -1.00 7.75
N SER A 39 0.12 -0.24 7.95
CA SER A 39 0.04 1.21 7.89
C SER A 39 -0.22 1.68 6.46
N LEU A 40 0.42 1.02 5.50
CA LEU A 40 0.15 1.26 4.10
C LEU A 40 -1.28 0.86 3.73
N LYS A 41 -1.71 -0.27 4.27
CA LYS A 41 -3.08 -0.75 4.06
C LYS A 41 -4.10 0.29 4.54
N ASP A 42 -3.85 0.85 5.72
CA ASP A 42 -4.69 1.92 6.24
C ASP A 42 -4.75 3.10 5.27
N LYS A 43 -3.58 3.48 4.74
CA LYS A 43 -3.49 4.60 3.83
C LYS A 43 -4.27 4.31 2.53
N ILE A 44 -4.20 3.07 2.07
CA ILE A 44 -4.93 2.66 0.89
C ILE A 44 -6.44 2.69 1.14
N HIS A 45 -6.84 2.21 2.32
CA HIS A 45 -8.26 2.15 2.67
C HIS A 45 -8.86 3.54 2.80
N ILE A 46 -8.03 4.51 3.18
CA ILE A 46 -8.45 5.90 3.26
C ILE A 46 -8.87 6.42 1.89
N VAL A 47 -8.15 6.02 0.85
CA VAL A 47 -8.47 6.42 -0.51
C VAL A 47 -9.62 5.58 -1.08
N GLU A 48 -9.55 4.27 -0.86
CA GLU A 48 -10.58 3.37 -1.35
C GLU A 48 -11.14 2.51 -0.21
N ASN A 49 -12.39 2.76 0.15
CA ASN A 49 -13.02 2.05 1.26
C ASN A 49 -13.43 0.64 0.83
N THR A 50 -12.44 -0.21 0.63
CA THR A 50 -12.69 -1.61 0.26
C THR A 50 -11.87 -2.56 1.11
N PRO A 51 -12.53 -3.63 1.61
CA PRO A 51 -11.91 -4.60 2.49
C PRO A 51 -10.63 -5.18 1.90
N ILE A 52 -9.61 -5.34 2.75
CA ILE A 52 -8.34 -5.91 2.32
C ILE A 52 -8.48 -7.38 1.93
N LYS A 53 -9.51 -8.02 2.48
CA LYS A 53 -9.78 -9.42 2.19
C LYS A 53 -10.12 -9.62 0.71
N ARG A 54 -10.58 -8.54 0.08
CA ARG A 54 -10.90 -8.59 -1.35
C ARG A 54 -9.78 -7.97 -2.17
N MET A 55 -9.18 -6.90 -1.64
CA MET A 55 -8.13 -6.18 -2.35
C MET A 55 -6.82 -6.97 -2.31
N GLN A 56 -6.05 -6.88 -3.40
CA GLN A 56 -4.75 -7.52 -3.45
C GLN A 56 -3.64 -6.47 -3.40
N LEU A 57 -2.65 -6.71 -2.53
CA LEU A 57 -1.54 -5.77 -2.36
C LEU A 57 -0.23 -6.39 -2.79
N TYR A 58 0.27 -5.96 -3.95
CA TYR A 58 1.48 -6.53 -4.51
C TYR A 58 2.61 -5.49 -4.56
N TYR A 59 3.81 -5.91 -4.20
CA TYR A 59 4.98 -5.05 -4.32
C TYR A 59 5.96 -5.62 -5.34
N SER A 60 6.54 -4.73 -6.15
CA SER A 60 7.56 -5.12 -7.11
C SER A 60 8.32 -6.35 -6.62
N GLY A 61 7.99 -7.50 -7.20
CA GLY A 61 8.65 -8.73 -6.82
C GLY A 61 7.84 -9.54 -5.81
N ILE A 62 7.81 -9.07 -4.57
CA ILE A 62 7.17 -9.81 -3.49
C ILE A 62 5.79 -9.24 -3.20
N GLU A 63 4.79 -10.13 -3.12
CA GLU A 63 3.46 -9.74 -2.69
C GLU A 63 3.42 -9.51 -1.18
N LEU A 64 2.76 -8.42 -0.77
CA LEU A 64 2.83 -7.97 0.62
C LEU A 64 1.78 -8.67 1.47
N ALA A 65 1.97 -9.96 1.70
CA ALA A 65 0.98 -10.79 2.38
C ALA A 65 0.90 -10.43 3.86
N ASP A 66 2.04 -10.09 4.44
CA ASP A 66 2.14 -9.93 5.89
C ASP A 66 1.95 -8.48 6.30
N ASP A 67 0.82 -8.19 6.94
CA ASP A 67 0.48 -6.82 7.31
C ASP A 67 1.44 -6.30 8.38
N TYR A 68 1.94 -7.21 9.21
CA TYR A 68 2.71 -6.84 10.39
C TYR A 68 4.20 -6.79 10.07
N ARG A 69 4.55 -7.21 8.87
CA ARG A 69 5.93 -7.11 8.39
C ARG A 69 6.26 -5.69 7.95
N ASN A 70 7.47 -5.24 8.27
CA ASN A 70 7.85 -3.85 8.04
C ASN A 70 8.13 -3.61 6.56
N LEU A 71 7.91 -2.37 6.12
CA LEU A 71 8.19 -2.00 4.73
C LEU A 71 9.67 -2.17 4.40
N ASN A 72 10.52 -1.80 5.35
CA ASN A 72 11.96 -2.01 5.20
C ASN A 72 12.29 -3.50 5.13
N GLU A 73 11.60 -4.29 5.95
CA GLU A 73 11.84 -5.73 5.98
C GLU A 73 11.47 -6.37 4.65
N TYR A 74 10.49 -5.79 3.97
CA TYR A 74 10.09 -6.27 2.64
C TYR A 74 11.06 -5.79 1.57
N GLY A 75 11.82 -4.75 1.89
CA GLY A 75 12.74 -4.17 0.93
C GLY A 75 12.08 -3.13 0.05
N ILE A 76 11.09 -2.43 0.59
CA ILE A 76 10.32 -1.47 -0.18
C ILE A 76 10.98 -0.11 -0.19
N THR A 77 11.29 0.40 -1.38
CA THR A 77 12.00 1.66 -1.52
C THR A 77 11.07 2.79 -1.94
N GLU A 78 11.60 4.00 -2.02
CA GLU A 78 10.81 5.15 -2.44
C GLU A 78 10.84 5.31 -3.95
N PHE A 79 11.55 4.42 -4.63
CA PHE A 79 11.66 4.47 -6.07
C PHE A 79 10.94 3.31 -6.73
N SER A 80 10.87 2.19 -6.03
CA SER A 80 10.13 1.03 -6.51
C SER A 80 8.62 1.25 -6.40
N GLU A 81 7.85 0.38 -7.04
CA GLU A 81 6.43 0.62 -7.24
C GLU A 81 5.59 -0.43 -6.52
N ILE A 82 4.43 -0.01 -6.02
CA ILE A 82 3.50 -0.94 -5.39
C ILE A 82 2.19 -1.00 -6.15
N VAL A 83 1.79 -2.21 -6.53
CA VAL A 83 0.61 -2.40 -7.36
C VAL A 83 -0.55 -2.98 -6.56
N VAL A 84 -1.69 -2.30 -6.58
CA VAL A 84 -2.83 -2.69 -5.77
C VAL A 84 -4.06 -2.94 -6.64
N PHE A 85 -4.70 -4.09 -6.43
CA PHE A 85 -5.85 -4.48 -7.22
C PHE A 85 -7.14 -4.33 -6.42
N LEU A 86 -8.11 -3.62 -6.98
CA LEU A 86 -9.31 -3.24 -6.24
C LEU A 86 -10.45 -4.22 -6.51
N LYS A 87 -11.00 -4.78 -5.45
CA LYS A 87 -12.16 -5.66 -5.56
C LYS A 87 -13.26 -5.24 -4.59
N SER A 88 -14.14 -4.36 -5.04
CA SER A 88 -15.25 -3.89 -4.22
C SER A 88 -16.41 -4.88 -4.26
N ILE A 89 -16.43 -5.73 -5.28
CA ILE A 89 -17.46 -6.75 -5.41
C ILE A 89 -18.86 -6.14 -5.36
N ASN A 90 -19.08 -5.13 -6.19
CA ASN A 90 -20.36 -4.43 -6.22
C ASN A 90 -21.27 -5.00 -7.30
N ARG A 91 -20.86 -6.13 -7.88
CA ARG A 91 -21.65 -6.80 -8.90
C ARG A 91 -23.04 -7.16 -8.37
N ALA A 92 -23.06 -8.00 -7.34
CA ALA A 92 -24.32 -8.41 -6.73
C ALA A 92 -25.03 -7.23 -6.08
N LYS A 93 -24.29 -6.47 -5.27
CA LYS A 93 -24.83 -5.29 -4.62
C LYS A 93 -23.72 -4.38 -4.10
N ASP A 94 -23.99 -3.09 -4.05
CA ASP A 94 -23.01 -2.12 -3.57
C ASP A 94 -22.60 -2.42 -2.13
N ALA A 11 11.48 17.83 7.80
CA ALA A 11 12.61 16.92 7.73
C ALA A 11 12.15 15.48 7.62
N ALA A 12 12.62 14.80 6.58
CA ALA A 12 12.26 13.40 6.35
C ALA A 12 13.26 12.47 7.04
N VAL A 13 12.81 11.83 8.12
CA VAL A 13 13.66 10.92 8.88
C VAL A 13 13.02 9.54 9.00
N ARG A 14 13.58 8.58 8.27
CA ARG A 14 13.03 7.22 8.26
C ARG A 14 11.63 7.21 7.65
N LYS A 15 11.34 8.18 6.80
CA LYS A 15 10.08 8.22 6.07
C LYS A 15 10.29 7.87 4.60
N ILE A 16 9.32 7.16 4.03
CA ILE A 16 9.38 6.78 2.62
C ILE A 16 8.03 6.99 1.94
N HIS A 17 8.08 7.22 0.62
CA HIS A 17 6.87 7.28 -0.19
C HIS A 17 6.66 5.99 -0.97
N VAL A 18 5.40 5.64 -1.21
CA VAL A 18 5.07 4.47 -2.02
C VAL A 18 4.12 4.84 -3.15
N THR A 19 4.44 4.40 -4.36
CA THR A 19 3.62 4.67 -5.53
C THR A 19 2.54 3.60 -5.71
N VAL A 20 1.29 4.02 -5.65
CA VAL A 20 0.16 3.08 -5.70
C VAL A 20 -0.44 3.02 -7.09
N LYS A 21 -0.33 1.86 -7.73
CA LYS A 21 -0.77 1.69 -9.11
C LYS A 21 -2.04 0.86 -9.18
N PHE A 22 -3.14 1.46 -9.62
CA PHE A 22 -4.31 0.71 -10.06
C PHE A 22 -4.42 0.72 -11.58
N PRO A 23 -5.18 -0.25 -12.12
CA PRO A 23 -5.35 -0.40 -13.57
C PRO A 23 -6.01 0.83 -14.19
N SER A 24 -6.80 1.55 -13.39
CA SER A 24 -7.56 2.69 -13.89
C SER A 24 -7.19 3.96 -13.13
N LYS A 25 -6.40 3.80 -12.08
CA LYS A 25 -6.09 4.91 -11.18
C LYS A 25 -4.66 4.80 -10.66
N GLN A 26 -4.04 5.96 -10.39
CA GLN A 26 -2.72 6.00 -9.79
C GLN A 26 -2.63 7.13 -8.78
N PHE A 27 -1.86 6.91 -7.71
CA PHE A 27 -1.58 7.95 -6.74
C PHE A 27 -0.45 7.53 -5.79
N THR A 28 0.09 8.50 -5.06
CA THR A 28 1.20 8.24 -4.15
C THR A 28 0.76 8.37 -2.70
N VAL A 29 1.40 7.62 -1.82
CA VAL A 29 1.12 7.71 -0.39
C VAL A 29 2.41 7.87 0.42
N GLU A 30 2.29 8.40 1.63
CA GLU A 30 3.43 8.61 2.50
C GLU A 30 3.36 7.68 3.72
N VAL A 31 4.40 6.88 3.91
CA VAL A 31 4.43 5.92 5.01
C VAL A 31 5.78 5.95 5.74
N ASP A 32 5.84 5.31 6.88
CA ASP A 32 7.08 5.21 7.64
C ASP A 32 7.87 3.97 7.25
N ARG A 33 9.19 4.09 7.25
CA ARG A 33 10.06 2.99 6.84
C ARG A 33 9.93 1.80 7.80
N THR A 34 9.71 2.12 9.08
CA THR A 34 9.73 1.10 10.12
C THR A 34 8.33 0.50 10.33
N GLU A 35 7.34 1.07 9.64
CA GLU A 35 5.97 0.58 9.74
C GLU A 35 5.77 -0.64 8.85
N THR A 36 4.75 -1.43 9.16
CA THR A 36 4.46 -2.64 8.40
C THR A 36 3.58 -2.33 7.19
N VAL A 37 3.43 -3.31 6.31
CA VAL A 37 2.67 -3.13 5.07
C VAL A 37 1.20 -2.86 5.38
N SER A 38 0.75 -3.29 6.56
CA SER A 38 -0.64 -3.09 6.97
C SER A 38 -0.94 -1.60 7.15
N SER A 39 0.08 -0.84 7.53
CA SER A 39 -0.04 0.61 7.58
C SER A 39 -0.06 1.22 6.17
N LEU A 40 0.72 0.61 5.27
CA LEU A 40 0.64 0.95 3.85
C LEU A 40 -0.74 0.63 3.30
N LYS A 41 -1.31 -0.48 3.73
CA LYS A 41 -2.66 -0.86 3.34
C LYS A 41 -3.68 0.13 3.89
N ASP A 42 -3.43 0.62 5.10
CA ASP A 42 -4.30 1.62 5.70
C ASP A 42 -4.37 2.88 4.82
N LYS A 43 -3.22 3.33 4.34
CA LYS A 43 -3.17 4.50 3.49
C LYS A 43 -3.93 4.27 2.19
N ILE A 44 -3.80 3.08 1.64
CA ILE A 44 -4.56 2.68 0.45
C ILE A 44 -6.06 2.67 0.75
N HIS A 45 -6.42 2.16 1.92
CA HIS A 45 -7.83 2.06 2.31
C HIS A 45 -8.44 3.43 2.49
N ILE A 46 -7.65 4.37 3.01
CA ILE A 46 -8.12 5.73 3.23
C ILE A 46 -8.48 6.41 1.91
N VAL A 47 -7.63 6.21 0.91
CA VAL A 47 -7.83 6.84 -0.40
C VAL A 47 -8.95 6.13 -1.17
N GLU A 48 -8.99 4.81 -1.08
CA GLU A 48 -9.93 4.02 -1.84
C GLU A 48 -11.19 3.71 -1.02
N ASN A 49 -12.12 2.97 -1.61
CA ASN A 49 -13.37 2.63 -0.93
C ASN A 49 -13.50 1.13 -0.76
N THR A 50 -12.36 0.43 -0.73
CA THR A 50 -12.36 -1.02 -0.63
C THR A 50 -11.71 -1.47 0.68
N PRO A 51 -12.41 -2.34 1.42
CA PRO A 51 -11.90 -2.91 2.67
C PRO A 51 -10.54 -3.56 2.49
N ILE A 52 -9.69 -3.43 3.51
CA ILE A 52 -8.34 -3.98 3.45
C ILE A 52 -8.38 -5.50 3.29
N LYS A 53 -9.37 -6.13 3.90
CA LYS A 53 -9.50 -7.58 3.84
C LYS A 53 -9.81 -8.04 2.42
N ARG A 54 -10.35 -7.15 1.62
CA ARG A 54 -10.70 -7.47 0.24
C ARG A 54 -9.63 -6.96 -0.73
N MET A 55 -9.08 -5.79 -0.42
CA MET A 55 -8.04 -5.19 -1.26
C MET A 55 -6.78 -6.05 -1.25
N GLN A 56 -6.23 -6.29 -2.44
CA GLN A 56 -5.04 -7.11 -2.58
C GLN A 56 -3.81 -6.26 -2.90
N LEU A 57 -2.69 -6.57 -2.26
CA LEU A 57 -1.50 -5.72 -2.34
C LEU A 57 -0.31 -6.50 -2.88
N TYR A 58 0.22 -6.06 -4.01
CA TYR A 58 1.42 -6.65 -4.58
C TYR A 58 2.50 -5.59 -4.78
N TYR A 59 3.75 -5.97 -4.51
CA TYR A 59 4.89 -5.09 -4.75
C TYR A 59 5.81 -5.65 -5.83
N SER A 60 6.25 -4.79 -6.73
CA SER A 60 7.23 -5.17 -7.75
C SER A 60 8.15 -6.27 -7.24
N GLY A 61 7.89 -7.50 -7.67
CA GLY A 61 8.72 -8.63 -7.25
C GLY A 61 8.06 -9.42 -6.14
N ILE A 62 8.21 -8.95 -4.90
CA ILE A 62 7.71 -9.67 -3.75
C ILE A 62 6.33 -9.15 -3.34
N GLU A 63 5.39 -10.08 -3.17
CA GLU A 63 4.04 -9.72 -2.74
C GLU A 63 4.02 -9.35 -1.26
N LEU A 64 3.36 -8.24 -0.95
CA LEU A 64 3.32 -7.73 0.42
C LEU A 64 2.20 -8.40 1.22
N ALA A 65 2.31 -9.71 1.41
CA ALA A 65 1.22 -10.51 1.94
C ALA A 65 1.25 -10.53 3.46
N ASP A 66 2.43 -10.33 4.04
CA ASP A 66 2.62 -10.48 5.47
C ASP A 66 2.38 -9.16 6.20
N ASP A 67 1.30 -9.11 6.98
CA ASP A 67 0.88 -7.87 7.62
C ASP A 67 1.89 -7.43 8.67
N TYR A 68 2.57 -8.41 9.27
CA TYR A 68 3.44 -8.14 10.40
C TYR A 68 4.89 -7.92 9.96
N ARG A 69 5.14 -8.17 8.67
CA ARG A 69 6.45 -7.91 8.09
C ARG A 69 6.60 -6.44 7.72
N ASN A 70 7.75 -5.86 8.07
CA ASN A 70 7.95 -4.42 7.95
C ASN A 70 8.23 -4.02 6.51
N LEU A 71 7.96 -2.76 6.18
CA LEU A 71 8.28 -2.22 4.87
C LEU A 71 9.77 -2.29 4.59
N ASN A 72 10.57 -1.97 5.60
CA ASN A 72 12.02 -2.10 5.50
C ASN A 72 12.42 -3.56 5.25
N GLU A 73 11.76 -4.47 5.95
CA GLU A 73 12.06 -5.89 5.81
C GLU A 73 11.70 -6.39 4.41
N TYR A 74 10.69 -5.77 3.80
CA TYR A 74 10.28 -6.13 2.45
C TYR A 74 11.20 -5.48 1.41
N GLY A 75 11.90 -4.43 1.83
CA GLY A 75 12.77 -3.72 0.92
C GLY A 75 12.06 -2.57 0.22
N ILE A 76 11.07 -2.00 0.88
CA ILE A 76 10.29 -0.91 0.30
C ILE A 76 11.01 0.43 0.45
N THR A 77 11.25 1.08 -0.68
CA THR A 77 12.02 2.32 -0.69
C THR A 77 11.13 3.53 -1.00
N GLU A 78 11.75 4.70 -1.09
CA GLU A 78 11.01 5.92 -1.36
C GLU A 78 10.38 5.89 -2.75
N PHE A 79 10.98 5.10 -3.64
CA PHE A 79 10.60 5.12 -5.05
C PHE A 79 9.94 3.80 -5.44
N SER A 80 9.71 2.94 -4.47
CA SER A 80 9.16 1.61 -4.73
C SER A 80 7.73 1.72 -5.27
N GLU A 81 7.41 0.89 -6.25
CA GLU A 81 6.10 0.92 -6.88
C GLU A 81 5.31 -0.35 -6.55
N ILE A 82 4.08 -0.17 -6.11
CA ILE A 82 3.21 -1.29 -5.75
C ILE A 82 1.99 -1.35 -6.64
N VAL A 83 1.55 -2.56 -6.98
CA VAL A 83 0.33 -2.75 -7.74
C VAL A 83 -0.80 -3.29 -6.86
N VAL A 84 -1.92 -2.59 -6.86
CA VAL A 84 -3.00 -2.87 -5.92
C VAL A 84 -4.30 -3.21 -6.65
N PHE A 85 -4.97 -4.25 -6.17
CA PHE A 85 -6.21 -4.71 -6.80
C PHE A 85 -7.39 -4.54 -5.86
N LEU A 86 -8.53 -4.12 -6.40
CA LEU A 86 -9.73 -3.90 -5.60
C LEU A 86 -10.71 -5.05 -5.76
N LYS A 87 -11.26 -5.51 -4.65
CA LYS A 87 -12.24 -6.59 -4.67
C LYS A 87 -13.53 -6.18 -3.97
N SER A 88 -14.27 -5.26 -4.57
CA SER A 88 -15.56 -4.83 -4.03
C SER A 88 -16.38 -4.10 -5.09
N ILE A 89 -17.68 -4.04 -4.89
CA ILE A 89 -18.57 -3.32 -5.80
C ILE A 89 -19.09 -2.04 -5.14
N ASN A 90 -19.69 -2.19 -3.97
CA ASN A 90 -20.28 -1.05 -3.26
C ASN A 90 -19.19 -0.07 -2.83
N ARG A 91 -19.58 1.19 -2.66
CA ARG A 91 -18.63 2.24 -2.29
C ARG A 91 -18.94 2.78 -0.90
N ALA A 92 -18.09 3.68 -0.42
CA ALA A 92 -18.27 4.27 0.90
C ALA A 92 -17.94 5.76 0.87
N LYS A 93 -18.55 6.52 1.77
CA LYS A 93 -18.30 7.95 1.87
C LYS A 93 -16.85 8.22 2.29
N ASP A 94 -16.51 7.80 3.51
CA ASP A 94 -15.13 7.89 3.99
C ASP A 94 -14.25 6.85 3.33
#